data_7PFR
#
_entry.id   7PFR
#
_cell.length_a   74.980
_cell.length_b   94.120
_cell.length_c   119.730
_cell.angle_alpha   90.000
_cell.angle_beta   91.162
_cell.angle_gamma   90.000
#
_symmetry.space_group_name_H-M   'P 1 21 1'
#
loop_
_entity.id
_entity.type
_entity.pdbx_description
1 polymer 'Two-domain laccase'
2 non-polymer 'COPPER (II) ION'
3 non-polymer 'SODIUM ION'
4 water water
#
_entity_poly.entity_id   1
_entity_poly.type   'polypeptide(L)'
_entity_poly.pdbx_seq_one_letter_code
;AGAAPAGGEVRRVTMYAERLAGGQMGYGLEKGKASIPGPLIELNEGDTLHVEFENTMDVPVSLHVHGLDYEISSDGTKQN
KSHVEPGGTRTYTWRTHEPGRRADGTWRAGSAGYWHYHDHVVGTEHGTGGIRNGLYGPVIVRRKGDVLPDATHTIVFNDA
TINNRPAHTGPNFEATVGDRVEIVMITHGEYYHTFHMHGHRWADNRTGMLTGPDDPSQVIDNKICGPADSFGFQIIAGEG
VGAGAWMYHCHVQSHSDMGMVGLFLVKKPDGTIPGYDPQEHAH
;
_entity_poly.pdbx_strand_id   A,B,C,D,E,F
#
loop_
_chem_comp.id
_chem_comp.type
_chem_comp.name
_chem_comp.formula
CU non-polymer 'COPPER (II) ION' 'Cu 2'
NA non-polymer 'SODIUM ION' 'Na 1'
#
# COMPACT_ATOMS: atom_id res chain seq x y z
N ALA A 1 -15.40 30.10 29.86
CA ALA A 1 -14.37 29.11 30.18
C ALA A 1 -13.17 29.78 30.84
N GLY A 2 -12.27 28.97 31.40
CA GLY A 2 -11.03 29.50 31.92
C GLY A 2 -10.05 29.84 30.81
N ALA A 3 -8.98 30.53 31.19
CA ALA A 3 -7.91 30.90 30.27
C ALA A 3 -6.56 30.52 30.88
N ALA A 4 -5.65 30.08 30.01
CA ALA A 4 -4.32 29.69 30.48
C ALA A 4 -3.60 30.89 31.09
N PRO A 5 -2.86 30.68 32.18
CA PRO A 5 -2.05 31.76 32.76
C PRO A 5 -0.69 31.83 32.08
N ALA A 6 0.07 32.87 32.42
CA ALA A 6 1.47 32.92 32.04
C ALA A 6 2.22 31.78 32.73
N GLY A 7 3.16 31.19 32.01
CA GLY A 7 3.95 30.09 32.54
C GLY A 7 5.18 30.60 33.27
N GLY A 8 6.10 29.67 33.53
CA GLY A 8 7.31 29.98 34.26
C GLY A 8 7.56 29.07 35.44
N GLU A 9 6.69 28.09 35.66
CA GLU A 9 6.86 27.14 36.76
C GLU A 9 7.82 26.04 36.37
N VAL A 10 8.60 25.57 37.33
CA VAL A 10 9.47 24.42 37.17
C VAL A 10 8.77 23.23 37.83
N ARG A 11 8.35 22.27 37.02
CA ARG A 11 7.63 21.10 37.49
C ARG A 11 8.48 19.85 37.33
N ARG A 12 8.18 18.85 38.16
CA ARG A 12 8.81 17.54 38.07
C ARG A 12 7.72 16.50 38.07
N VAL A 13 7.96 15.39 37.37
CA VAL A 13 7.02 14.28 37.35
C VAL A 13 7.81 12.99 37.11
N THR A 14 7.28 11.88 37.61
CA THR A 14 7.85 10.58 37.30
C THR A 14 7.14 9.98 36.08
N MET A 15 7.92 9.34 35.22
CA MET A 15 7.36 8.57 34.12
C MET A 15 8.05 7.21 34.07
N TYR A 16 7.27 6.19 33.71
CA TYR A 16 7.76 4.82 33.57
C TYR A 16 7.41 4.31 32.18
N ALA A 17 8.32 3.54 31.60
CA ALA A 17 8.01 2.76 30.40
C ALA A 17 7.85 1.33 30.87
N GLU A 18 6.72 0.71 30.51
CA GLU A 18 6.37 -0.61 30.99
C GLU A 18 5.83 -1.46 29.86
N ARG A 19 6.09 -2.77 29.96
CA ARG A 19 5.42 -3.72 29.10
C ARG A 19 3.97 -3.90 29.52
N LEU A 20 3.09 -4.02 28.53
CA LEU A 20 1.69 -4.30 28.70
C LEU A 20 1.34 -5.58 27.95
N ALA A 21 0.07 -5.99 28.04
CA ALA A 21 -0.36 -7.26 27.47
C ALA A 21 -0.22 -7.26 25.95
N GLY A 22 -0.08 -8.45 25.38
CA GLY A 22 -0.06 -8.60 23.94
C GLY A 22 1.16 -8.00 23.27
N GLY A 23 2.29 -7.97 23.98
CA GLY A 23 3.50 -7.39 23.44
C GLY A 23 3.51 -5.88 23.37
N GLN A 24 2.53 -5.21 23.98
N GLN A 24 2.52 -5.22 23.97
CA GLN A 24 2.47 -3.77 23.91
CA GLN A 24 2.45 -3.77 23.93
C GLN A 24 3.35 -3.14 24.98
C GLN A 24 3.45 -3.16 24.91
N MET A 25 3.60 -1.85 24.82
CA MET A 25 4.44 -1.08 25.74
C MET A 25 3.82 0.29 25.91
N GLY A 26 3.82 0.80 27.13
CA GLY A 26 3.22 2.09 27.39
C GLY A 26 4.01 2.89 28.39
N TYR A 27 3.78 4.20 28.36
CA TYR A 27 4.26 5.13 29.37
C TYR A 27 3.18 5.34 30.43
N GLY A 28 3.61 5.65 31.65
CA GLY A 28 2.68 6.02 32.70
C GLY A 28 3.36 6.90 33.73
N LEU A 29 2.56 7.64 34.48
CA LEU A 29 3.09 8.48 35.54
C LEU A 29 3.28 7.73 36.85
N GLU A 30 2.59 6.62 37.03
CA GLU A 30 2.72 5.80 38.22
C GLU A 30 3.05 4.37 37.81
N LYS A 31 3.94 3.75 38.58
CA LYS A 31 4.34 2.37 38.28
C LYS A 31 3.12 1.47 38.25
N GLY A 32 3.07 0.61 37.24
CA GLY A 32 1.95 -0.29 37.08
C GLY A 32 0.71 0.34 36.47
N LYS A 33 0.76 1.60 36.06
CA LYS A 33 -0.41 2.28 35.49
C LYS A 33 -0.11 2.85 34.11
N ALA A 34 0.77 2.21 33.35
CA ALA A 34 1.03 2.68 32.00
C ALA A 34 -0.23 2.57 31.14
N SER A 35 -0.29 3.41 30.11
CA SER A 35 -1.46 3.47 29.24
C SER A 35 -1.03 3.76 27.82
N ILE A 36 -1.88 3.40 26.87
CA ILE A 36 -1.69 3.73 25.45
C ILE A 36 -2.94 4.44 24.98
N PRO A 37 -2.88 5.72 24.57
CA PRO A 37 -1.73 6.63 24.57
C PRO A 37 -1.25 6.88 25.98
N GLY A 38 0.00 7.33 26.11
CA GLY A 38 0.56 7.70 27.39
C GLY A 38 -0.18 8.90 27.98
N PRO A 39 0.21 9.27 29.20
CA PRO A 39 -0.51 10.36 29.89
C PRO A 39 -0.36 11.69 29.17
N LEU A 40 -1.40 12.49 29.26
CA LEU A 40 -1.39 13.85 28.72
C LEU A 40 -0.53 14.74 29.61
N ILE A 41 0.46 15.39 29.03
CA ILE A 41 1.30 16.38 29.70
C ILE A 41 0.85 17.75 29.22
N GLU A 42 0.57 18.65 30.17
CA GLU A 42 0.13 20.01 29.86
C GLU A 42 1.07 21.01 30.53
N LEU A 43 1.56 21.96 29.73
CA LEU A 43 2.46 23.01 30.19
C LEU A 43 1.98 24.36 29.68
N ASN A 44 2.29 25.41 30.42
CA ASN A 44 2.12 26.78 29.92
C ASN A 44 3.46 27.29 29.43
N GLU A 45 3.46 28.07 28.34
CA GLU A 45 4.70 28.59 27.78
C GLU A 45 5.55 29.25 28.86
N GLY A 46 6.82 28.87 28.91
CA GLY A 46 7.71 29.29 29.95
C GLY A 46 7.96 28.23 31.01
N ASP A 47 7.05 27.26 31.15
CA ASP A 47 7.25 26.16 32.10
C ASP A 47 8.44 25.30 31.71
N THR A 48 9.08 24.71 32.71
CA THR A 48 10.08 23.67 32.56
C THR A 48 9.52 22.40 33.18
N LEU A 49 9.75 21.25 32.53
CA LEU A 49 9.33 19.97 33.10
C LEU A 49 10.53 19.03 33.18
N HIS A 50 10.83 18.56 34.38
CA HIS A 50 11.82 17.52 34.59
C HIS A 50 11.08 16.21 34.69
N VAL A 51 11.35 15.30 33.77
CA VAL A 51 10.71 13.99 33.74
C VAL A 51 11.71 12.99 34.32
N GLU A 52 11.46 12.54 35.55
CA GLU A 52 12.29 11.53 36.21
C GLU A 52 11.84 10.17 35.67
N PHE A 53 12.57 9.68 34.68
CA PHE A 53 12.16 8.55 33.85
C PHE A 53 12.80 7.26 34.36
N GLU A 54 12.03 6.17 34.33
CA GLU A 54 12.55 4.85 34.68
C GLU A 54 12.06 3.84 33.65
N ASN A 55 13.00 3.05 33.12
CA ASN A 55 12.71 1.98 32.16
C ASN A 55 12.56 0.68 32.93
N THR A 56 11.33 0.19 33.09
CA THR A 56 11.12 -1.08 33.78
C THR A 56 11.21 -2.28 32.83
N MET A 57 11.54 -2.07 31.57
CA MET A 57 11.54 -3.13 30.57
C MET A 57 12.92 -3.75 30.40
N ASP A 58 12.98 -4.82 29.61
CA ASP A 58 14.23 -5.54 29.34
C ASP A 58 14.90 -5.09 28.06
N VAL A 59 14.43 -4.00 27.45
CA VAL A 59 15.08 -3.44 26.26
C VAL A 59 15.31 -1.95 26.48
N PRO A 60 16.35 -1.36 25.88
CA PRO A 60 16.51 0.09 25.95
C PRO A 60 15.31 0.80 25.36
N VAL A 61 14.98 1.95 25.94
CA VAL A 61 13.81 2.74 25.57
C VAL A 61 14.22 4.20 25.64
N SER A 62 13.43 5.08 25.02
CA SER A 62 13.77 6.50 25.10
C SER A 62 12.49 7.34 25.13
N LEU A 63 12.70 8.63 25.34
CA LEU A 63 11.63 9.62 25.35
C LEU A 63 12.06 10.76 24.41
N HIS A 64 11.39 10.88 23.27
CA HIS A 64 11.66 11.96 22.32
C HIS A 64 10.40 12.79 22.21
N VAL A 65 10.53 14.11 22.35
CA VAL A 65 9.38 15.01 22.33
C VAL A 65 9.47 15.93 21.11
N HIS A 66 8.31 16.25 20.55
CA HIS A 66 8.21 17.20 19.46
C HIS A 66 7.96 18.61 19.98
N GLY A 67 8.55 19.58 19.30
CA GLY A 67 8.16 20.97 19.49
C GLY A 67 8.78 21.70 20.67
N LEU A 68 8.99 21.01 21.78
CA LEU A 68 9.47 21.69 22.98
C LEU A 68 10.98 21.89 22.91
N ASP A 69 11.50 22.75 23.79
CA ASP A 69 12.93 22.99 23.88
C ASP A 69 13.56 21.87 24.67
N TYR A 70 14.61 21.27 24.13
CA TYR A 70 15.36 20.28 24.87
C TYR A 70 16.78 20.31 24.35
N GLU A 71 17.73 20.11 25.26
CA GLU A 71 19.12 19.96 24.87
C GLU A 71 19.36 18.58 24.27
N ILE A 72 20.50 18.43 23.59
CA ILE A 72 20.79 17.17 22.93
C ILE A 72 20.79 16.01 23.92
N SER A 73 21.12 16.28 25.19
CA SER A 73 21.08 15.23 26.19
C SER A 73 19.66 14.78 26.54
N SER A 74 18.63 15.48 26.06
CA SER A 74 17.26 15.02 26.20
C SER A 74 16.62 14.73 24.84
N ASP A 75 17.44 14.50 23.83
CA ASP A 75 16.94 14.17 22.50
C ASP A 75 16.22 12.81 22.49
N GLY A 76 16.68 11.86 23.32
CA GLY A 76 16.07 10.56 23.35
C GLY A 76 16.45 9.65 22.20
N THR A 77 17.71 9.69 21.76
CA THR A 77 18.18 8.85 20.67
C THR A 77 19.47 8.14 21.09
N LYS A 78 19.73 7.02 20.40
CA LYS A 78 21.00 6.32 20.58
C LYS A 78 22.17 7.16 20.11
N GLN A 79 21.96 7.94 19.04
CA GLN A 79 22.99 8.81 18.46
C GLN A 79 23.76 9.60 19.51
N ASN A 80 23.03 10.24 20.41
N ASN A 80 23.05 10.25 20.43
CA ASN A 80 23.60 11.04 21.49
CA ASN A 80 23.69 10.99 21.50
C ASN A 80 23.63 10.31 22.81
C ASN A 80 23.58 10.29 22.85
N LYS A 81 23.34 9.00 22.80
N LYS A 81 23.36 8.97 22.83
CA LYS A 81 23.33 8.18 24.01
CA LYS A 81 23.32 8.15 24.04
C LYS A 81 22.42 8.79 25.08
C LYS A 81 22.41 8.77 25.09
N SER A 82 21.23 9.22 24.66
CA SER A 82 20.24 9.77 25.56
C SER A 82 19.02 8.85 25.67
N HIS A 83 19.19 7.56 25.37
CA HIS A 83 18.24 6.51 25.70
C HIS A 83 18.43 6.08 27.15
N VAL A 84 17.59 5.15 27.60
CA VAL A 84 17.61 4.64 28.98
C VAL A 84 17.81 3.13 28.92
N GLU A 85 18.84 2.64 29.60
CA GLU A 85 19.15 1.23 29.62
C GLU A 85 18.04 0.44 30.32
N PRO A 86 17.95 -0.87 30.09
CA PRO A 86 16.98 -1.68 30.84
C PRO A 86 17.16 -1.49 32.34
N GLY A 87 16.06 -1.21 33.03
CA GLY A 87 16.11 -1.00 34.46
C GLY A 87 16.66 0.33 34.88
N GLY A 88 17.11 1.16 33.94
CA GLY A 88 17.79 2.39 34.29
C GLY A 88 16.85 3.57 34.50
N THR A 89 17.44 4.67 34.95
CA THR A 89 16.73 5.91 35.20
C THR A 89 17.49 7.06 34.56
N ARG A 90 16.75 8.13 34.28
CA ARG A 90 17.30 9.31 33.65
C ARG A 90 16.31 10.44 33.82
N THR A 91 16.81 11.65 33.96
CA THR A 91 15.96 12.82 34.00
C THR A 91 15.97 13.47 32.63
N TYR A 92 14.83 13.43 31.95
CA TYR A 92 14.63 14.19 30.72
C TYR A 92 14.10 15.57 31.09
N THR A 93 14.63 16.61 30.46
CA THR A 93 14.19 17.96 30.76
C THR A 93 13.64 18.61 29.50
N TRP A 94 12.41 19.11 29.59
CA TRP A 94 11.74 19.85 28.55
C TRP A 94 11.56 21.29 28.99
N ARG A 95 11.91 22.22 28.13
CA ARG A 95 11.65 23.63 28.41
C ARG A 95 10.74 24.18 27.32
N THR A 96 10.13 25.31 27.65
CA THR A 96 9.25 26.01 26.73
C THR A 96 9.46 27.49 26.90
N HIS A 97 9.11 28.25 25.87
CA HIS A 97 9.34 29.69 25.89
C HIS A 97 8.15 30.41 25.27
N GLU A 98 7.94 31.64 25.72
CA GLU A 98 6.96 32.53 25.14
C GLU A 98 7.49 33.10 23.84
N PRO A 99 6.59 33.54 22.95
CA PRO A 99 7.04 34.27 21.76
C PRO A 99 7.52 35.66 22.14
N GLY A 100 8.28 36.26 21.25
CA GLY A 100 8.77 37.60 21.52
C GLY A 100 9.62 38.14 20.41
N ARG A 101 9.81 39.46 20.46
CA ARG A 101 10.62 40.19 19.50
C ARG A 101 12.10 40.01 19.82
N ARG A 102 12.88 39.54 18.86
CA ARG A 102 14.32 39.50 19.05
C ARG A 102 14.90 40.91 18.93
N ALA A 103 16.10 41.08 19.47
CA ALA A 103 16.74 42.40 19.44
C ALA A 103 16.92 42.90 18.00
N ASP A 104 17.01 41.98 17.04
CA ASP A 104 17.15 42.35 15.64
C ASP A 104 15.80 42.62 14.96
N GLY A 105 14.70 42.59 15.72
CA GLY A 105 13.40 42.91 15.19
C GLY A 105 12.60 41.76 14.62
N THR A 106 13.18 40.57 14.55
CA THR A 106 12.42 39.41 14.10
C THR A 106 11.63 38.84 15.27
N TRP A 107 10.60 38.07 14.93
CA TRP A 107 9.67 37.53 15.92
C TRP A 107 9.98 36.07 16.17
N ARG A 108 10.33 35.72 17.40
CA ARG A 108 10.59 34.33 17.77
C ARG A 108 9.28 33.63 18.11
N ALA A 109 9.02 32.51 17.43
CA ALA A 109 7.81 31.74 17.71
C ALA A 109 7.91 31.08 19.08
N GLY A 110 6.79 31.07 19.81
CA GLY A 110 6.75 30.41 21.10
C GLY A 110 6.56 28.91 20.97
N SER A 111 6.56 28.24 22.12
CA SER A 111 6.41 26.79 22.14
C SER A 111 4.96 26.30 21.99
N ALA A 112 3.97 27.18 22.16
CA ALA A 112 2.58 26.73 22.24
C ALA A 112 2.18 25.88 21.05
N GLY A 113 1.47 24.80 21.33
CA GLY A 113 0.88 24.00 20.28
C GLY A 113 0.48 22.64 20.79
N TYR A 114 -0.01 21.83 19.86
CA TYR A 114 -0.34 20.44 20.09
C TYR A 114 0.85 19.58 19.65
N TRP A 115 1.44 18.87 20.60
CA TRP A 115 2.68 18.14 20.38
C TRP A 115 2.54 16.71 20.92
N HIS A 116 3.64 15.97 20.92
CA HIS A 116 3.59 14.60 21.39
C HIS A 116 5.00 14.14 21.71
N TYR A 117 5.08 13.03 22.46
CA TYR A 117 6.31 12.35 22.78
C TYR A 117 6.18 10.88 22.41
N HIS A 118 7.31 10.23 22.15
CA HIS A 118 7.27 8.84 21.73
C HIS A 118 8.67 8.26 21.83
N ASP A 119 8.75 6.93 21.75
CA ASP A 119 10.03 6.24 21.79
C ASP A 119 10.79 6.44 20.48
N HIS A 120 12.12 6.36 20.55
CA HIS A 120 12.96 6.54 19.38
C HIS A 120 14.01 5.44 19.22
N VAL A 121 13.97 4.36 20.04
CA VAL A 121 15.07 3.38 20.00
C VAL A 121 14.63 1.92 20.08
N VAL A 122 13.35 1.63 20.36
CA VAL A 122 12.92 0.24 20.46
C VAL A 122 12.71 -0.32 19.06
N GLY A 123 13.39 -1.44 18.78
CA GLY A 123 13.26 -2.06 17.48
C GLY A 123 14.23 -1.55 16.43
N THR A 124 14.21 -0.24 16.19
CA THR A 124 15.11 0.42 15.25
C THR A 124 15.58 1.73 15.87
N GLU A 125 16.54 2.35 15.22
CA GLU A 125 17.03 3.63 15.74
C GLU A 125 16.02 4.76 15.52
N HIS A 126 14.84 4.46 14.98
CA HIS A 126 13.77 5.45 14.90
C HIS A 126 12.54 5.01 15.66
N GLY A 127 12.69 4.02 16.54
CA GLY A 127 11.63 3.59 17.43
C GLY A 127 10.48 2.87 16.78
N THR A 128 10.70 2.27 15.60
CA THR A 128 9.60 1.64 14.88
C THR A 128 8.89 0.60 15.74
N GLY A 129 9.64 -0.23 16.46
CA GLY A 129 9.00 -1.18 17.37
C GLY A 129 8.32 -0.52 18.54
N GLY A 130 9.00 0.44 19.18
CA GLY A 130 8.41 1.10 20.34
C GLY A 130 7.13 1.82 19.99
N ILE A 131 7.13 2.56 18.89
CA ILE A 131 5.93 3.27 18.44
C ILE A 131 4.82 2.30 18.10
N ARG A 132 5.14 1.24 17.34
CA ARG A 132 4.12 0.22 17.04
C ARG A 132 3.54 -0.39 18.31
N ASN A 133 4.36 -0.54 19.35
CA ASN A 133 3.92 -1.22 20.57
C ASN A 133 3.08 -0.34 21.48
N GLY A 134 3.04 0.97 21.25
CA GLY A 134 2.23 1.88 22.04
C GLY A 134 2.96 3.01 22.78
N LEU A 135 4.27 3.17 22.58
CA LEU A 135 5.02 4.19 23.32
C LEU A 135 4.88 5.55 22.64
N TYR A 136 3.75 6.20 22.90
CA TYR A 136 3.47 7.54 22.40
C TYR A 136 2.45 8.19 23.32
N GLY A 137 2.48 9.52 23.38
CA GLY A 137 1.50 10.25 24.16
C GLY A 137 1.45 11.73 23.81
N PRO A 138 0.41 12.43 24.26
CA PRO A 138 0.20 13.83 23.87
C PRO A 138 0.82 14.82 24.84
N VAL A 139 1.26 15.95 24.28
CA VAL A 139 1.78 17.09 25.03
C VAL A 139 1.09 18.34 24.50
N ILE A 140 0.49 19.12 25.39
CA ILE A 140 -0.10 20.39 25.02
C ILE A 140 0.68 21.50 25.72
N VAL A 141 1.08 22.50 24.96
CA VAL A 141 1.68 23.71 25.53
C VAL A 141 0.73 24.87 25.22
N ARG A 142 0.29 25.57 26.26
CA ARG A 142 -0.70 26.62 26.12
C ARG A 142 -0.03 27.99 26.21
N ARG A 143 -0.53 28.92 25.42
CA ARG A 143 -0.15 30.32 25.50
C ARG A 143 -1.05 31.03 26.49
N LYS A 144 -0.50 32.01 27.20
CA LYS A 144 -1.29 32.83 28.10
C LYS A 144 -2.54 33.34 27.39
N GLY A 145 -3.69 33.10 28.00
CA GLY A 145 -4.95 33.54 27.44
C GLY A 145 -5.64 32.53 26.53
N ASP A 146 -5.00 31.40 26.20
CA ASP A 146 -5.69 30.35 25.46
C ASP A 146 -6.91 29.87 26.23
N VAL A 147 -7.97 29.52 25.51
CA VAL A 147 -9.19 29.06 26.15
C VAL A 147 -9.00 27.65 26.67
N LEU A 148 -9.46 27.40 27.90
CA LEU A 148 -9.32 26.07 28.47
C LEU A 148 -10.59 25.25 28.25
N PRO A 149 -10.45 23.95 27.98
CA PRO A 149 -11.62 23.12 27.67
C PRO A 149 -12.21 22.45 28.91
N ASP A 150 -13.41 21.90 28.72
CA ASP A 150 -14.04 21.09 29.76
C ASP A 150 -13.43 19.69 29.82
N ALA A 151 -12.90 19.20 28.70
CA ALA A 151 -12.36 17.85 28.62
C ALA A 151 -11.44 17.77 27.40
N THR A 152 -10.44 16.90 27.46
CA THR A 152 -9.49 16.71 26.38
C THR A 152 -9.44 15.24 26.02
N HIS A 153 -9.59 14.92 24.73
CA HIS A 153 -9.52 13.55 24.25
C HIS A 153 -8.41 13.43 23.22
N THR A 154 -7.66 12.34 23.30
CA THR A 154 -6.52 12.11 22.43
C THR A 154 -6.82 10.94 21.50
N ILE A 155 -6.66 11.17 20.19
CA ILE A 155 -6.92 10.19 19.16
C ILE A 155 -5.64 10.00 18.37
N VAL A 156 -5.06 8.80 18.42
CA VAL A 156 -3.82 8.51 17.72
C VAL A 156 -4.09 7.48 16.63
N PHE A 157 -3.86 7.86 15.39
CA PHE A 157 -3.90 6.90 14.27
C PHE A 157 -2.51 6.29 14.21
N ASN A 158 -2.36 5.06 14.68
CA ASN A 158 -1.07 4.39 14.68
C ASN A 158 -1.14 3.20 13.73
N ASP A 159 -0.44 3.28 12.61
CA ASP A 159 -0.58 2.26 11.54
C ASP A 159 -2.08 2.19 11.22
N ALA A 160 -2.69 1.01 11.21
CA ALA A 160 -4.11 0.84 10.89
C ALA A 160 -4.99 0.72 12.14
N THR A 161 -4.56 1.27 13.28
CA THR A 161 -5.34 1.22 14.51
C THR A 161 -5.62 2.63 15.00
N ILE A 162 -6.57 2.75 15.92
CA ILE A 162 -6.71 3.95 16.74
C ILE A 162 -6.28 3.57 18.15
N ASN A 163 -5.24 4.23 18.65
CA ASN A 163 -4.78 4.02 20.02
C ASN A 163 -4.43 2.56 20.31
N ASN A 164 -3.94 1.83 19.30
CA ASN A 164 -3.56 0.43 19.44
C ASN A 164 -4.75 -0.44 19.86
N ARG A 165 -5.98 0.02 19.66
CA ARG A 165 -7.07 -0.86 20.02
C ARG A 165 -7.40 -1.80 18.87
N PRO A 166 -7.95 -2.97 19.20
CA PRO A 166 -8.50 -3.85 18.15
C PRO A 166 -9.50 -3.10 17.27
N ALA A 167 -9.56 -3.51 16.02
CA ALA A 167 -10.43 -2.85 15.04
C ALA A 167 -11.86 -2.75 15.56
N HIS A 168 -12.52 -1.65 15.22
CA HIS A 168 -13.93 -1.42 15.50
C HIS A 168 -14.25 -1.27 16.98
N THR A 169 -13.27 -0.96 17.83
CA THR A 169 -13.53 -0.83 19.26
C THR A 169 -13.32 0.60 19.76
N GLY A 170 -13.66 1.59 18.93
CA GLY A 170 -13.59 2.97 19.32
C GLY A 170 -12.19 3.55 19.23
N PRO A 171 -11.81 4.39 20.21
CA PRO A 171 -12.59 4.73 21.40
C PRO A 171 -13.78 5.65 21.13
N ASN A 172 -14.78 5.59 22.01
CA ASN A 172 -15.85 6.58 22.02
C ASN A 172 -15.57 7.59 23.13
N PHE A 173 -16.01 8.83 22.91
CA PHE A 173 -15.86 9.91 23.87
C PHE A 173 -17.22 10.52 24.11
N GLU A 174 -17.52 10.82 25.38
CA GLU A 174 -18.83 11.33 25.76
C GLU A 174 -18.73 12.80 26.14
N ALA A 175 -19.76 13.56 25.78
CA ALA A 175 -19.88 14.96 26.13
C ALA A 175 -21.36 15.30 26.22
N THR A 176 -21.65 16.44 26.84
CA THR A 176 -22.98 17.01 26.87
C THR A 176 -23.02 18.20 25.91
N VAL A 177 -24.15 18.36 25.21
CA VAL A 177 -24.34 19.51 24.33
C VAL A 177 -23.86 20.76 25.02
N GLY A 178 -23.02 21.54 24.33
CA GLY A 178 -22.47 22.76 24.89
C GLY A 178 -21.11 22.64 25.53
N ASP A 179 -20.67 21.41 25.86
CA ASP A 179 -19.33 21.21 26.40
C ASP A 179 -18.27 21.73 25.44
N ARG A 180 -17.25 22.38 25.98
CA ARG A 180 -16.09 22.78 25.20
C ARG A 180 -15.10 21.62 25.23
N VAL A 181 -14.94 20.94 24.10
CA VAL A 181 -14.23 19.68 24.01
C VAL A 181 -12.98 19.89 23.19
N GLU A 182 -11.84 19.46 23.72
CA GLU A 182 -10.56 19.58 23.04
C GLU A 182 -10.16 18.22 22.49
N ILE A 183 -9.70 18.19 21.24
CA ILE A 183 -9.22 16.96 20.61
C ILE A 183 -7.76 17.15 20.26
N VAL A 184 -6.94 16.18 20.62
CA VAL A 184 -5.55 16.13 20.21
C VAL A 184 -5.41 14.95 19.26
N MET A 185 -4.86 15.22 18.08
CA MET A 185 -4.85 14.24 17.00
C MET A 185 -3.41 14.00 16.60
N ILE A 186 -2.93 12.77 16.78
CA ILE A 186 -1.55 12.40 16.49
C ILE A 186 -1.57 11.21 15.54
N THR A 187 -0.59 11.16 14.65
CA THR A 187 -0.46 10.06 13.70
C THR A 187 0.95 9.46 13.84
N HIS A 188 1.03 8.14 13.70
CA HIS A 188 2.29 7.42 13.81
C HIS A 188 2.31 6.24 12.84
N GLY A 189 3.51 5.80 12.51
CA GLY A 189 3.70 4.53 11.84
C GLY A 189 4.04 4.71 10.37
N GLU A 190 3.29 4.03 9.49
CA GLU A 190 3.68 3.88 8.10
C GLU A 190 2.76 4.60 7.11
N TYR A 191 1.53 4.92 7.49
CA TYR A 191 0.49 5.29 6.54
C TYR A 191 0.05 6.73 6.71
N TYR A 192 -0.43 7.33 5.62
CA TYR A 192 -1.17 8.57 5.72
C TYR A 192 -2.63 8.27 6.08
N HIS A 193 -3.30 9.26 6.68
CA HIS A 193 -4.70 9.14 7.04
C HIS A 193 -5.41 10.46 6.76
N THR A 194 -6.74 10.43 6.79
CA THR A 194 -7.52 11.67 6.85
C THR A 194 -8.51 11.56 8.00
N PHE A 195 -8.43 12.51 8.93
CA PHE A 195 -9.31 12.55 10.09
C PHE A 195 -10.55 13.39 9.78
N HIS A 196 -11.74 12.83 10.01
CA HIS A 196 -13.01 13.49 9.74
C HIS A 196 -13.94 13.33 10.94
N MET A 197 -14.60 14.44 11.29
N MET A 197 -14.66 14.40 11.27
CA MET A 197 -15.64 14.45 12.32
CA MET A 197 -15.63 14.36 12.36
C MET A 197 -16.98 14.80 11.69
C MET A 197 -16.98 14.85 11.84
N HIS A 198 -18.01 14.03 12.00
CA HIS A 198 -19.35 14.43 11.60
C HIS A 198 -19.86 15.54 12.52
N GLY A 199 -20.62 16.46 11.94
CA GLY A 199 -21.37 17.44 12.72
C GLY A 199 -20.58 18.58 13.29
N HIS A 200 -19.26 18.59 13.13
CA HIS A 200 -18.40 19.59 13.75
C HIS A 200 -17.31 20.00 12.77
N ARG A 201 -16.66 21.13 13.07
CA ARG A 201 -15.61 21.66 12.21
C ARG A 201 -14.69 22.53 13.05
N TRP A 202 -13.49 22.79 12.54
CA TRP A 202 -12.52 23.59 13.27
C TRP A 202 -11.66 24.39 12.28
N ALA A 203 -10.88 25.32 12.81
CA ALA A 203 -10.00 26.15 11.99
C ALA A 203 -8.64 25.50 11.88
N ASP A 204 -8.07 25.53 10.67
CA ASP A 204 -6.77 24.88 10.45
C ASP A 204 -5.64 25.82 10.84
N ASN A 205 -5.47 26.01 12.15
CA ASN A 205 -4.43 26.92 12.67
C ASN A 205 -3.92 26.36 14.00
N ARG A 206 -3.16 27.19 14.75
CA ARG A 206 -2.51 26.69 15.97
C ARG A 206 -3.52 26.12 16.96
N THR A 207 -4.58 26.87 17.25
CA THR A 207 -5.51 26.47 18.31
C THR A 207 -6.73 25.72 17.80
N GLY A 208 -6.93 25.63 16.49
CA GLY A 208 -8.17 25.09 15.96
C GLY A 208 -9.34 26.05 16.03
N MET A 209 -9.13 27.26 16.55
CA MET A 209 -10.18 28.27 16.66
C MET A 209 -9.72 29.52 15.96
N LEU A 210 -10.62 30.16 15.22
CA LEU A 210 -10.30 31.42 14.57
C LEU A 210 -10.04 32.48 15.62
N THR A 211 -9.03 33.33 15.38
CA THR A 211 -8.68 34.36 16.34
C THR A 211 -9.67 35.52 16.33
N GLY A 212 -10.47 35.61 15.28
CA GLY A 212 -11.38 36.72 15.10
C GLY A 212 -11.72 36.83 13.63
N PRO A 213 -12.42 37.91 13.26
CA PRO A 213 -12.89 38.04 11.87
C PRO A 213 -11.79 38.22 10.83
N ASP A 214 -10.54 38.45 11.22
CA ASP A 214 -9.48 38.68 10.25
C ASP A 214 -8.63 37.44 9.99
N ASP A 215 -8.87 36.35 10.70
CA ASP A 215 -8.13 35.10 10.53
C ASP A 215 -8.61 34.37 9.27
N PRO A 216 -7.76 34.22 8.25
CA PRO A 216 -8.20 33.60 7.00
C PRO A 216 -8.03 32.08 6.95
N SER A 217 -7.74 31.43 8.07
CA SER A 217 -7.48 29.99 8.07
C SER A 217 -8.70 29.24 7.55
N GLN A 218 -8.44 28.24 6.71
CA GLN A 218 -9.54 27.42 6.21
C GLN A 218 -10.24 26.73 7.37
N VAL A 219 -11.56 26.76 7.35
CA VAL A 219 -12.37 25.97 8.28
C VAL A 219 -12.67 24.63 7.62
N ILE A 220 -12.42 23.53 8.35
CA ILE A 220 -12.35 22.18 7.80
C ILE A 220 -13.06 21.21 8.73
N ASP A 221 -13.43 20.04 8.19
CA ASP A 221 -13.88 18.93 9.03
C ASP A 221 -13.17 17.64 8.64
N ASN A 222 -12.09 17.75 7.87
CA ASN A 222 -11.37 16.64 7.26
C ASN A 222 -9.94 17.12 7.09
N LYS A 223 -8.97 16.31 7.53
CA LYS A 223 -7.57 16.75 7.46
C LYS A 223 -6.63 15.58 7.23
N ILE A 224 -5.75 15.73 6.24
CA ILE A 224 -4.75 14.71 5.95
C ILE A 224 -3.60 14.83 6.94
N CYS A 225 -3.10 13.69 7.40
CA CYS A 225 -2.00 13.67 8.37
C CYS A 225 -1.13 12.46 8.09
N GLY A 226 0.15 12.58 8.42
CA GLY A 226 1.08 11.49 8.25
C GLY A 226 1.87 11.23 9.53
N PRO A 227 2.74 10.24 9.48
CA PRO A 227 3.48 9.82 10.69
C PRO A 227 4.18 10.98 11.39
N ALA A 228 3.91 11.08 12.69
CA ALA A 228 4.44 12.07 13.64
C ALA A 228 3.81 13.45 13.50
N ASP A 229 2.77 13.61 12.68
CA ASP A 229 2.01 14.85 12.67
C ASP A 229 1.18 14.96 13.93
N SER A 230 1.01 16.18 14.41
CA SER A 230 0.09 16.41 15.51
C SER A 230 -0.64 17.72 15.28
N PHE A 231 -1.92 17.71 15.60
CA PHE A 231 -2.69 18.94 15.64
C PHE A 231 -3.80 18.78 16.67
N GLY A 232 -4.46 19.89 16.98
CA GLY A 232 -5.56 19.82 17.92
C GLY A 232 -6.52 20.96 17.68
N PHE A 233 -7.66 20.88 18.37
CA PHE A 233 -8.70 21.89 18.21
C PHE A 233 -9.67 21.78 19.37
N GLN A 234 -10.53 22.78 19.49
CA GLN A 234 -11.65 22.73 20.41
C GLN A 234 -12.93 22.92 19.62
N ILE A 235 -13.98 22.23 20.03
CA ILE A 235 -15.31 22.39 19.46
C ILE A 235 -16.28 22.54 20.62
N ILE A 236 -17.41 23.20 20.34
CA ILE A 236 -18.54 23.21 21.25
C ILE A 236 -19.42 22.03 20.85
N ALA A 237 -19.55 21.05 21.75
CA ALA A 237 -20.22 19.81 21.40
C ALA A 237 -21.67 20.08 20.98
N GLY A 238 -22.05 19.58 19.81
CA GLY A 238 -23.41 19.76 19.33
C GLY A 238 -23.79 21.16 18.88
N GLU A 239 -22.83 22.08 18.80
CA GLU A 239 -23.16 23.45 18.45
C GLU A 239 -23.79 23.53 17.07
N GLY A 240 -25.01 24.07 16.99
CA GLY A 240 -25.74 24.16 15.75
C GLY A 240 -26.25 22.85 15.18
N VAL A 241 -25.96 21.72 15.83
CA VAL A 241 -26.34 20.42 15.30
C VAL A 241 -27.08 19.54 16.31
N GLY A 242 -26.95 19.77 17.62
CA GLY A 242 -27.70 19.01 18.59
C GLY A 242 -27.03 17.72 19.01
N ALA A 243 -27.69 17.02 19.92
CA ALA A 243 -27.18 15.77 20.46
C ALA A 243 -27.18 14.67 19.39
N GLY A 244 -26.38 13.65 19.62
CA GLY A 244 -26.32 12.51 18.72
C GLY A 244 -25.02 11.76 18.88
N ALA A 245 -25.00 10.58 18.29
CA ALA A 245 -23.77 9.79 18.16
C ALA A 245 -23.07 10.26 16.89
N TRP A 246 -22.12 11.17 17.05
CA TRP A 246 -21.44 11.80 15.92
C TRP A 246 -20.18 11.01 15.59
N MET A 247 -20.15 10.41 14.40
CA MET A 247 -19.00 9.61 14.02
C MET A 247 -17.75 10.47 13.84
N TYR A 248 -16.62 9.91 14.20
CA TYR A 248 -15.33 10.35 13.69
C TYR A 248 -14.63 9.12 13.14
N HIS A 249 -13.80 9.31 12.12
CA HIS A 249 -13.19 8.15 11.50
C HIS A 249 -12.12 8.63 10.55
N CYS A 250 -11.17 7.75 10.25
CA CYS A 250 -10.33 8.00 9.09
C CYS A 250 -11.21 7.94 7.85
N HIS A 251 -10.97 8.83 6.89
CA HIS A 251 -11.84 8.86 5.73
C HIS A 251 -11.25 8.12 4.52
N VAL A 252 -10.01 7.62 4.63
CA VAL A 252 -9.53 6.64 3.66
C VAL A 252 -10.49 5.46 3.70
N GLN A 253 -11.13 5.16 2.56
CA GLN A 253 -12.32 4.34 2.61
C GLN A 253 -12.04 2.95 3.19
N SER A 254 -10.95 2.30 2.78
CA SER A 254 -10.67 0.98 3.33
C SER A 254 -10.33 1.05 4.82
N HIS A 255 -9.76 2.16 5.28
CA HIS A 255 -9.46 2.28 6.72
C HIS A 255 -10.73 2.38 7.54
N SER A 256 -11.70 3.18 7.09
CA SER A 256 -12.96 3.26 7.82
C SER A 256 -13.72 1.95 7.74
N ASP A 257 -13.63 1.25 6.61
CA ASP A 257 -14.27 -0.05 6.46
C ASP A 257 -13.64 -1.10 7.36
N MET A 258 -12.38 -0.93 7.74
CA MET A 258 -11.68 -1.91 8.55
C MET A 258 -11.71 -1.58 10.03
N GLY A 259 -12.31 -0.46 10.40
CA GLY A 259 -12.55 -0.20 11.81
C GLY A 259 -11.85 1.00 12.42
N MET A 260 -11.29 1.89 11.61
CA MET A 260 -10.74 3.13 12.15
C MET A 260 -11.88 4.14 12.28
N VAL A 261 -12.80 3.85 13.21
N VAL A 261 -12.79 3.85 13.21
CA VAL A 261 -14.01 4.63 13.42
CA VAL A 261 -13.97 4.65 13.46
C VAL A 261 -14.31 4.67 14.92
C VAL A 261 -14.19 4.73 14.96
N GLY A 262 -14.84 5.80 15.38
CA GLY A 262 -15.25 5.94 16.77
C GLY A 262 -16.46 6.86 16.84
N LEU A 263 -16.94 7.11 18.05
CA LEU A 263 -18.12 7.93 18.26
C LEU A 263 -17.84 9.04 19.25
N PHE A 264 -18.23 10.25 18.86
CA PHE A 264 -18.33 11.40 19.75
C PHE A 264 -19.79 11.43 20.22
N LEU A 265 -20.03 10.89 21.42
CA LEU A 265 -21.39 10.70 21.94
C LEU A 265 -21.81 11.99 22.64
N VAL A 266 -22.60 12.81 21.95
CA VAL A 266 -23.04 14.10 22.49
C VAL A 266 -24.42 13.93 23.07
N LYS A 267 -24.54 14.10 24.39
CA LYS A 267 -25.78 13.84 25.11
C LYS A 267 -26.58 15.11 25.31
N LYS A 268 -27.91 14.97 25.35
CA LYS A 268 -28.81 16.01 25.85
C LYS A 268 -28.56 16.24 27.34
N PRO A 269 -29.09 17.34 27.89
CA PRO A 269 -28.94 17.55 29.35
C PRO A 269 -29.47 16.40 30.17
N ASP A 270 -30.48 15.66 29.71
CA ASP A 270 -30.96 14.50 30.48
C ASP A 270 -30.09 13.25 30.26
N GLY A 271 -28.96 13.40 29.56
CA GLY A 271 -28.03 12.31 29.39
C GLY A 271 -28.37 11.32 28.30
N THR A 272 -29.43 11.54 27.54
CA THR A 272 -29.80 10.60 26.48
C THR A 272 -29.23 11.07 25.15
N ILE A 273 -29.14 10.13 24.22
CA ILE A 273 -28.59 10.41 22.90
C ILE A 273 -29.64 9.98 21.89
N PRO A 274 -30.33 10.92 21.25
CA PRO A 274 -31.39 10.55 20.30
C PRO A 274 -30.85 9.71 19.15
N GLY A 275 -31.60 8.65 18.83
CA GLY A 275 -31.29 7.80 17.71
C GLY A 275 -30.15 6.83 17.92
N TYR A 276 -29.48 6.87 19.06
CA TYR A 276 -28.31 6.03 19.30
C TYR A 276 -28.78 4.75 19.97
N ASP A 277 -28.69 3.64 19.23
CA ASP A 277 -29.06 2.31 19.75
C ASP A 277 -27.88 1.38 19.62
N PRO A 278 -27.10 1.17 20.69
CA PRO A 278 -26.00 0.20 20.66
C PRO A 278 -26.44 -1.24 21.00
N ALA B 1 20.26 40.99 10.70
CA ALA B 1 20.59 40.28 9.47
C ALA B 1 20.19 41.10 8.24
N GLY B 2 20.59 40.65 7.06
CA GLY B 2 20.25 41.36 5.84
C GLY B 2 18.78 41.20 5.49
N ALA B 3 18.31 42.11 4.62
CA ALA B 3 16.95 42.08 4.12
C ALA B 3 16.97 42.13 2.59
N ALA B 4 16.02 41.43 1.99
CA ALA B 4 15.94 41.39 0.54
C ALA B 4 15.52 42.77 0.02
N PRO B 5 16.13 43.23 -1.07
CA PRO B 5 15.70 44.50 -1.66
C PRO B 5 14.50 44.28 -2.58
N ALA B 6 13.91 45.38 -3.01
CA ALA B 6 12.92 45.30 -4.07
C ALA B 6 13.59 44.78 -5.34
N GLY B 7 12.86 43.97 -6.10
CA GLY B 7 13.39 43.39 -7.32
C GLY B 7 13.13 44.26 -8.53
N GLY B 8 13.35 43.66 -9.69
CA GLY B 8 13.11 44.37 -10.94
C GLY B 8 14.26 44.30 -11.92
N GLU B 9 15.26 43.48 -11.61
CA GLU B 9 16.42 43.32 -12.48
C GLU B 9 16.16 42.23 -13.51
N VAL B 10 16.64 42.45 -14.72
CA VAL B 10 16.65 41.43 -15.76
C VAL B 10 17.95 40.65 -15.60
N ARG B 11 17.84 39.39 -15.19
CA ARG B 11 18.98 38.53 -14.95
C ARG B 11 19.07 37.45 -16.02
N ARG B 12 20.28 36.95 -16.22
N ARG B 12 20.27 36.95 -16.22
CA ARG B 12 20.55 35.92 -17.20
CA ARG B 12 20.54 35.91 -17.20
C ARG B 12 21.42 34.84 -16.59
C ARG B 12 21.41 34.84 -16.58
N VAL B 13 21.24 33.61 -17.06
CA VAL B 13 22.05 32.49 -16.62
C VAL B 13 22.00 31.44 -17.71
N THR B 14 23.10 30.69 -17.83
CA THR B 14 23.13 29.51 -18.69
C THR B 14 22.87 28.29 -17.82
N MET B 15 22.09 27.35 -18.35
CA MET B 15 21.83 26.07 -17.70
C MET B 15 22.05 24.96 -18.70
N TYR B 16 22.56 23.83 -18.22
CA TYR B 16 22.82 22.65 -19.03
C TYR B 16 22.18 21.43 -18.38
N ALA B 17 21.66 20.53 -19.20
CA ALA B 17 21.25 19.20 -18.74
C ALA B 17 22.32 18.21 -19.17
N GLU B 18 22.83 17.43 -18.23
CA GLU B 18 23.93 16.51 -18.50
C GLU B 18 23.64 15.16 -17.87
N ARG B 19 24.11 14.11 -18.52
CA ARG B 19 24.18 12.81 -17.87
C ARG B 19 25.23 12.84 -16.78
N LEU B 20 24.94 12.19 -15.66
CA LEU B 20 25.89 11.97 -14.59
C LEU B 20 26.13 10.47 -14.46
N ALA B 21 26.98 10.08 -13.51
CA ALA B 21 27.32 8.68 -13.35
C ALA B 21 26.09 7.86 -12.98
N GLY B 22 26.04 6.63 -13.50
CA GLY B 22 25.05 5.66 -13.05
C GLY B 22 23.63 5.89 -13.49
N GLY B 23 23.42 6.39 -14.70
CA GLY B 23 22.10 6.63 -15.22
C GLY B 23 21.43 7.89 -14.73
N GLN B 24 22.11 8.69 -13.92
CA GLN B 24 21.55 9.91 -13.36
C GLN B 24 21.70 11.06 -14.36
N MET B 25 20.90 12.10 -14.14
CA MET B 25 20.93 13.30 -14.97
C MET B 25 20.78 14.51 -14.06
N GLY B 26 21.46 15.60 -14.42
CA GLY B 26 21.43 16.78 -13.59
C GLY B 26 21.49 18.06 -14.40
N TYR B 27 21.02 19.14 -13.76
CA TYR B 27 21.17 20.49 -14.28
C TYR B 27 22.42 21.14 -13.68
N GLY B 28 23.09 21.96 -14.49
CA GLY B 28 24.21 22.74 -13.99
C GLY B 28 24.23 24.11 -14.68
N LEU B 29 24.88 25.06 -14.01
CA LEU B 29 25.05 26.41 -14.56
C LEU B 29 26.22 26.50 -15.54
N GLU B 30 27.16 25.56 -15.48
CA GLU B 30 28.27 25.48 -16.42
C GLU B 30 28.41 24.02 -16.84
N LYS B 31 28.91 23.83 -18.05
CA LYS B 31 29.16 22.48 -18.55
C LYS B 31 30.13 21.75 -17.63
N GLY B 32 29.83 20.47 -17.38
CA GLY B 32 30.60 19.68 -16.44
C GLY B 32 30.34 19.96 -14.98
N LYS B 33 29.39 20.83 -14.64
CA LYS B 33 29.16 21.16 -13.24
C LYS B 33 27.71 20.90 -12.83
N ALA B 34 27.06 19.93 -13.49
CA ALA B 34 25.72 19.55 -13.09
C ALA B 34 25.73 18.89 -11.70
N SER B 35 24.68 19.15 -10.92
CA SER B 35 24.54 18.64 -9.57
C SER B 35 23.12 18.15 -9.35
N ILE B 36 22.96 17.30 -8.32
CA ILE B 36 21.63 16.87 -7.88
C ILE B 36 21.54 17.17 -6.39
N PRO B 37 20.69 18.09 -5.92
CA PRO B 37 19.74 18.93 -6.68
C PRO B 37 20.49 19.89 -7.59
N GLY B 38 19.80 20.40 -8.61
CA GLY B 38 20.38 21.41 -9.45
C GLY B 38 20.70 22.68 -8.67
N PRO B 39 21.32 23.64 -9.34
CA PRO B 39 21.74 24.87 -8.67
C PRO B 39 20.57 25.68 -8.14
N LEU B 40 20.82 26.33 -7.00
CA LEU B 40 19.85 27.20 -6.37
C LEU B 40 19.71 28.50 -7.14
N ILE B 41 18.48 28.84 -7.52
N ILE B 41 18.48 28.81 -7.54
CA ILE B 41 18.20 30.09 -8.23
CA ILE B 41 18.16 30.07 -8.20
C ILE B 41 17.45 30.99 -7.27
C ILE B 41 17.48 30.97 -7.18
N GLU B 42 17.97 32.21 -7.07
CA GLU B 42 17.42 33.19 -6.16
C GLU B 42 17.02 34.43 -6.93
N LEU B 43 15.80 34.89 -6.72
CA LEU B 43 15.30 36.09 -7.37
C LEU B 43 14.56 36.94 -6.34
N ASN B 44 14.52 38.24 -6.59
CA ASN B 44 13.66 39.13 -5.84
C ASN B 44 12.42 39.42 -6.69
N GLU B 45 11.27 39.53 -6.04
CA GLU B 45 10.02 39.81 -6.75
C GLU B 45 10.17 41.00 -7.69
N GLY B 46 9.74 40.81 -8.95
CA GLY B 46 9.97 41.76 -10.01
C GLY B 46 11.10 41.39 -10.95
N ASP B 47 12.07 40.60 -10.48
CA ASP B 47 13.13 40.16 -11.36
C ASP B 47 12.58 39.30 -12.49
N THR B 48 13.21 39.42 -13.64
CA THR B 48 13.05 38.49 -14.76
C THR B 48 14.31 37.66 -14.88
N LEU B 49 14.16 36.37 -15.20
CA LEU B 49 15.31 35.50 -15.39
C LEU B 49 15.21 34.84 -16.75
N HIS B 50 16.21 35.07 -17.59
CA HIS B 50 16.36 34.39 -18.87
C HIS B 50 17.34 33.24 -18.70
N VAL B 51 16.86 32.02 -18.92
CA VAL B 51 17.65 30.81 -18.77
C VAL B 51 18.03 30.34 -20.18
N GLU B 52 19.27 30.61 -20.59
N GLU B 52 19.29 30.51 -20.54
CA GLU B 52 19.82 30.08 -21.83
CA GLU B 52 19.80 30.07 -21.80
C GLU B 52 20.16 28.62 -21.60
C GLU B 52 20.09 28.62 -21.50
N PHE B 53 19.29 27.73 -22.09
CA PHE B 53 19.32 26.33 -21.74
C PHE B 53 19.89 25.52 -22.89
N GLU B 54 20.70 24.51 -22.59
CA GLU B 54 21.26 23.65 -23.60
C GLU B 54 21.18 22.20 -23.14
N ASN B 55 20.67 21.34 -24.01
CA ASN B 55 20.55 19.91 -23.72
C ASN B 55 21.79 19.22 -24.27
N THR B 56 22.66 18.75 -23.38
CA THR B 56 23.86 18.04 -23.80
C THR B 56 23.67 16.54 -23.84
N MET B 57 22.47 16.05 -23.52
CA MET B 57 22.20 14.62 -23.49
C MET B 57 21.74 14.11 -24.85
N ASP B 58 21.58 12.80 -24.95
CA ASP B 58 21.13 12.15 -26.17
C ASP B 58 19.63 11.90 -26.20
N VAL B 59 18.89 12.41 -25.21
CA VAL B 59 17.43 12.31 -25.19
C VAL B 59 16.86 13.70 -24.93
N PRO B 60 15.64 13.97 -25.40
CA PRO B 60 15.02 15.26 -25.13
C PRO B 60 14.89 15.50 -23.63
N VAL B 61 14.95 16.77 -23.24
CA VAL B 61 14.83 17.19 -21.84
C VAL B 61 14.04 18.50 -21.83
N SER B 62 13.53 18.86 -20.67
CA SER B 62 12.90 20.16 -20.58
C SER B 62 13.12 20.75 -19.19
N LEU B 63 12.63 21.98 -19.04
CA LEU B 63 12.73 22.76 -17.80
C LEU B 63 11.37 23.37 -17.52
N HIS B 64 10.72 22.89 -16.47
CA HIS B 64 9.42 23.38 -16.04
C HIS B 64 9.57 23.93 -14.62
N VAL B 65 8.99 25.09 -14.36
CA VAL B 65 9.16 25.74 -13.07
C VAL B 65 7.81 25.91 -12.41
N HIS B 66 7.80 25.79 -11.08
CA HIS B 66 6.62 26.01 -10.27
C HIS B 66 6.59 27.44 -9.78
N GLY B 67 5.37 27.99 -9.65
CA GLY B 67 5.14 29.26 -8.96
C GLY B 67 5.44 30.53 -9.72
N LEU B 68 6.49 30.53 -10.54
CA LEU B 68 6.91 31.74 -11.22
C LEU B 68 6.05 31.99 -12.45
N ASP B 69 6.03 33.25 -12.88
CA ASP B 69 5.32 33.63 -14.10
C ASP B 69 6.11 33.17 -15.31
N TYR B 70 5.43 32.52 -16.27
CA TYR B 70 6.08 32.16 -17.52
C TYR B 70 5.01 32.07 -18.59
N GLU B 71 5.37 32.47 -19.81
CA GLU B 71 4.45 32.28 -20.91
C GLU B 71 4.36 30.80 -21.28
N ILE B 72 3.33 30.46 -22.06
CA ILE B 72 3.11 29.05 -22.41
C ILE B 72 4.32 28.50 -23.16
N SER B 73 5.04 29.35 -23.88
CA SER B 73 6.24 28.94 -24.61
C SER B 73 7.39 28.51 -23.69
N SER B 74 7.31 28.79 -22.39
N SER B 74 7.32 28.80 -22.39
CA SER B 74 8.28 28.30 -21.42
CA SER B 74 8.36 28.39 -21.45
C SER B 74 7.66 27.32 -20.43
C SER B 74 7.84 27.41 -20.41
N ASP B 75 6.54 26.71 -20.82
N ASP B 75 6.70 26.77 -20.69
CA ASP B 75 5.93 25.68 -19.98
CA ASP B 75 6.15 25.83 -19.70
C ASP B 75 6.87 24.51 -19.76
C ASP B 75 6.93 24.53 -19.66
N GLY B 76 7.70 24.20 -20.75
N GLY B 76 7.73 24.23 -20.68
CA GLY B 76 8.64 23.10 -20.64
CA GLY B 76 8.64 23.10 -20.65
C GLY B 76 8.01 21.74 -20.89
C GLY B 76 7.98 21.74 -20.85
N THR B 77 7.02 21.64 -21.76
CA THR B 77 6.38 20.37 -22.07
C THR B 77 6.44 20.10 -23.56
N LYS B 78 6.59 18.82 -23.89
CA LYS B 78 6.50 18.40 -25.29
C LYS B 78 5.14 18.74 -25.86
N GLN B 79 4.10 18.71 -25.02
CA GLN B 79 2.74 19.02 -25.46
C GLN B 79 2.67 20.38 -26.15
N ASN B 80 3.35 21.38 -25.59
CA ASN B 80 3.42 22.72 -26.16
C ASN B 80 4.65 22.94 -27.02
N LYS B 81 5.45 21.90 -27.26
CA LYS B 81 6.70 22.00 -28.01
C LYS B 81 7.69 22.96 -27.34
N SER B 82 7.72 22.97 -26.02
CA SER B 82 8.69 23.77 -25.30
C SER B 82 9.76 22.92 -24.61
N HIS B 83 9.97 21.70 -25.11
CA HIS B 83 11.07 20.84 -24.73
C HIS B 83 12.30 21.16 -25.59
N VAL B 84 13.44 20.58 -25.24
CA VAL B 84 14.70 20.82 -25.94
C VAL B 84 15.20 19.49 -26.48
N GLU B 85 15.37 19.42 -27.80
CA GLU B 85 15.89 18.23 -28.45
C GLU B 85 17.35 18.01 -28.06
N PRO B 86 17.87 16.78 -28.24
CA PRO B 86 19.28 16.53 -27.92
C PRO B 86 20.19 17.49 -28.66
N GLY B 87 21.18 18.03 -27.95
CA GLY B 87 22.05 19.04 -28.51
C GLY B 87 21.41 20.40 -28.71
N GLY B 88 20.12 20.53 -28.44
CA GLY B 88 19.42 21.76 -28.75
C GLY B 88 19.60 22.82 -27.68
N THR B 89 19.26 24.05 -28.06
CA THR B 89 19.26 25.18 -27.14
C THR B 89 17.90 25.85 -27.17
N ARG B 90 17.57 26.50 -26.06
CA ARG B 90 16.32 27.23 -25.93
C ARG B 90 16.51 28.21 -24.79
N THR B 91 15.83 29.33 -24.87
CA THR B 91 15.82 30.30 -23.78
C THR B 91 14.48 30.19 -23.07
N TYR B 92 14.51 29.72 -21.82
CA TYR B 92 13.31 29.75 -20.99
C TYR B 92 13.28 31.06 -20.24
N THR B 93 12.12 31.70 -20.19
CA THR B 93 12.03 32.98 -19.49
C THR B 93 11.07 32.86 -18.32
N TRP B 94 11.57 33.18 -17.13
CA TRP B 94 10.77 33.23 -15.92
C TRP B 94 10.66 34.68 -15.45
N ARG B 95 9.46 35.08 -15.05
N ARG B 95 9.46 35.09 -15.06
CA ARG B 95 9.23 36.42 -14.53
CA ARG B 95 9.24 36.41 -14.52
C ARG B 95 8.60 36.30 -13.15
C ARG B 95 8.61 36.29 -13.14
N THR B 96 8.72 37.37 -12.36
CA THR B 96 8.16 37.43 -11.02
C THR B 96 7.50 38.80 -10.86
N HIS B 97 6.61 38.90 -9.89
CA HIS B 97 5.90 40.14 -9.67
C HIS B 97 5.69 40.36 -8.18
N GLU B 98 5.60 41.62 -7.81
CA GLU B 98 5.27 41.99 -6.45
C GLU B 98 3.77 41.81 -6.22
N PRO B 99 3.36 41.60 -4.98
CA PRO B 99 1.93 41.61 -4.68
C PRO B 99 1.37 43.01 -4.85
N GLY B 100 0.04 43.07 -4.99
CA GLY B 100 -0.58 44.36 -5.16
C GLY B 100 -2.07 44.28 -5.39
N ARG B 101 -2.75 45.39 -5.19
CA ARG B 101 -4.20 45.45 -5.32
C ARG B 101 -4.56 45.51 -6.81
N ARG B 102 -5.37 44.57 -7.27
CA ARG B 102 -5.82 44.59 -8.66
C ARG B 102 -6.84 45.71 -8.86
N ALA B 103 -7.05 46.08 -10.13
CA ALA B 103 -8.13 47.01 -10.47
C ALA B 103 -9.46 46.52 -9.92
N ASP B 104 -9.70 45.21 -9.91
CA ASP B 104 -10.97 44.71 -9.41
C ASP B 104 -11.07 44.76 -7.89
N GLY B 105 -10.06 45.29 -7.21
CA GLY B 105 -10.12 45.48 -5.77
C GLY B 105 -9.57 44.35 -4.93
N THR B 106 -9.27 43.19 -5.52
CA THR B 106 -8.73 42.07 -4.77
C THR B 106 -7.20 42.14 -4.72
N TRP B 107 -6.61 41.34 -3.85
CA TRP B 107 -5.17 41.36 -3.60
C TRP B 107 -4.50 40.28 -4.43
N ARG B 108 -3.68 40.70 -5.40
CA ARG B 108 -2.93 39.74 -6.21
C ARG B 108 -1.71 39.26 -5.45
N ALA B 109 -1.62 37.95 -5.26
CA ALA B 109 -0.48 37.35 -4.56
C ALA B 109 0.80 37.53 -5.38
N GLY B 110 1.89 37.86 -4.67
CA GLY B 110 3.18 37.96 -5.30
C GLY B 110 3.79 36.60 -5.58
N SER B 111 4.92 36.63 -6.30
CA SER B 111 5.67 35.42 -6.65
C SER B 111 6.46 34.83 -5.48
N ALA B 112 6.65 35.57 -4.40
CA ALA B 112 7.57 35.15 -3.35
C ALA B 112 7.19 33.79 -2.76
N GLY B 113 8.20 32.96 -2.54
CA GLY B 113 8.00 31.67 -1.92
C GLY B 113 9.13 30.72 -2.24
N TYR B 114 8.95 29.48 -1.75
CA TYR B 114 9.90 28.41 -1.99
C TYR B 114 9.34 27.54 -3.12
N TRP B 115 10.05 27.54 -4.25
CA TRP B 115 9.59 26.90 -5.47
C TRP B 115 10.66 25.93 -5.97
N HIS B 116 10.47 25.38 -7.16
CA HIS B 116 11.41 24.42 -7.72
C HIS B 116 11.17 24.30 -9.22
N TYR B 117 12.19 23.79 -9.93
CA TYR B 117 12.12 23.47 -11.35
C TYR B 117 12.49 22.01 -11.55
N HIS B 118 12.02 21.43 -12.66
CA HIS B 118 12.32 20.02 -12.92
C HIS B 118 11.99 19.68 -14.36
N ASP B 119 12.42 18.50 -14.77
CA ASP B 119 12.17 18.01 -16.12
C ASP B 119 10.72 17.57 -16.27
N HIS B 120 10.22 17.64 -17.51
CA HIS B 120 8.84 17.27 -17.80
C HIS B 120 8.73 16.33 -19.00
N VAL B 121 9.84 15.80 -19.53
CA VAL B 121 9.74 15.00 -20.76
C VAL B 121 10.57 13.73 -20.77
N VAL B 122 11.50 13.56 -19.82
CA VAL B 122 12.34 12.36 -19.84
C VAL B 122 11.57 11.18 -19.28
N GLY B 123 11.55 10.07 -20.03
CA GLY B 123 10.84 8.87 -19.61
C GLY B 123 9.38 8.93 -19.97
N THR B 124 8.65 9.91 -19.43
CA THR B 124 7.26 10.14 -19.80
C THR B 124 7.06 11.61 -20.09
N GLU B 125 5.89 11.94 -20.63
CA GLU B 125 5.52 13.34 -20.84
C GLU B 125 5.22 14.08 -19.57
N HIS B 126 5.47 13.47 -18.40
CA HIS B 126 5.46 14.21 -17.15
C HIS B 126 6.79 14.14 -16.43
N GLY B 127 7.84 13.71 -17.13
CA GLY B 127 9.19 13.78 -16.58
C GLY B 127 9.49 12.75 -15.52
N THR B 128 8.69 11.69 -15.42
CA THR B 128 8.90 10.69 -14.38
C THR B 128 10.33 10.16 -14.39
N GLY B 129 10.85 9.81 -15.56
CA GLY B 129 12.23 9.33 -15.63
C GLY B 129 13.24 10.42 -15.30
N GLY B 130 13.02 11.63 -15.80
CA GLY B 130 13.99 12.69 -15.57
C GLY B 130 14.08 13.07 -14.11
N ILE B 131 12.91 13.22 -13.47
CA ILE B 131 12.86 13.51 -12.04
C ILE B 131 13.56 12.40 -11.26
N ARG B 132 13.22 11.15 -11.58
CA ARG B 132 13.87 10.03 -10.91
C ARG B 132 15.39 10.10 -11.07
N ASN B 133 15.86 10.51 -12.25
CA ASN B 133 17.29 10.55 -12.53
C ASN B 133 18.03 11.71 -11.87
N GLY B 134 17.31 12.73 -11.40
CA GLY B 134 17.97 13.83 -10.72
C GLY B 134 17.72 15.21 -11.27
N LEU B 135 16.84 15.35 -12.27
CA LEU B 135 16.59 16.65 -12.91
C LEU B 135 15.55 17.46 -12.11
N TYR B 136 16.03 18.07 -11.02
CA TYR B 136 15.20 18.93 -10.19
C TYR B 136 16.12 19.88 -9.43
N GLY B 137 15.59 21.05 -9.08
CA GLY B 137 16.38 22.03 -8.36
C GLY B 137 15.49 23.06 -7.69
N PRO B 138 16.06 23.79 -6.73
CA PRO B 138 15.27 24.75 -5.95
C PRO B 138 15.27 26.14 -6.55
N VAL B 139 14.17 26.86 -6.32
CA VAL B 139 14.05 28.26 -6.67
C VAL B 139 13.49 28.99 -5.46
N ILE B 140 14.12 30.10 -5.07
CA ILE B 140 13.63 30.97 -4.01
C ILE B 140 13.35 32.34 -4.59
N VAL B 141 12.15 32.85 -4.38
CA VAL B 141 11.78 34.21 -4.74
C VAL B 141 11.53 34.97 -3.44
N ARG B 142 12.27 36.05 -3.22
CA ARG B 142 12.17 36.82 -1.98
C ARG B 142 11.35 38.09 -2.19
N ARG B 143 10.59 38.44 -1.15
CA ARG B 143 9.86 39.70 -1.13
C ARG B 143 10.73 40.78 -0.49
N LYS B 144 10.58 42.02 -0.97
CA LYS B 144 11.23 43.17 -0.37
C LYS B 144 11.07 43.12 1.15
N GLY B 145 12.20 43.18 1.86
CA GLY B 145 12.20 43.14 3.30
C GLY B 145 12.29 41.76 3.93
N ASP B 146 12.23 40.68 3.14
CA ASP B 146 12.40 39.34 3.69
C ASP B 146 13.76 39.22 4.36
N VAL B 147 13.81 38.51 5.48
CA VAL B 147 15.08 38.32 6.18
C VAL B 147 15.96 37.36 5.39
N LEU B 148 17.24 37.73 5.22
CA LEU B 148 18.21 36.92 4.49
C LEU B 148 18.98 36.00 5.44
N PRO B 149 19.20 34.75 5.04
CA PRO B 149 19.86 33.78 5.91
C PRO B 149 21.37 33.79 5.76
N ASP B 150 22.04 33.12 6.71
CA ASP B 150 23.49 32.96 6.66
C ASP B 150 23.89 31.83 5.71
N ALA B 151 23.00 30.86 5.49
CA ALA B 151 23.24 29.71 4.65
C ALA B 151 21.89 29.14 4.22
N THR B 152 21.88 28.48 3.06
CA THR B 152 20.67 27.85 2.52
C THR B 152 20.98 26.39 2.18
N HIS B 153 20.13 25.47 2.63
CA HIS B 153 20.31 24.05 2.35
C HIS B 153 19.04 23.49 1.73
N THR B 154 19.22 22.68 0.69
CA THR B 154 18.09 22.11 -0.04
C THR B 154 18.00 20.61 0.21
N ILE B 155 16.83 20.17 0.66
CA ILE B 155 16.54 18.79 1.00
C ILE B 155 15.40 18.34 0.12
N VAL B 156 15.67 17.41 -0.80
CA VAL B 156 14.66 16.87 -1.70
C VAL B 156 14.41 15.42 -1.35
N PHE B 157 13.17 15.11 -0.99
CA PHE B 157 12.73 13.72 -0.83
C PHE B 157 12.27 13.24 -2.21
N ASN B 158 13.09 12.43 -2.87
CA ASN B 158 12.76 11.92 -4.20
C ASN B 158 12.57 10.42 -4.09
N ASP B 159 11.33 9.96 -4.29
CA ASP B 159 10.94 8.59 -3.96
C ASP B 159 11.44 8.34 -2.54
N ALA B 160 12.09 7.21 -2.25
CA ALA B 160 12.58 6.91 -0.90
C ALA B 160 14.06 7.27 -0.75
N THR B 161 14.50 8.39 -1.32
CA THR B 161 15.88 8.86 -1.18
C THR B 161 15.88 10.33 -0.81
N ILE B 162 17.02 10.79 -0.28
CA ILE B 162 17.26 12.22 -0.11
C ILE B 162 18.26 12.63 -1.17
N ASN B 163 17.86 13.54 -2.06
CA ASN B 163 18.77 14.11 -3.05
C ASN B 163 19.42 13.02 -3.90
N ASN B 164 18.69 11.94 -4.15
CA ASN B 164 19.13 10.81 -4.98
C ASN B 164 20.34 10.10 -4.39
N ARG B 165 20.60 10.27 -3.09
CA ARG B 165 21.74 9.64 -2.46
C ARG B 165 21.43 8.19 -2.09
N PRO B 166 22.45 7.33 -2.02
CA PRO B 166 22.25 6.01 -1.42
C PRO B 166 21.71 6.13 0.00
N ALA B 167 20.97 5.11 0.42
CA ALA B 167 20.40 5.07 1.76
C ALA B 167 21.49 5.28 2.81
N HIS B 168 21.13 5.95 3.89
CA HIS B 168 22.01 6.15 5.04
C HIS B 168 23.26 6.94 4.71
N THR B 169 23.19 7.88 3.75
CA THR B 169 24.36 8.70 3.46
C THR B 169 24.05 10.19 3.59
N GLY B 170 23.08 10.55 4.42
CA GLY B 170 22.75 11.94 4.62
C GLY B 170 21.89 12.52 3.51
N PRO B 171 22.18 13.77 3.10
CA PRO B 171 23.32 14.61 3.46
C PRO B 171 23.27 15.22 4.85
N ASN B 172 24.43 15.61 5.35
CA ASN B 172 24.55 16.40 6.56
C ASN B 172 24.84 17.85 6.19
N PHE B 173 24.41 18.75 7.07
CA PHE B 173 24.64 20.18 6.92
C PHE B 173 25.22 20.72 8.21
N GLU B 174 26.18 21.63 8.09
CA GLU B 174 26.86 22.18 9.25
C GLU B 174 26.47 23.63 9.46
N ALA B 175 26.34 24.01 10.73
CA ALA B 175 26.16 25.40 11.10
C ALA B 175 26.85 25.62 12.44
N THR B 176 26.91 26.88 12.85
CA THR B 176 27.33 27.27 14.18
C THR B 176 26.11 27.77 14.94
N VAL B 177 26.08 27.49 16.25
CA VAL B 177 25.00 27.99 17.10
C VAL B 177 24.77 29.47 16.80
N GLY B 178 23.51 29.84 16.60
CA GLY B 178 23.13 31.21 16.32
C GLY B 178 23.01 31.56 14.85
N ASP B 179 23.55 30.71 13.97
CA ASP B 179 23.42 30.92 12.53
C ASP B 179 21.95 30.95 12.14
N ARG B 180 21.63 31.80 11.17
CA ARG B 180 20.29 31.83 10.60
C ARG B 180 20.32 30.98 9.35
N VAL B 181 19.69 29.80 9.42
CA VAL B 181 19.82 28.78 8.40
C VAL B 181 18.48 28.63 7.71
N GLU B 182 18.52 28.61 6.38
CA GLU B 182 17.32 28.47 5.57
C GLU B 182 17.30 27.07 4.99
N ILE B 183 16.16 26.40 5.14
CA ILE B 183 15.95 25.06 4.58
C ILE B 183 14.93 25.16 3.47
N VAL B 184 15.27 24.65 2.28
CA VAL B 184 14.32 24.48 1.19
C VAL B 184 13.98 23.00 1.10
N MET B 185 12.69 22.67 1.14
CA MET B 185 12.23 21.29 1.23
C MET B 185 11.32 20.99 0.05
N ILE B 186 11.74 20.05 -0.81
CA ILE B 186 11.05 19.69 -2.03
C ILE B 186 10.79 18.20 -2.02
N THR B 187 9.66 17.79 -2.59
CA THR B 187 9.30 16.39 -2.65
C THR B 187 8.99 16.03 -4.09
N HIS B 188 9.41 14.84 -4.50
CA HIS B 188 9.22 14.37 -5.86
C HIS B 188 8.97 12.88 -5.87
N GLY B 189 8.32 12.43 -6.95
CA GLY B 189 8.22 11.01 -7.21
C GLY B 189 6.85 10.43 -6.96
N GLU B 190 6.81 9.35 -6.19
CA GLU B 190 5.63 8.54 -6.05
C GLU B 190 5.01 8.58 -4.66
N TYR B 191 5.77 8.93 -3.63
CA TYR B 191 5.37 8.72 -2.25
C TYR B 191 5.14 10.03 -1.51
N TYR B 192 4.23 9.96 -0.53
CA TYR B 192 4.13 11.00 0.46
C TYR B 192 5.22 10.79 1.52
N HIS B 193 5.57 11.88 2.19
CA HIS B 193 6.59 11.86 3.23
C HIS B 193 6.14 12.78 4.35
N THR B 194 6.85 12.69 5.49
CA THR B 194 6.70 13.68 6.56
C THR B 194 8.10 14.11 6.99
N PHE B 195 8.40 15.39 6.81
CA PHE B 195 9.71 15.92 7.15
C PHE B 195 9.72 16.36 8.60
N HIS B 196 10.73 15.91 9.35
CA HIS B 196 10.86 16.20 10.79
C HIS B 196 12.27 16.64 11.09
N MET B 197 12.40 17.71 11.88
N MET B 197 12.41 17.66 11.94
CA MET B 197 13.67 18.18 12.40
CA MET B 197 13.72 18.13 12.36
C MET B 197 13.69 18.06 13.91
C MET B 197 13.78 18.20 13.88
N HIS B 198 14.76 17.49 14.46
CA HIS B 198 14.95 17.53 15.90
C HIS B 198 15.46 18.90 16.32
N GLY B 199 15.06 19.34 17.51
CA GLY B 199 15.63 20.50 18.17
C GLY B 199 15.14 21.83 17.65
N HIS B 200 14.28 21.85 16.62
CA HIS B 200 13.96 23.08 15.94
C HIS B 200 12.51 23.02 15.46
N ARG B 201 11.96 24.19 15.14
CA ARG B 201 10.58 24.26 14.68
C ARG B 201 10.40 25.52 13.83
N TRP B 202 9.31 25.55 13.08
CA TRP B 202 9.05 26.68 12.20
C TRP B 202 7.55 26.90 12.08
N ALA B 203 7.17 28.01 11.44
CA ALA B 203 5.77 28.34 11.24
C ALA B 203 5.30 27.84 9.87
N ASP B 204 4.10 27.27 9.82
CA ASP B 204 3.56 26.72 8.58
C ASP B 204 2.92 27.84 7.76
N ASN B 205 3.78 28.69 7.21
CA ASN B 205 3.33 29.83 6.40
C ASN B 205 4.37 30.10 5.31
N ARG B 206 4.26 31.24 4.63
CA ARG B 206 5.09 31.47 3.44
C ARG B 206 6.58 31.44 3.77
N THR B 207 7.00 32.17 4.81
CA THR B 207 8.40 32.31 5.12
C THR B 207 8.89 31.29 6.15
N GLY B 208 7.99 30.58 6.82
CA GLY B 208 8.37 29.74 7.92
C GLY B 208 8.63 30.51 9.21
N MET B 209 8.39 31.81 9.22
CA MET B 209 8.53 32.63 10.42
C MET B 209 7.22 33.39 10.63
N LEU B 210 6.78 33.49 11.88
CA LEU B 210 5.58 34.25 12.17
C LEU B 210 5.84 35.72 11.91
N THR B 211 4.83 36.40 11.37
CA THR B 211 4.98 37.82 11.08
C THR B 211 4.99 38.68 12.34
N GLY B 212 4.54 38.14 13.47
CA GLY B 212 4.31 38.90 14.68
C GLY B 212 3.24 38.23 15.52
N PRO B 213 2.78 38.91 16.57
CA PRO B 213 1.85 38.26 17.50
C PRO B 213 0.47 37.97 16.91
N ASP B 214 0.14 38.48 15.73
CA ASP B 214 -1.20 38.29 15.15
C ASP B 214 -1.27 37.14 14.15
N ASP B 215 -0.16 36.49 13.86
CA ASP B 215 -0.10 35.39 12.88
C ASP B 215 -0.57 34.08 13.54
N PRO B 216 -1.67 33.50 13.11
CA PRO B 216 -2.20 32.29 13.77
C PRO B 216 -1.66 30.98 13.25
N SER B 217 -0.68 31.00 12.34
CA SER B 217 -0.17 29.79 11.71
C SER B 217 0.32 28.79 12.75
N GLN B 218 0.05 27.51 12.52
CA GLN B 218 0.57 26.48 13.41
C GLN B 218 2.09 26.45 13.37
N VAL B 219 2.72 26.34 14.54
CA VAL B 219 4.15 26.12 14.64
C VAL B 219 4.35 24.62 14.72
N ILE B 220 5.27 24.09 13.89
CA ILE B 220 5.37 22.67 13.63
C ILE B 220 6.84 22.26 13.60
N ASP B 221 7.09 20.96 13.77
CA ASP B 221 8.40 20.41 13.49
C ASP B 221 8.31 19.16 12.62
N ASN B 222 7.15 18.96 11.99
CA ASN B 222 6.82 17.76 11.24
C ASN B 222 5.81 18.17 10.18
N LYS B 223 6.03 17.79 8.93
CA LYS B 223 5.12 18.29 7.88
C LYS B 223 4.96 17.24 6.80
N ILE B 224 3.71 16.92 6.47
CA ILE B 224 3.45 15.98 5.38
C ILE B 224 3.59 16.69 4.05
N CYS B 225 4.16 15.98 3.07
CA CYS B 225 4.41 16.54 1.76
C CYS B 225 4.28 15.43 0.72
N GLY B 226 3.86 15.80 -0.48
CA GLY B 226 3.76 14.88 -1.58
C GLY B 226 4.48 15.38 -2.82
N PRO B 227 4.45 14.59 -3.90
CA PRO B 227 5.23 14.93 -5.10
C PRO B 227 4.93 16.34 -5.60
N ALA B 228 6.01 17.09 -5.84
CA ALA B 228 6.06 18.46 -6.32
C ALA B 228 5.67 19.50 -5.26
N ASP B 229 5.42 19.10 -4.02
CA ASP B 229 5.28 20.08 -2.95
C ASP B 229 6.62 20.74 -2.66
N SER B 230 6.56 22.03 -2.31
CA SER B 230 7.77 22.71 -1.83
C SER B 230 7.40 23.66 -0.71
N PHE B 231 8.26 23.74 0.28
CA PHE B 231 8.14 24.76 1.32
C PHE B 231 9.53 25.08 1.83
N GLY B 232 9.63 26.13 2.63
CA GLY B 232 10.91 26.46 3.23
C GLY B 232 10.69 27.25 4.50
N PHE B 233 11.79 27.42 5.23
CA PHE B 233 11.73 28.13 6.50
C PHE B 233 13.15 28.53 6.87
N GLN B 234 13.24 29.39 7.87
CA GLN B 234 14.52 29.73 8.48
C GLN B 234 14.46 29.38 9.96
N ILE B 235 15.58 28.91 10.50
CA ILE B 235 15.70 28.67 11.92
C ILE B 235 16.98 29.35 12.39
N ILE B 236 17.03 29.62 13.69
CA ILE B 236 18.26 30.01 14.36
C ILE B 236 18.87 28.72 14.93
N ALA B 237 20.02 28.32 14.41
CA ALA B 237 20.63 27.05 14.77
C ALA B 237 20.87 26.98 16.27
N GLY B 238 20.36 25.92 16.90
CA GLY B 238 20.55 25.71 18.31
C GLY B 238 19.80 26.65 19.24
N GLU B 239 18.87 27.46 18.73
CA GLU B 239 18.22 28.47 19.55
C GLU B 239 17.40 27.81 20.66
N GLY B 240 17.77 28.09 21.91
CA GLY B 240 17.09 27.52 23.05
C GLY B 240 17.39 26.06 23.31
N VAL B 241 18.24 25.44 22.50
CA VAL B 241 18.52 24.01 22.61
C VAL B 241 20.00 23.69 22.58
N GLY B 242 20.86 24.55 22.03
CA GLY B 242 22.29 24.36 22.10
C GLY B 242 22.87 23.58 20.93
N ALA B 243 24.18 23.35 21.02
CA ALA B 243 24.91 22.63 19.99
C ALA B 243 24.59 21.14 20.01
N GLY B 244 24.87 20.48 18.90
CA GLY B 244 24.67 19.05 18.82
C GLY B 244 24.45 18.60 17.40
N ALA B 245 24.47 17.28 17.22
CA ALA B 245 24.08 16.65 15.96
C ALA B 245 22.57 16.48 16.00
N TRP B 246 21.85 17.38 15.32
CA TRP B 246 20.39 17.36 15.33
C TRP B 246 19.87 16.61 14.10
N MET B 247 19.17 15.51 14.33
CA MET B 247 18.69 14.68 13.24
C MET B 247 17.56 15.38 12.49
N TYR B 248 17.52 15.15 11.18
CA TYR B 248 16.32 15.37 10.40
C TYR B 248 16.05 14.08 9.63
N HIS B 249 14.79 13.83 9.35
CA HIS B 249 14.49 12.59 8.64
C HIS B 249 13.06 12.63 8.18
N CYS B 250 12.73 11.78 7.22
CA CYS B 250 11.32 11.46 7.02
C CYS B 250 10.85 10.65 8.21
N HIS B 251 9.65 10.94 8.69
CA HIS B 251 9.16 10.22 9.86
C HIS B 251 8.30 9.02 9.50
N VAL B 252 8.01 8.79 8.22
CA VAL B 252 7.44 7.51 7.82
C VAL B 252 8.41 6.42 8.25
N GLN B 253 7.93 5.49 9.09
CA GLN B 253 8.87 4.69 9.86
C GLN B 253 9.77 3.85 8.96
N SER B 254 9.22 3.23 7.92
CA SER B 254 10.09 2.41 7.08
C SER B 254 11.04 3.28 6.26
N HIS B 255 10.66 4.53 5.98
CA HIS B 255 11.55 5.41 5.22
C HIS B 255 12.75 5.83 6.06
N SER B 256 12.53 6.19 7.33
CA SER B 256 13.66 6.54 8.18
C SER B 256 14.51 5.31 8.45
N ASP B 257 13.88 4.15 8.67
CA ASP B 257 14.65 2.93 8.89
C ASP B 257 15.52 2.60 7.69
N MET B 258 14.98 2.81 6.48
N MET B 258 15.01 2.83 6.48
CA MET B 258 15.69 2.53 5.23
CA MET B 258 15.78 2.45 5.30
C MET B 258 16.90 3.42 5.07
C MET B 258 16.65 3.59 4.77
N GLY B 259 16.84 4.64 5.58
CA GLY B 259 17.96 5.54 5.42
C GLY B 259 17.66 6.96 4.97
N MET B 260 16.39 7.39 5.00
CA MET B 260 16.05 8.78 4.69
C MET B 260 16.27 9.62 5.94
N VAL B 261 17.55 9.76 6.31
N VAL B 261 17.54 9.75 6.30
CA VAL B 261 17.98 10.41 7.54
CA VAL B 261 17.97 10.44 7.51
C VAL B 261 19.24 11.22 7.27
C VAL B 261 19.20 11.27 7.20
N GLY B 262 19.36 12.36 7.94
CA GLY B 262 20.58 13.15 7.89
C GLY B 262 20.78 13.89 9.19
N LEU B 263 21.85 14.70 9.24
CA LEU B 263 22.20 15.41 10.46
C LEU B 263 22.38 16.89 10.19
N PHE B 264 21.76 17.71 11.03
CA PHE B 264 22.02 19.14 11.11
C PHE B 264 23.09 19.29 12.20
N LEU B 265 24.34 19.48 11.79
CA LEU B 265 25.48 19.47 12.71
C LEU B 265 25.71 20.89 13.21
N VAL B 266 25.21 21.18 14.41
CA VAL B 266 25.31 22.53 14.95
C VAL B 266 26.49 22.59 15.91
N LYS B 267 27.48 23.41 15.57
CA LYS B 267 28.74 23.49 16.26
C LYS B 267 28.74 24.61 17.30
N LYS B 268 29.54 24.42 18.35
CA LYS B 268 29.86 25.50 19.26
C LYS B 268 30.78 26.48 18.54
N PRO B 269 30.97 27.69 19.09
CA PRO B 269 31.90 28.62 18.45
C PRO B 269 33.30 28.05 18.26
N ASP B 270 33.77 27.20 19.17
CA ASP B 270 35.07 26.57 18.96
C ASP B 270 35.04 25.50 17.87
N GLY B 271 33.86 25.17 17.35
CA GLY B 271 33.75 24.23 16.25
C GLY B 271 33.43 22.80 16.65
N THR B 272 33.29 22.52 17.94
CA THR B 272 33.02 21.17 18.41
C THR B 272 31.52 20.91 18.53
N ILE B 273 31.15 19.64 18.46
CA ILE B 273 29.76 19.20 18.51
C ILE B 273 29.61 18.23 19.67
N PRO B 274 28.95 18.61 20.76
CA PRO B 274 28.88 17.74 21.94
C PRO B 274 28.11 16.46 21.66
N GLY B 275 28.72 15.33 22.01
CA GLY B 275 28.07 14.05 21.88
C GLY B 275 28.12 13.41 20.51
N TYR B 276 28.97 13.91 19.62
CA TYR B 276 29.02 13.46 18.23
C TYR B 276 30.45 13.13 17.83
N ASP B 277 30.64 11.99 17.16
CA ASP B 277 31.96 11.60 16.67
C ASP B 277 31.97 11.50 15.15
N PRO B 278 32.99 12.03 14.47
CA PRO B 278 33.19 11.87 13.03
C PRO B 278 34.10 10.68 12.69
N GLY C 2 -19.06 40.78 -8.94
CA GLY C 2 -20.09 40.89 -7.93
C GLY C 2 -19.65 40.31 -6.59
N ALA C 3 -20.48 40.48 -5.57
CA ALA C 3 -20.18 40.00 -4.22
C ALA C 3 -21.36 39.23 -3.66
N ALA C 4 -21.07 38.27 -2.80
CA ALA C 4 -22.12 37.46 -2.20
C ALA C 4 -22.94 38.28 -1.22
N PRO C 5 -24.27 38.15 -1.24
CA PRO C 5 -25.10 38.86 -0.26
C PRO C 5 -25.11 38.14 1.07
N ALA C 6 -25.68 38.81 2.07
CA ALA C 6 -26.04 38.14 3.32
C ALA C 6 -27.04 37.03 3.03
N GLY C 7 -26.85 35.88 3.67
CA GLY C 7 -27.78 34.78 3.57
C GLY C 7 -28.91 34.87 4.58
N GLY C 8 -29.68 33.78 4.66
CA GLY C 8 -30.87 33.74 5.48
C GLY C 8 -32.12 33.30 4.75
N GLU C 9 -32.01 32.89 3.49
CA GLU C 9 -33.18 32.40 2.78
C GLU C 9 -33.38 30.92 3.10
N VAL C 10 -34.65 30.49 3.12
CA VAL C 10 -34.97 29.07 3.15
C VAL C 10 -35.12 28.63 1.70
N ARG C 11 -34.25 27.73 1.25
CA ARG C 11 -34.25 27.25 -0.13
C ARG C 11 -34.64 25.79 -0.17
N ARG C 12 -35.21 25.37 -1.31
CA ARG C 12 -35.60 23.99 -1.52
C ARG C 12 -35.09 23.52 -2.86
N VAL C 13 -34.70 22.25 -2.91
CA VAL C 13 -34.29 21.64 -4.17
C VAL C 13 -34.65 20.16 -4.12
N THR C 14 -35.00 19.61 -5.29
CA THR C 14 -35.18 18.19 -5.44
C THR C 14 -33.87 17.57 -5.90
N MET C 15 -33.51 16.45 -5.27
CA MET C 15 -32.33 15.70 -5.67
C MET C 15 -32.72 14.24 -5.85
N TYR C 16 -32.11 13.59 -6.83
CA TYR C 16 -32.33 12.19 -7.13
C TYR C 16 -31.00 11.46 -7.17
N ALA C 17 -30.98 10.24 -6.64
CA ALA C 17 -29.87 9.32 -6.88
C ALA C 17 -30.33 8.34 -7.96
N GLU C 18 -29.51 8.18 -9.00
CA GLU C 18 -29.89 7.39 -10.16
C GLU C 18 -28.72 6.53 -10.61
N ARG C 19 -29.03 5.36 -11.14
CA ARG C 19 -28.01 4.56 -11.80
C ARG C 19 -27.64 5.20 -13.14
N LEU C 20 -26.36 5.15 -13.47
CA LEU C 20 -25.85 5.58 -14.75
C LEU C 20 -25.20 4.38 -15.44
N ALA C 21 -24.69 4.59 -16.64
CA ALA C 21 -24.15 3.49 -17.43
C ALA C 21 -22.88 2.93 -16.80
N GLY C 22 -22.67 1.62 -16.99
CA GLY C 22 -21.42 0.99 -16.58
C GLY C 22 -21.26 0.79 -15.09
N GLY C 23 -22.35 0.62 -14.35
CA GLY C 23 -22.28 0.42 -12.92
C GLY C 23 -22.09 1.68 -12.11
N GLN C 24 -22.21 2.85 -12.73
CA GLN C 24 -22.03 4.10 -12.04
C GLN C 24 -23.34 4.56 -11.42
N MET C 25 -23.22 5.52 -10.49
CA MET C 25 -24.37 6.12 -9.83
C MET C 25 -24.08 7.60 -9.68
N GLY C 26 -25.11 8.43 -9.78
CA GLY C 26 -24.91 9.85 -9.69
C GLY C 26 -26.11 10.54 -9.11
N TYR C 27 -25.88 11.75 -8.61
CA TYR C 27 -26.94 12.62 -8.14
C TYR C 27 -27.34 13.59 -9.24
N GLY C 28 -28.61 14.00 -9.23
CA GLY C 28 -29.06 15.03 -10.14
C GLY C 28 -30.20 15.83 -9.54
N LEU C 29 -30.44 17.01 -10.14
CA LEU C 29 -31.54 17.88 -9.77
C LEU C 29 -32.86 17.50 -10.43
N GLU C 30 -32.81 16.75 -11.52
CA GLU C 30 -34.01 16.34 -12.25
C GLU C 30 -33.86 14.88 -12.67
N LYS C 31 -34.98 14.18 -12.76
CA LYS C 31 -34.95 12.78 -13.15
C LYS C 31 -34.31 12.64 -14.51
N GLY C 32 -33.36 11.70 -14.61
CA GLY C 32 -32.69 11.42 -15.85
C GLY C 32 -31.51 12.31 -16.17
N LYS C 33 -31.21 13.28 -15.31
CA LYS C 33 -30.11 14.21 -15.56
C LYS C 33 -29.06 14.13 -14.45
N ALA C 34 -28.89 12.95 -13.87
CA ALA C 34 -27.82 12.74 -12.91
C ALA C 34 -26.47 12.93 -13.59
N SER C 35 -25.49 13.39 -12.83
CA SER C 35 -24.16 13.67 -13.36
C SER C 35 -23.12 13.30 -12.32
N ILE C 36 -21.90 13.08 -12.79
CA ILE C 36 -20.74 12.89 -11.92
C ILE C 36 -19.71 13.95 -12.31
N PRO C 37 -19.32 14.86 -11.41
CA PRO C 37 -19.85 15.07 -10.05
C PRO C 37 -21.30 15.51 -10.10
N GLY C 38 -21.99 15.39 -8.98
CA GLY C 38 -23.35 15.85 -8.90
C GLY C 38 -23.44 17.36 -8.98
N PRO C 39 -24.65 17.87 -8.91
CA PRO C 39 -24.87 19.31 -9.14
C PRO C 39 -24.19 20.16 -8.09
N LEU C 40 -23.70 21.32 -8.53
CA LEU C 40 -23.11 22.27 -7.61
C LEU C 40 -24.19 22.95 -6.79
N ILE C 41 -24.07 22.84 -5.47
N ILE C 41 -24.06 22.90 -5.47
CA ILE C 41 -24.95 23.54 -4.53
CA ILE C 41 -25.00 23.56 -4.57
C ILE C 41 -24.22 24.78 -4.04
C ILE C 41 -24.28 24.75 -3.96
N GLU C 42 -24.89 25.93 -4.10
CA GLU C 42 -24.32 27.19 -3.62
C GLU C 42 -25.25 27.82 -2.60
N LEU C 43 -24.69 28.20 -1.44
CA LEU C 43 -25.46 28.84 -0.39
C LEU C 43 -24.70 30.04 0.15
N ASN C 44 -25.44 31.00 0.71
CA ASN C 44 -24.88 32.09 1.48
C ASN C 44 -25.07 31.79 2.96
N GLU C 45 -24.07 32.17 3.77
CA GLU C 45 -24.11 31.90 5.20
C GLU C 45 -25.42 32.39 5.82
N GLY C 46 -26.11 31.49 6.52
CA GLY C 46 -27.42 31.76 7.07
C GLY C 46 -28.55 31.08 6.31
N ASP C 47 -28.32 30.70 5.06
CA ASP C 47 -29.31 29.98 4.27
C ASP C 47 -29.61 28.61 4.89
N THR C 48 -30.85 28.17 4.74
CA THR C 48 -31.24 26.81 5.00
C THR C 48 -31.60 26.15 3.68
N LEU C 49 -31.22 24.89 3.49
CA LEU C 49 -31.57 24.15 2.28
C LEU C 49 -32.31 22.89 2.66
N HIS C 50 -33.51 22.72 2.12
CA HIS C 50 -34.26 21.47 2.25
C HIS C 50 -34.05 20.69 0.96
N VAL C 51 -33.34 19.57 1.05
CA VAL C 51 -33.11 18.71 -0.11
C VAL C 51 -34.20 17.63 -0.09
N GLU C 52 -35.18 17.79 -0.97
CA GLU C 52 -36.22 16.77 -1.13
C GLU C 52 -35.63 15.66 -1.98
N PHE C 53 -35.20 14.60 -1.33
CA PHE C 53 -34.35 13.58 -1.93
C PHE C 53 -35.18 12.38 -2.31
N GLU C 54 -34.88 11.79 -3.48
CA GLU C 54 -35.53 10.57 -3.92
C GLU C 54 -34.47 9.59 -4.38
N ASN C 55 -34.58 8.35 -3.93
CA ASN C 55 -33.69 7.28 -4.36
C ASN C 55 -34.40 6.49 -5.45
N THR C 56 -33.93 6.61 -6.68
CA THR C 56 -34.55 5.88 -7.79
C THR C 56 -33.90 4.53 -8.03
N MET C 57 -32.89 4.17 -7.26
CA MET C 57 -32.17 2.92 -7.50
C MET C 57 -32.81 1.76 -6.73
N ASP C 58 -32.30 0.56 -6.95
CA ASP C 58 -32.80 -0.63 -6.29
C ASP C 58 -31.98 -1.02 -5.05
N VAL C 59 -31.05 -0.16 -4.63
CA VAL C 59 -30.28 -0.37 -3.41
C VAL C 59 -30.38 0.88 -2.55
N PRO C 60 -30.17 0.78 -1.24
CA PRO C 60 -30.21 1.97 -0.40
C PRO C 60 -29.09 2.95 -0.75
N VAL C 61 -29.35 4.24 -0.48
CA VAL C 61 -28.41 5.31 -0.75
C VAL C 61 -28.60 6.36 0.35
N SER C 62 -27.61 7.24 0.52
CA SER C 62 -27.77 8.34 1.46
C SER C 62 -27.09 9.59 0.93
N LEU C 63 -27.23 10.68 1.69
CA LEU C 63 -26.61 11.96 1.36
C LEU C 63 -25.97 12.49 2.64
N HIS C 64 -24.64 12.48 2.69
CA HIS C 64 -23.89 13.02 3.80
C HIS C 64 -23.12 14.25 3.32
N VAL C 65 -23.22 15.35 4.07
CA VAL C 65 -22.58 16.58 3.67
C VAL C 65 -21.48 16.91 4.68
N HIS C 66 -20.40 17.51 4.18
CA HIS C 66 -19.33 18.03 5.01
C HIS C 66 -19.56 19.51 5.34
N GLY C 67 -19.06 19.93 6.52
CA GLY C 67 -18.99 21.34 6.85
C GLY C 67 -20.26 22.01 7.31
N LEU C 68 -21.39 21.66 6.70
CA LEU C 68 -22.63 22.38 6.97
C LEU C 68 -23.25 21.89 8.29
N ASP C 69 -24.15 22.71 8.83
CA ASP C 69 -24.91 22.32 10.01
C ASP C 69 -26.03 21.37 9.60
N TYR C 70 -26.14 20.25 10.30
CA TYR C 70 -27.27 19.35 10.12
C TYR C 70 -27.50 18.60 11.43
N GLU C 71 -28.75 18.31 11.72
CA GLU C 71 -29.06 17.47 12.86
C GLU C 71 -28.74 16.02 12.54
N ILE C 72 -28.67 15.19 13.57
CA ILE C 72 -28.30 13.79 13.39
C ILE C 72 -29.26 13.09 12.42
N SER C 73 -30.50 13.57 12.31
CA SER C 73 -31.46 12.99 11.37
C SER C 73 -31.12 13.26 9.91
N SER C 74 -30.20 14.17 9.61
CA SER C 74 -29.70 14.36 8.25
C SER C 74 -28.22 14.00 8.12
N ASP C 75 -27.72 13.15 9.03
CA ASP C 75 -26.35 12.65 8.94
C ASP C 75 -26.15 11.84 7.66
N GLY C 76 -27.19 11.14 7.22
CA GLY C 76 -27.09 10.33 6.03
C GLY C 76 -26.36 9.03 6.24
N THR C 77 -26.55 8.39 7.39
CA THR C 77 -25.88 7.13 7.69
C THR C 77 -26.91 6.10 8.13
N LYS C 78 -26.61 4.83 7.85
CA LYS C 78 -27.47 3.77 8.34
C LYS C 78 -27.45 3.70 9.87
N GLN C 79 -26.32 4.08 10.48
CA GLN C 79 -26.18 4.02 11.92
C GLN C 79 -27.27 4.81 12.63
N ASN C 80 -27.55 6.02 12.12
N ASN C 80 -27.59 6.01 12.14
CA ASN C 80 -28.60 6.89 12.62
CA ASN C 80 -28.71 6.76 12.70
C ASN C 80 -29.90 6.75 11.84
C ASN C 80 -29.95 6.72 11.80
N LYS C 81 -30.02 5.72 11.00
N LYS C 81 -30.09 5.65 11.02
CA LYS C 81 -31.26 5.43 10.28
CA LYS C 81 -31.28 5.40 10.19
C LYS C 81 -31.68 6.60 9.40
C LYS C 81 -31.65 6.64 9.38
N SER C 82 -30.71 7.28 8.80
N SER C 82 -30.64 7.27 8.77
CA SER C 82 -30.98 8.45 7.95
CA SER C 82 -30.84 8.46 7.97
C SER C 82 -30.57 8.19 6.50
C SER C 82 -30.65 8.20 6.48
N HIS C 83 -30.56 6.94 6.08
CA HIS C 83 -30.41 6.57 4.68
C HIS C 83 -31.79 6.54 4.01
N VAL C 84 -31.80 6.28 2.71
CA VAL C 84 -33.02 6.23 1.92
C VAL C 84 -33.14 4.84 1.29
N GLU C 85 -34.22 4.13 1.60
CA GLU C 85 -34.47 2.82 1.03
C GLU C 85 -34.73 2.92 -0.47
N PRO C 86 -34.62 1.81 -1.21
CA PRO C 86 -34.90 1.85 -2.64
C PRO C 86 -36.30 2.38 -2.93
N GLY C 87 -36.39 3.29 -3.89
CA GLY C 87 -37.65 3.92 -4.23
C GLY C 87 -38.15 4.95 -3.24
N GLY C 88 -37.41 5.19 -2.14
CA GLY C 88 -37.91 6.01 -1.07
C GLY C 88 -37.57 7.48 -1.22
N THR C 89 -38.15 8.28 -0.33
CA THR C 89 -37.90 9.71 -0.33
C THR C 89 -37.62 10.14 1.11
N ARG C 90 -36.98 11.30 1.22
CA ARG C 90 -36.57 11.86 2.49
C ARG C 90 -36.17 13.31 2.23
N THR C 91 -36.46 14.19 3.18
CA THR C 91 -36.01 15.57 3.14
C THR C 91 -34.77 15.68 4.01
N TYR C 92 -33.61 15.92 3.39
CA TYR C 92 -32.42 16.27 4.13
C TYR C 92 -32.38 17.79 4.29
N THR C 93 -32.08 18.24 5.50
CA THR C 93 -32.02 19.68 5.77
C THR C 93 -30.60 20.04 6.15
N TRP C 94 -30.04 21.02 5.42
CA TRP C 94 -28.73 21.59 5.70
C TRP C 94 -28.93 23.04 6.13
N ARG C 95 -28.27 23.42 7.22
N ARG C 95 -28.26 23.43 7.22
CA ARG C 95 -28.26 24.79 7.69
CA ARG C 95 -28.28 24.80 7.66
C ARG C 95 -26.85 25.35 7.63
C ARG C 95 -26.86 25.35 7.63
N THR C 96 -26.75 26.68 7.62
CA THR C 96 -25.47 27.36 7.65
C THR C 96 -25.58 28.56 8.57
N HIS C 97 -24.45 29.05 9.05
CA HIS C 97 -24.47 30.18 9.96
C HIS C 97 -23.32 31.13 9.69
N GLU C 98 -23.52 32.39 10.05
CA GLU C 98 -22.49 33.40 9.99
C GLU C 98 -21.54 33.24 11.17
N PRO C 99 -20.30 33.74 11.04
CA PRO C 99 -19.41 33.78 12.21
C PRO C 99 -19.89 34.84 13.19
N GLY C 100 -19.37 34.78 14.40
CA GLY C 100 -19.81 35.72 15.42
C GLY C 100 -19.16 35.46 16.76
N ARG C 101 -19.24 36.48 17.60
CA ARG C 101 -18.65 36.43 18.93
C ARG C 101 -19.60 35.74 19.89
N ARG C 102 -19.14 34.67 20.54
CA ARG C 102 -19.98 33.98 21.50
C ARG C 102 -20.11 34.79 22.78
N ALA C 103 -21.00 34.34 23.66
CA ALA C 103 -21.11 34.96 24.97
C ALA C 103 -19.83 34.80 25.78
N ASP C 104 -19.20 33.63 25.72
CA ASP C 104 -17.93 33.46 26.41
C ASP C 104 -16.77 34.25 25.76
N GLY C 105 -17.05 35.09 24.76
CA GLY C 105 -16.04 35.93 24.17
C GLY C 105 -15.22 35.30 23.06
N THR C 106 -15.42 34.02 22.77
CA THR C 106 -14.71 33.39 21.68
C THR C 106 -15.39 33.69 20.36
N TRP C 107 -14.71 33.35 19.28
CA TRP C 107 -15.19 33.60 17.93
C TRP C 107 -15.69 32.29 17.34
N ARG C 108 -16.97 32.23 17.01
CA ARG C 108 -17.55 31.05 16.37
C ARG C 108 -17.29 31.12 14.86
N ALA C 109 -16.66 30.08 14.33
CA ALA C 109 -16.39 30.04 12.90
C ALA C 109 -17.68 29.84 12.12
N GLY C 110 -17.84 30.60 11.04
CA GLY C 110 -19.00 30.44 10.19
C GLY C 110 -18.89 29.20 9.30
N SER C 111 -19.95 28.99 8.52
CA SER C 111 -20.03 27.85 7.62
C SER C 111 -19.26 28.03 6.32
N ALA C 112 -18.83 29.24 5.99
CA ALA C 112 -18.29 29.50 4.65
C ALA C 112 -17.11 28.60 4.32
N GLY C 113 -17.09 28.08 3.09
CA GLY C 113 -15.99 27.26 2.66
C GLY C 113 -16.36 26.43 1.44
N TYR C 114 -15.38 25.65 0.98
CA TYR C 114 -15.54 24.70 -0.10
C TYR C 114 -15.78 23.34 0.49
N TRP C 115 -16.97 22.79 0.26
CA TRP C 115 -17.41 21.57 0.91
C TRP C 115 -17.92 20.58 -0.13
N HIS C 116 -18.53 19.49 0.31
CA HIS C 116 -18.99 18.48 -0.63
C HIS C 116 -19.96 17.56 0.08
N TYR C 117 -20.72 16.82 -0.73
CA TYR C 117 -21.66 15.82 -0.25
C TYR C 117 -21.39 14.52 -0.99
N HIS C 118 -21.73 13.40 -0.36
CA HIS C 118 -21.47 12.10 -0.96
C HIS C 118 -22.30 11.04 -0.25
N ASP C 119 -22.37 9.86 -0.86
CA ASP C 119 -23.11 8.76 -0.27
C ASP C 119 -22.35 8.18 0.92
N HIS C 120 -23.10 7.58 1.84
CA HIS C 120 -22.50 6.97 3.03
C HIS C 120 -22.97 5.53 3.24
N VAL C 121 -23.69 4.91 2.29
CA VAL C 121 -24.23 3.58 2.58
C VAL C 121 -24.14 2.57 1.44
N VAL C 122 -23.78 2.97 0.22
CA VAL C 122 -23.72 2.01 -0.89
C VAL C 122 -22.43 1.21 -0.78
N GLY C 123 -22.55 -0.11 -0.76
CA GLY C 123 -21.39 -0.98 -0.69
C GLY C 123 -20.94 -1.28 0.72
N THR C 124 -20.65 -0.23 1.49
CA THR C 124 -20.31 -0.34 2.90
C THR C 124 -21.02 0.78 3.65
N GLU C 125 -21.04 0.64 4.98
CA GLU C 125 -21.62 1.68 5.83
C GLU C 125 -20.80 2.98 5.84
N HIS C 126 -19.75 3.07 5.02
CA HIS C 126 -19.06 4.34 4.79
C HIS C 126 -19.16 4.77 3.34
N GLY C 127 -20.04 4.14 2.57
CA GLY C 127 -20.29 4.58 1.21
C GLY C 127 -19.19 4.27 0.22
N THR C 128 -18.33 3.29 0.52
CA THR C 128 -17.18 3.07 -0.35
C THR C 128 -17.62 2.73 -1.77
N GLY C 129 -18.67 1.94 -1.92
CA GLY C 129 -19.18 1.61 -3.24
C GLY C 129 -19.87 2.79 -3.90
N GLY C 130 -20.69 3.53 -3.13
CA GLY C 130 -21.37 4.67 -3.71
C GLY C 130 -20.42 5.77 -4.15
N ILE C 131 -19.42 6.07 -3.32
CA ILE C 131 -18.40 7.05 -3.70
C ILE C 131 -17.65 6.58 -4.94
N ARG C 132 -17.24 5.31 -4.95
CA ARG C 132 -16.56 4.81 -6.14
C ARG C 132 -17.43 4.97 -7.37
N ASN C 133 -18.73 4.72 -7.24
CA ASN C 133 -19.65 4.72 -8.38
C ASN C 133 -19.95 6.11 -8.91
N GLY C 134 -19.66 7.17 -8.15
CA GLY C 134 -19.88 8.54 -8.60
C GLY C 134 -20.77 9.40 -7.73
N LEU C 135 -21.18 8.91 -6.56
CA LEU C 135 -22.13 9.64 -5.70
C LEU C 135 -21.40 10.67 -4.85
N TYR C 136 -21.03 11.76 -5.50
CA TYR C 136 -20.35 12.87 -4.82
C TYR C 136 -20.62 14.15 -5.60
N GLY C 137 -20.56 15.28 -4.91
CA GLY C 137 -20.76 16.57 -5.54
C GLY C 137 -20.29 17.71 -4.67
N PRO C 138 -20.11 18.89 -5.26
CA PRO C 138 -19.58 20.04 -4.52
C PRO C 138 -20.65 20.91 -3.89
N VAL C 139 -20.29 21.52 -2.75
CA VAL C 139 -21.09 22.54 -2.09
C VAL C 139 -20.19 23.74 -1.81
N ILE C 140 -20.64 24.92 -2.19
CA ILE C 140 -19.97 26.17 -1.83
C ILE C 140 -20.87 26.96 -0.89
N VAL C 141 -20.33 27.35 0.25
CA VAL C 141 -21.03 28.28 1.13
C VAL C 141 -20.21 29.56 1.17
N ARG C 142 -20.83 30.67 0.78
CA ARG C 142 -20.16 31.95 0.68
C ARG C 142 -20.48 32.82 1.88
N ARG C 143 -19.50 33.61 2.30
CA ARG C 143 -19.68 34.64 3.30
C ARG C 143 -20.08 35.94 2.61
N LYS C 144 -20.89 36.73 3.30
CA LYS C 144 -21.24 38.08 2.84
C LYS C 144 -19.98 38.82 2.42
N GLY C 145 -19.98 39.32 1.19
CA GLY C 145 -18.84 40.04 0.67
C GLY C 145 -17.84 39.23 -0.14
N ASP C 146 -17.91 37.90 -0.09
CA ASP C 146 -17.02 37.06 -0.88
C ASP C 146 -17.13 37.42 -2.35
N VAL C 147 -15.99 37.44 -3.04
CA VAL C 147 -15.98 37.74 -4.47
C VAL C 147 -16.62 36.59 -5.23
N LEU C 148 -17.47 36.93 -6.21
CA LEU C 148 -18.11 35.94 -7.07
C LEU C 148 -17.34 35.76 -8.36
N PRO C 149 -17.26 34.52 -8.85
CA PRO C 149 -16.48 34.23 -10.05
C PRO C 149 -17.32 34.35 -11.33
N ASP C 150 -16.62 34.36 -12.46
CA ASP C 150 -17.25 34.27 -13.77
C ASP C 150 -17.68 32.84 -14.10
N ALA C 151 -17.00 31.85 -13.51
CA ALA C 151 -17.27 30.44 -13.77
C ALA C 151 -16.71 29.63 -12.62
N THR C 152 -17.34 28.49 -12.35
CA THR C 152 -16.89 27.54 -11.34
C THR C 152 -16.74 26.17 -11.98
N HIS C 153 -15.60 25.51 -11.71
CA HIS C 153 -15.33 24.17 -12.23
C HIS C 153 -14.96 23.26 -11.08
N THR C 154 -15.50 22.04 -11.10
CA THR C 154 -15.29 21.10 -10.02
C THR C 154 -14.42 19.96 -10.51
N ILE C 155 -13.33 19.69 -9.78
CA ILE C 155 -12.35 18.68 -10.13
C ILE C 155 -12.28 17.72 -8.95
N VAL C 156 -12.71 16.47 -9.15
CA VAL C 156 -12.71 15.47 -8.09
C VAL C 156 -11.68 14.39 -8.44
N PHE C 157 -10.69 14.20 -7.57
CA PHE C 157 -9.78 13.05 -7.68
C PHE C 157 -10.42 11.88 -6.94
N ASN C 158 -11.06 11.00 -7.69
CA ASN C 158 -11.73 9.83 -7.11
C ASN C 158 -10.88 8.61 -7.44
N ASP C 159 -10.18 8.09 -6.44
CA ASP C 159 -9.20 7.00 -6.63
C ASP C 159 -8.26 7.48 -7.73
N ALA C 160 -7.99 6.70 -8.77
CA ALA C 160 -7.09 7.10 -9.84
C ALA C 160 -7.82 7.70 -11.05
N THR C 161 -8.93 8.41 -10.82
CA THR C 161 -9.69 9.03 -11.89
C THR C 161 -9.97 10.49 -11.54
N ILE C 162 -10.29 11.27 -12.57
CA ILE C 162 -10.85 12.60 -12.42
C ILE C 162 -12.31 12.54 -12.82
N ASN C 163 -13.19 12.84 -11.86
CA ASN C 163 -14.64 12.88 -12.11
C ASN C 163 -15.15 11.56 -12.71
N ASN C 164 -14.52 10.45 -12.30
CA ASN C 164 -14.89 9.11 -12.78
C ASN C 164 -14.72 8.96 -14.29
N ARG C 165 -13.96 9.84 -14.92
CA ARG C 165 -13.80 9.72 -16.37
C ARG C 165 -12.76 8.67 -16.72
N PRO C 166 -12.88 8.05 -17.90
CA PRO C 166 -11.80 7.18 -18.39
C PRO C 166 -10.48 7.92 -18.41
N ALA C 167 -9.40 7.20 -18.13
CA ALA C 167 -8.07 7.80 -18.09
C ALA C 167 -7.78 8.57 -19.37
N HIS C 168 -7.00 9.64 -19.23
CA HIS C 168 -6.57 10.49 -20.34
C HIS C 168 -7.75 11.18 -21.04
N THR C 169 -8.86 11.45 -20.35
CA THR C 169 -10.00 12.10 -21.00
C THR C 169 -10.42 13.37 -20.27
N GLY C 170 -9.46 14.09 -19.70
CA GLY C 170 -9.71 15.37 -19.09
C GLY C 170 -10.31 15.25 -17.70
N PRO C 171 -11.28 16.12 -17.37
CA PRO C 171 -11.93 17.09 -18.27
C PRO C 171 -11.13 18.36 -18.55
N ASN C 172 -11.49 19.03 -19.63
CA ASN C 172 -10.94 20.33 -19.96
C ASN C 172 -11.94 21.42 -19.61
N PHE C 173 -11.42 22.60 -19.30
CA PHE C 173 -12.23 23.77 -19.01
C PHE C 173 -11.69 24.92 -19.85
N GLU C 174 -12.58 25.77 -20.33
CA GLU C 174 -12.22 26.91 -21.17
C GLU C 174 -12.49 28.20 -20.44
N ALA C 175 -11.59 29.17 -20.63
CA ALA C 175 -11.77 30.51 -20.12
C ALA C 175 -11.13 31.48 -21.10
N THR C 176 -11.45 32.75 -20.93
CA THR C 176 -10.78 33.85 -21.62
C THR C 176 -9.83 34.53 -20.64
N VAL C 177 -8.69 35.01 -21.16
CA VAL C 177 -7.74 35.77 -20.35
C VAL C 177 -8.46 36.86 -19.57
N GLY C 178 -8.23 36.89 -18.27
CA GLY C 178 -8.85 37.86 -17.39
C GLY C 178 -10.07 37.36 -16.64
N ASP C 179 -10.68 36.26 -17.09
CA ASP C 179 -11.80 35.70 -16.37
C ASP C 179 -11.40 35.36 -14.93
N ARG C 180 -12.32 35.59 -14.00
CA ARG C 180 -12.16 35.13 -12.63
C ARG C 180 -12.77 33.72 -12.55
N VAL C 181 -11.91 32.72 -12.38
CA VAL C 181 -12.29 31.32 -12.47
C VAL C 181 -12.16 30.69 -11.09
N GLU C 182 -13.24 30.04 -10.66
CA GLU C 182 -13.27 29.35 -9.38
C GLU C 182 -13.07 27.85 -9.60
N ILE C 183 -12.18 27.25 -8.83
CA ILE C 183 -11.93 25.81 -8.86
C ILE C 183 -12.35 25.23 -7.51
N VAL C 184 -13.17 24.19 -7.54
CA VAL C 184 -13.51 23.40 -6.36
C VAL C 184 -12.81 22.05 -6.52
N MET C 185 -11.99 21.67 -5.53
CA MET C 185 -11.13 20.51 -5.63
C MET C 185 -11.47 19.55 -4.49
N ILE C 186 -11.98 18.37 -4.84
CA ILE C 186 -12.41 17.37 -3.87
C ILE C 186 -11.65 16.09 -4.16
N THR C 187 -11.32 15.35 -3.10
CA THR C 187 -10.63 14.07 -3.21
C THR C 187 -11.45 12.97 -2.54
N HIS C 188 -11.42 11.76 -3.10
CA HIS C 188 -12.20 10.66 -2.57
C HIS C 188 -11.47 9.35 -2.84
N GLY C 189 -11.79 8.35 -2.01
CA GLY C 189 -11.32 7.00 -2.29
C GLY C 189 -10.22 6.52 -1.37
N GLU C 190 -9.15 5.98 -1.96
CA GLU C 190 -8.13 5.29 -1.18
C GLU C 190 -6.78 6.00 -1.13
N TYR C 191 -6.52 6.91 -2.06
CA TYR C 191 -5.18 7.41 -2.34
C TYR C 191 -5.03 8.88 -1.96
N TYR C 192 -3.81 9.24 -1.58
CA TYR C 192 -3.46 10.64 -1.49
C TYR C 192 -3.11 11.13 -2.90
N HIS C 193 -3.24 12.43 -3.10
CA HIS C 193 -2.93 13.05 -4.40
C HIS C 193 -2.21 14.36 -4.16
N THR C 194 -1.63 14.92 -5.23
CA THR C 194 -1.17 16.31 -5.20
C THR C 194 -1.72 17.03 -6.43
N PHE C 195 -2.55 18.04 -6.21
CA PHE C 195 -3.13 18.81 -7.30
C PHE C 195 -2.17 19.93 -7.73
N HIS C 196 -1.87 19.99 -9.03
CA HIS C 196 -0.96 20.98 -9.60
C HIS C 196 -1.61 21.67 -10.79
N MET C 197 -1.43 22.99 -10.87
N MET C 197 -1.40 22.98 -10.91
CA MET C 197 -1.85 23.79 -12.03
CA MET C 197 -1.90 23.73 -12.08
C MET C 197 -0.62 24.46 -12.62
C MET C 197 -0.77 24.58 -12.66
N HIS C 198 -0.47 24.36 -13.94
CA HIS C 198 0.56 25.13 -14.62
C HIS C 198 0.12 26.58 -14.78
N GLY C 199 1.08 27.50 -14.66
CA GLY C 199 0.86 28.90 -15.00
C GLY C 199 0.03 29.71 -14.02
N HIS C 200 -0.46 29.11 -12.94
CA HIS C 200 -1.35 29.79 -12.01
C HIS C 200 -1.02 29.37 -10.59
N ARG C 201 -1.53 30.13 -9.62
CA ARG C 201 -1.19 29.85 -8.22
C ARG C 201 -2.27 30.49 -7.34
N TRP C 202 -2.34 30.02 -6.09
CA TRP C 202 -3.38 30.50 -5.20
C TRP C 202 -2.87 30.51 -3.76
N ALA C 203 -3.67 31.10 -2.88
CA ALA C 203 -3.34 31.17 -1.46
C ALA C 203 -3.94 29.98 -0.72
N ASP C 204 -3.13 29.37 0.14
CA ASP C 204 -3.61 28.21 0.91
C ASP C 204 -4.40 28.73 2.12
N ASN C 205 -5.62 29.19 1.86
CA ASN C 205 -6.48 29.68 2.93
C ASN C 205 -7.94 29.45 2.52
N ARG C 206 -8.88 30.04 3.26
CA ARG C 206 -10.30 29.71 3.06
C ARG C 206 -10.75 29.99 1.63
N THR C 207 -10.44 31.18 1.11
CA THR C 207 -10.96 31.53 -0.20
C THR C 207 -10.00 31.24 -1.34
N GLY C 208 -8.74 30.92 -1.05
CA GLY C 208 -7.77 30.80 -2.11
C GLY C 208 -7.18 32.12 -2.56
N MET C 209 -7.61 33.22 -1.98
N MET C 209 -7.63 33.25 -2.03
CA MET C 209 -7.10 34.55 -2.25
CA MET C 209 -7.01 34.53 -2.34
C MET C 209 -6.59 35.15 -0.95
C MET C 209 -6.63 35.22 -1.03
N LEU C 210 -5.45 35.84 -1.03
CA LEU C 210 -4.96 36.55 0.15
C LEU C 210 -5.93 37.67 0.51
N THR C 211 -6.12 37.90 1.81
CA THR C 211 -7.01 38.98 2.23
C THR C 211 -6.41 40.36 2.03
N GLY C 212 -5.12 40.45 1.78
CA GLY C 212 -4.43 41.71 1.69
C GLY C 212 -2.97 41.50 2.07
N PRO C 213 -2.24 42.60 2.28
CA PRO C 213 -0.79 42.46 2.52
C PRO C 213 -0.44 41.80 3.84
N ASP C 214 -1.38 41.67 4.78
CA ASP C 214 -1.06 41.11 6.08
C ASP C 214 -1.31 39.60 6.17
N ASP C 215 -1.82 38.99 5.11
CA ASP C 215 -2.13 37.56 5.12
C ASP C 215 -0.86 36.74 4.92
N PRO C 216 -0.46 35.93 5.88
CA PRO C 216 0.81 35.18 5.75
C PRO C 216 0.68 33.81 5.08
N SER C 217 -0.51 33.46 4.59
CA SER C 217 -0.73 32.15 3.99
C SER C 217 0.28 31.88 2.89
N GLN C 218 0.76 30.62 2.83
CA GLN C 218 1.66 30.26 1.75
C GLN C 218 0.93 30.33 0.42
N VAL C 219 1.62 30.83 -0.61
CA VAL C 219 1.13 30.84 -1.97
C VAL C 219 1.72 29.63 -2.67
N ILE C 220 0.86 28.84 -3.33
CA ILE C 220 1.21 27.50 -3.78
C ILE C 220 0.63 27.26 -5.17
N ASP C 221 1.21 26.28 -5.87
CA ASP C 221 0.58 25.78 -7.09
C ASP C 221 0.44 24.27 -7.08
N ASN C 222 0.58 23.66 -5.90
CA ASN C 222 0.70 22.21 -5.72
C ASN C 222 0.22 21.95 -4.31
N LYS C 223 -0.71 21.01 -4.13
CA LYS C 223 -1.31 20.80 -2.82
C LYS C 223 -1.63 19.33 -2.60
N ILE C 224 -1.15 18.78 -1.50
CA ILE C 224 -1.45 17.39 -1.16
C ILE C 224 -2.88 17.31 -0.63
N CYS C 225 -3.58 16.25 -1.00
CA CYS C 225 -4.94 16.07 -0.52
C CYS C 225 -5.23 14.58 -0.38
N GLY C 226 -6.14 14.27 0.52
CA GLY C 226 -6.52 12.90 0.80
C GLY C 226 -8.02 12.74 0.76
N PRO C 227 -8.48 11.49 0.91
CA PRO C 227 -9.91 11.20 0.77
C PRO C 227 -10.77 12.09 1.65
N ALA C 228 -11.79 12.68 1.02
CA ALA C 228 -12.81 13.60 1.55
C ALA C 228 -12.25 14.98 1.90
N ASP C 229 -11.01 15.30 1.52
CA ASP C 229 -10.53 16.67 1.56
C ASP C 229 -11.25 17.51 0.51
N SER C 230 -11.48 18.79 0.83
CA SER C 230 -11.96 19.71 -0.18
C SER C 230 -11.34 21.07 0.06
N PHE C 231 -11.02 21.76 -1.02
CA PHE C 231 -10.55 23.13 -0.95
C PHE C 231 -10.94 23.80 -2.25
N GLY C 232 -10.77 25.11 -2.30
CA GLY C 232 -11.14 25.82 -3.50
C GLY C 232 -10.37 27.11 -3.58
N PHE C 233 -10.45 27.74 -4.74
CA PHE C 233 -9.74 28.99 -4.95
C PHE C 233 -10.32 29.66 -6.18
N GLN C 234 -9.94 30.93 -6.34
CA GLN C 234 -10.21 31.67 -7.57
C GLN C 234 -8.90 32.20 -8.11
N ILE C 235 -8.75 32.12 -9.43
CA ILE C 235 -7.59 32.65 -10.12
C ILE C 235 -8.08 33.55 -11.23
N ILE C 236 -7.21 34.45 -11.67
CA ILE C 236 -7.45 35.23 -12.87
C ILE C 236 -6.79 34.48 -14.02
N ALA C 237 -7.60 33.97 -14.94
CA ALA C 237 -7.10 33.17 -16.05
C ALA C 237 -6.06 33.93 -16.85
N GLY C 238 -4.89 33.31 -17.04
CA GLY C 238 -3.81 33.93 -17.79
C GLY C 238 -3.11 35.11 -17.14
N GLU C 239 -3.44 35.43 -15.89
CA GLU C 239 -2.86 36.60 -15.24
C GLU C 239 -1.34 36.49 -15.20
N GLY C 240 -0.67 37.46 -15.83
CA GLY C 240 0.78 37.51 -15.89
C GLY C 240 1.42 36.42 -16.73
N VAL C 241 0.64 35.53 -17.34
CA VAL C 241 1.19 34.43 -18.11
C VAL C 241 0.59 34.30 -19.50
N GLY C 242 -0.60 34.82 -19.75
CA GLY C 242 -1.15 34.83 -21.09
C GLY C 242 -1.95 33.61 -21.45
N ALA C 243 -2.43 33.61 -22.69
CA ALA C 243 -3.27 32.54 -23.19
C ALA C 243 -2.44 31.26 -23.40
N GLY C 244 -3.14 30.12 -23.38
CA GLY C 244 -2.48 28.86 -23.65
C GLY C 244 -3.30 27.71 -23.11
N ALA C 245 -2.88 26.51 -23.49
CA ALA C 245 -3.46 25.28 -22.96
C ALA C 245 -2.72 24.95 -21.68
N TRP C 246 -3.26 25.40 -20.55
CA TRP C 246 -2.60 25.25 -19.27
C TRP C 246 -2.99 23.93 -18.63
N MET C 247 -2.01 23.05 -18.44
CA MET C 247 -2.28 21.75 -17.85
C MET C 247 -2.59 21.87 -16.36
N TYR C 248 -3.46 20.99 -15.89
CA TYR C 248 -3.56 20.66 -14.49
C TYR C 248 -3.51 19.14 -14.38
N HIS C 249 -2.94 18.65 -13.28
CA HIS C 249 -2.85 17.21 -13.14
C HIS C 249 -2.53 16.88 -11.70
N CYS C 250 -2.79 15.64 -11.31
CA CYS C 250 -2.16 15.13 -10.11
C CYS C 250 -0.66 15.02 -10.36
N HIS C 251 0.16 15.36 -9.37
CA HIS C 251 1.60 15.36 -9.58
C HIS C 251 2.29 14.12 -9.03
N VAL C 252 1.55 13.21 -8.39
CA VAL C 252 2.06 11.87 -8.14
C VAL C 252 2.38 11.24 -9.49
N GLN C 253 3.65 10.86 -9.69
CA GLN C 253 4.13 10.61 -11.06
C GLN C 253 3.36 9.48 -11.74
N SER C 254 3.12 8.36 -11.03
CA SER C 254 2.36 7.30 -11.68
C SER C 254 0.94 7.75 -12.05
N HIS C 255 0.36 8.66 -11.25
CA HIS C 255 -1.02 9.09 -11.51
C HIS C 255 -1.10 9.99 -12.73
N SER C 256 -0.16 10.93 -12.88
CA SER C 256 -0.17 11.73 -14.09
C SER C 256 0.15 10.86 -15.30
N ASP C 257 1.03 9.86 -15.15
CA ASP C 257 1.36 8.99 -16.26
C ASP C 257 0.15 8.16 -16.70
N MET C 258 -0.69 7.76 -15.75
CA MET C 258 -1.83 6.93 -16.11
C MET C 258 -3.03 7.73 -16.59
N GLY C 259 -3.01 9.05 -16.47
CA GLY C 259 -3.98 9.88 -17.16
C GLY C 259 -4.76 10.87 -16.31
N MET C 260 -4.30 11.11 -15.08
CA MET C 260 -4.95 12.08 -14.20
C MET C 260 -4.47 13.49 -14.59
N VAL C 261 -4.90 13.91 -15.78
CA VAL C 261 -4.45 15.16 -16.39
C VAL C 261 -5.63 15.79 -17.12
N GLY C 262 -5.66 17.12 -17.16
CA GLY C 262 -6.66 17.85 -17.91
C GLY C 262 -6.11 19.20 -18.34
N LEU C 263 -6.91 19.97 -19.07
CA LEU C 263 -6.46 21.25 -19.64
C LEU C 263 -7.36 22.40 -19.22
N PHE C 264 -6.72 23.51 -18.84
CA PHE C 264 -7.35 24.80 -18.60
C PHE C 264 -7.06 25.64 -19.85
N LEU C 265 -7.99 25.62 -20.81
CA LEU C 265 -7.78 26.28 -22.10
C LEU C 265 -8.12 27.75 -21.97
N VAL C 266 -7.09 28.60 -21.93
CA VAL C 266 -7.26 30.03 -21.74
C VAL C 266 -7.08 30.72 -23.08
N LYS C 267 -8.15 31.34 -23.57
CA LYS C 267 -8.20 31.99 -24.86
C LYS C 267 -8.00 33.49 -24.75
N LYS C 268 -7.36 34.06 -25.77
CA LYS C 268 -7.35 35.51 -25.93
C LYS C 268 -8.77 35.98 -26.22
N PRO C 269 -9.03 37.29 -26.10
CA PRO C 269 -10.37 37.79 -26.43
C PRO C 269 -10.83 37.42 -27.84
N ASP C 270 -9.90 37.32 -28.79
CA ASP C 270 -10.30 36.93 -30.14
C ASP C 270 -10.50 35.43 -30.27
N GLY C 271 -10.37 34.67 -29.19
CA GLY C 271 -10.63 33.25 -29.20
C GLY C 271 -9.42 32.36 -29.42
N THR C 272 -8.24 32.92 -29.60
CA THR C 272 -7.09 32.12 -30.01
C THR C 272 -6.31 31.60 -28.80
N ILE C 273 -5.74 30.41 -28.97
CA ILE C 273 -4.92 29.76 -27.97
C ILE C 273 -3.57 29.44 -28.61
N PRO C 274 -2.55 30.27 -28.39
CA PRO C 274 -1.30 30.13 -29.15
C PRO C 274 -0.67 28.76 -28.95
N GLY C 275 -0.36 28.11 -30.08
CA GLY C 275 0.36 26.86 -30.06
C GLY C 275 -0.43 25.64 -29.66
N TYR C 276 -1.70 25.79 -29.32
CA TYR C 276 -2.51 24.64 -28.95
C TYR C 276 -2.76 23.76 -30.16
N ASP C 277 -2.45 22.46 -30.04
CA ASP C 277 -2.53 21.53 -31.17
C ASP C 277 -2.78 20.12 -30.68
N PRO C 278 -4.01 19.80 -30.25
CA PRO C 278 -4.30 18.44 -29.77
C PRO C 278 -4.32 17.41 -30.89
N GLY D 2 -8.17 -44.41 11.72
CA GLY D 2 -8.91 -45.07 10.66
C GLY D 2 -8.70 -44.43 9.29
N ALA D 3 -9.55 -44.82 8.34
CA ALA D 3 -9.46 -44.36 6.96
C ALA D 3 -10.86 -44.09 6.41
N ALA D 4 -10.95 -43.10 5.54
CA ALA D 4 -12.23 -42.76 4.94
C ALA D 4 -12.77 -43.93 4.12
N PRO D 5 -14.06 -44.21 4.18
CA PRO D 5 -14.65 -45.23 3.31
C PRO D 5 -15.01 -44.64 1.96
N ALA D 6 -15.42 -45.50 1.04
CA ALA D 6 -16.00 -45.01 -0.20
C ALA D 6 -17.32 -44.31 0.11
N GLY D 7 -17.58 -43.22 -0.59
CA GLY D 7 -18.80 -42.45 -0.41
C GLY D 7 -19.93 -42.98 -1.26
N GLY D 8 -21.04 -42.24 -1.23
CA GLY D 8 -22.24 -42.62 -1.97
C GLY D 8 -23.50 -42.45 -1.16
N GLU D 9 -23.36 -41.95 0.07
CA GLU D 9 -24.51 -41.73 0.93
C GLU D 9 -25.20 -40.43 0.60
N VAL D 10 -26.53 -40.44 0.67
CA VAL D 10 -27.33 -39.22 0.56
C VAL D 10 -27.58 -38.72 1.98
N ARG D 11 -26.96 -37.59 2.32
CA ARG D 11 -27.03 -37.03 3.66
C ARG D 11 -27.88 -35.76 3.66
N ARG D 12 -28.41 -35.44 4.83
CA ARG D 12 -29.23 -34.26 5.02
C ARG D 12 -28.85 -33.58 6.33
N VAL D 13 -28.89 -32.25 6.32
CA VAL D 13 -28.58 -31.46 7.49
C VAL D 13 -29.37 -30.16 7.42
N THR D 14 -29.76 -29.64 8.58
CA THR D 14 -30.34 -28.31 8.66
C THR D 14 -29.23 -27.29 8.92
N MET D 15 -29.32 -26.14 8.26
CA MET D 15 -28.40 -25.04 8.51
C MET D 15 -29.20 -23.76 8.67
N TYR D 16 -28.73 -22.89 9.55
CA TYR D 16 -29.39 -21.63 9.86
C TYR D 16 -28.39 -20.49 9.75
N ALA D 17 -28.80 -19.39 9.15
CA ALA D 17 -28.05 -18.15 9.22
C ALA D 17 -28.66 -17.29 10.32
N GLU D 18 -27.82 -16.83 11.26
CA GLU D 18 -28.31 -16.12 12.43
C GLU D 18 -27.41 -14.94 12.75
N ARG D 19 -28.02 -13.88 13.28
CA ARG D 19 -27.23 -12.79 13.83
C ARG D 19 -26.62 -13.21 15.17
N LEU D 20 -25.36 -12.84 15.37
CA LEU D 20 -24.64 -13.02 16.63
C LEU D 20 -24.31 -11.66 17.22
N ALA D 21 -23.72 -11.66 18.41
CA ALA D 21 -23.48 -10.40 19.11
C ALA D 21 -22.51 -9.50 18.33
N GLY D 22 -22.68 -8.19 18.51
CA GLY D 22 -21.76 -7.21 17.94
C GLY D 22 -21.74 -7.11 16.43
N GLY D 23 -22.91 -7.15 15.80
CA GLY D 23 -22.98 -7.00 14.35
C GLY D 23 -22.54 -8.21 13.56
N GLN D 24 -22.26 -9.33 14.21
CA GLN D 24 -21.76 -10.49 13.49
C GLN D 24 -22.90 -11.39 13.02
N MET D 25 -22.59 -12.27 12.08
CA MET D 25 -23.53 -13.25 11.56
C MET D 25 -22.80 -14.59 11.42
N GLY D 26 -23.50 -15.69 11.71
CA GLY D 26 -22.89 -16.99 11.67
C GLY D 26 -23.87 -18.03 11.16
N TYR D 27 -23.30 -19.14 10.69
CA TYR D 27 -24.06 -20.33 10.35
C TYR D 27 -24.05 -21.32 11.51
N GLY D 28 -25.11 -22.12 11.60
CA GLY D 28 -25.16 -23.19 12.58
C GLY D 28 -26.08 -24.30 12.09
N LEU D 29 -25.93 -25.48 12.71
CA LEU D 29 -26.77 -26.62 12.37
C LEU D 29 -28.01 -26.73 13.25
N GLU D 30 -28.06 -25.98 14.34
CA GLU D 30 -29.23 -25.93 15.21
C GLU D 30 -29.56 -24.47 15.46
N LYS D 31 -30.86 -24.16 15.54
CA LYS D 31 -31.25 -22.77 15.76
C LYS D 31 -30.71 -22.29 17.10
N GLY D 32 -30.09 -21.12 17.09
CA GLY D 32 -29.46 -20.55 18.27
C GLY D 32 -28.03 -20.97 18.51
N LYS D 33 -27.47 -21.85 17.68
CA LYS D 33 -26.12 -22.39 17.90
C LYS D 33 -25.18 -22.05 16.75
N ALA D 34 -25.41 -20.91 16.09
CA ALA D 34 -24.52 -20.47 15.03
C ALA D 34 -23.15 -20.13 15.59
N SER D 35 -22.12 -20.26 14.75
CA SER D 35 -20.75 -20.08 15.19
C SER D 35 -19.93 -19.46 14.08
N ILE D 36 -18.79 -18.87 14.47
CA ILE D 36 -17.83 -18.36 13.51
C ILE D 36 -16.48 -18.98 13.87
N PRO D 37 -15.88 -19.82 13.01
CA PRO D 37 -16.41 -20.26 11.72
C PRO D 37 -17.62 -21.17 11.89
N GLY D 38 -18.38 -21.36 10.82
CA GLY D 38 -19.52 -22.23 10.85
C GLY D 38 -19.12 -23.69 11.02
N PRO D 39 -20.12 -24.55 11.14
CA PRO D 39 -19.87 -25.96 11.42
C PRO D 39 -19.04 -26.62 10.32
N LEU D 40 -18.17 -27.54 10.73
CA LEU D 40 -17.41 -28.33 9.78
C LEU D 40 -18.31 -29.37 9.13
N ILE D 41 -18.34 -29.37 7.80
N ILE D 41 -18.36 -29.36 7.80
CA ILE D 41 -19.06 -30.40 7.04
CA ILE D 41 -19.04 -30.37 7.01
C ILE D 41 -18.04 -31.34 6.44
C ILE D 41 -17.99 -31.34 6.47
N GLU D 42 -18.22 -32.64 6.67
CA GLU D 42 -17.33 -33.68 6.17
C GLU D 42 -18.11 -34.62 5.26
N LEU D 43 -17.56 -34.90 4.09
CA LEU D 43 -18.18 -35.84 3.15
C LEU D 43 -17.11 -36.77 2.60
N ASN D 44 -17.55 -37.95 2.16
CA ASN D 44 -16.70 -38.84 1.37
C ASN D 44 -17.09 -38.70 -0.09
N GLU D 45 -16.09 -38.74 -0.98
CA GLU D 45 -16.34 -38.61 -2.42
C GLU D 45 -17.45 -39.56 -2.86
N GLY D 46 -18.45 -39.00 -3.55
CA GLY D 46 -19.67 -39.71 -3.90
C GLY D 46 -20.88 -39.29 -3.09
N ASP D 47 -20.68 -38.77 -1.89
CA ASP D 47 -21.80 -38.36 -1.05
C ASP D 47 -22.56 -37.19 -1.68
N THR D 48 -23.86 -37.14 -1.38
CA THR D 48 -24.71 -36.00 -1.67
C THR D 48 -25.17 -35.41 -0.35
N LEU D 49 -25.16 -34.08 -0.25
CA LEU D 49 -25.61 -33.38 0.94
C LEU D 49 -26.73 -32.43 0.56
N HIS D 50 -27.91 -32.63 1.15
CA HIS D 50 -29.03 -31.69 1.03
C HIS D 50 -29.01 -30.79 2.25
N VAL D 51 -28.68 -29.52 2.06
CA VAL D 51 -28.64 -28.55 3.15
C VAL D 51 -30.00 -27.88 3.23
N GLU D 52 -30.77 -28.24 4.25
N GLU D 52 -30.78 -28.22 4.26
CA GLU D 52 -32.07 -27.62 4.51
CA GLU D 52 -32.09 -27.61 4.45
C GLU D 52 -31.81 -26.28 5.19
C GLU D 52 -31.88 -26.29 5.18
N PHE D 53 -31.82 -25.21 4.42
CA PHE D 53 -31.35 -23.91 4.89
C PHE D 53 -32.51 -23.03 5.32
N GLU D 54 -32.29 -22.26 6.38
CA GLU D 54 -33.26 -21.27 6.84
C GLU D 54 -32.53 -19.99 7.21
N ASN D 55 -32.99 -18.88 6.67
CA ASN D 55 -32.45 -17.55 6.99
C ASN D 55 -33.29 -16.98 8.13
N THR D 56 -32.70 -16.87 9.31
CA THR D 56 -33.44 -16.29 10.44
C THR D 56 -33.18 -14.79 10.61
N MET D 57 -32.40 -14.19 9.73
CA MET D 57 -32.07 -12.78 9.82
C MET D 57 -33.07 -11.92 9.05
N ASP D 58 -32.94 -10.61 9.22
CA ASP D 58 -33.81 -9.64 8.58
C ASP D 58 -33.26 -9.12 7.26
N VAL D 59 -32.15 -9.66 6.77
CA VAL D 59 -31.59 -9.30 5.47
C VAL D 59 -31.39 -10.59 4.68
N PRO D 60 -31.38 -10.50 3.35
CA PRO D 60 -31.10 -11.71 2.54
C PRO D 60 -29.73 -12.28 2.81
N VAL D 61 -29.62 -13.61 2.66
CA VAL D 61 -28.37 -14.33 2.87
C VAL D 61 -28.29 -15.45 1.85
N SER D 62 -27.09 -15.99 1.65
CA SER D 62 -26.95 -17.11 0.73
C SER D 62 -25.89 -18.06 1.25
N LEU D 63 -25.73 -19.17 0.53
CA LEU D 63 -24.74 -20.19 0.85
C LEU D 63 -24.07 -20.59 -0.45
N HIS D 64 -22.80 -20.27 -0.60
CA HIS D 64 -22.03 -20.61 -1.78
C HIS D 64 -20.87 -21.49 -1.35
N VAL D 65 -20.64 -22.58 -2.08
CA VAL D 65 -19.62 -23.55 -1.70
C VAL D 65 -18.56 -23.62 -2.78
N HIS D 66 -17.32 -23.79 -2.35
CA HIS D 66 -16.19 -24.03 -3.23
C HIS D 66 -15.97 -25.52 -3.45
N GLY D 67 -15.44 -25.86 -4.62
CA GLY D 67 -14.96 -27.20 -4.90
C GLY D 67 -15.98 -28.27 -5.21
N LEU D 68 -17.07 -28.32 -4.45
CA LEU D 68 -18.06 -29.38 -4.61
C LEU D 68 -18.91 -29.15 -5.86
N ASP D 69 -19.55 -30.21 -6.32
CA ASP D 69 -20.48 -30.11 -7.44
C ASP D 69 -21.82 -29.53 -6.96
N TYR D 70 -22.35 -28.60 -7.75
CA TYR D 70 -23.69 -28.08 -7.50
C TYR D 70 -24.24 -27.54 -8.81
N GLU D 71 -25.55 -27.67 -9.01
CA GLU D 71 -26.15 -27.06 -10.18
C GLU D 71 -26.35 -25.56 -9.94
N ILE D 72 -26.63 -24.84 -11.03
CA ILE D 72 -26.69 -23.39 -10.97
C ILE D 72 -27.72 -22.93 -9.93
N SER D 73 -28.73 -23.74 -9.66
CA SER D 73 -29.75 -23.39 -8.66
C SER D 73 -29.22 -23.42 -7.23
N SER D 74 -28.03 -24.01 -7.00
CA SER D 74 -27.38 -23.98 -5.69
C SER D 74 -26.10 -23.15 -5.72
N ASP D 75 -25.99 -22.24 -6.67
CA ASP D 75 -24.86 -21.32 -6.75
C ASP D 75 -24.81 -20.42 -5.51
N GLY D 76 -25.97 -20.09 -4.96
CA GLY D 76 -26.03 -19.22 -3.81
C GLY D 76 -25.73 -17.77 -4.11
N THR D 77 -26.20 -17.27 -5.26
CA THR D 77 -26.02 -15.88 -5.65
C THR D 77 -27.34 -15.27 -6.04
N LYS D 78 -27.43 -13.95 -5.88
CA LYS D 78 -28.63 -13.24 -6.32
C LYS D 78 -28.77 -13.26 -7.83
N GLN D 79 -27.65 -13.21 -8.55
CA GLN D 79 -27.69 -13.29 -10.01
C GLN D 79 -28.45 -14.52 -10.49
N ASN D 80 -28.23 -15.66 -9.83
CA ASN D 80 -28.93 -16.89 -10.15
C ASN D 80 -30.17 -17.12 -9.29
N LYS D 81 -30.64 -16.09 -8.59
CA LYS D 81 -31.83 -16.17 -7.74
C LYS D 81 -31.80 -17.40 -6.83
N SER D 82 -30.62 -17.68 -6.25
CA SER D 82 -30.47 -18.77 -5.30
C SER D 82 -30.04 -18.25 -3.93
N HIS D 83 -30.39 -17.00 -3.63
CA HIS D 83 -30.27 -16.47 -2.29
C HIS D 83 -31.54 -16.79 -1.51
N VAL D 84 -31.52 -16.50 -0.21
CA VAL D 84 -32.63 -16.80 0.69
C VAL D 84 -33.13 -15.52 1.31
N GLU D 85 -34.40 -15.22 1.10
CA GLU D 85 -35.02 -14.01 1.61
C GLU D 85 -35.10 -14.06 3.14
N PRO D 86 -35.20 -12.90 3.79
CA PRO D 86 -35.34 -12.90 5.25
C PRO D 86 -36.50 -13.78 5.70
N GLY D 87 -36.22 -14.68 6.62
CA GLY D 87 -37.21 -15.64 7.08
C GLY D 87 -37.46 -16.79 6.14
N GLY D 88 -36.85 -16.79 4.95
CA GLY D 88 -37.10 -17.82 3.97
C GLY D 88 -36.32 -19.10 4.20
N THR D 89 -36.68 -20.10 3.42
CA THR D 89 -36.02 -21.41 3.45
C THR D 89 -35.71 -21.86 2.04
N ARG D 90 -34.71 -22.73 1.94
CA ARG D 90 -34.27 -23.25 0.65
C ARG D 90 -33.43 -24.49 0.94
N THR D 91 -33.45 -25.43 0.00
CA THR D 91 -32.59 -26.61 0.09
C THR D 91 -31.46 -26.42 -0.90
N TYR D 92 -30.24 -26.29 -0.39
CA TYR D 92 -29.05 -26.30 -1.21
C TYR D 92 -28.58 -27.73 -1.34
N THR D 93 -28.17 -28.12 -2.54
CA THR D 93 -27.73 -29.48 -2.77
C THR D 93 -26.30 -29.48 -3.27
N TRP D 94 -25.44 -30.18 -2.54
CA TRP D 94 -24.04 -30.35 -2.91
C TRP D 94 -23.82 -31.81 -3.23
N ARG D 95 -23.16 -32.08 -4.35
N ARG D 95 -23.14 -32.08 -4.34
CA ARG D 95 -22.77 -33.42 -4.73
CA ARG D 95 -22.77 -33.43 -4.73
C ARG D 95 -21.25 -33.50 -4.79
C ARG D 95 -21.26 -33.51 -4.84
N THR D 96 -20.73 -34.72 -4.75
CA THR D 96 -19.31 -34.97 -4.86
C THR D 96 -19.11 -36.20 -5.73
N HIS D 97 -17.90 -36.36 -6.25
CA HIS D 97 -17.63 -37.47 -7.14
C HIS D 97 -16.21 -37.99 -6.92
N GLU D 98 -16.02 -39.26 -7.27
CA GLU D 98 -14.71 -39.90 -7.28
C GLU D 98 -13.95 -39.52 -8.54
N PRO D 99 -12.62 -39.58 -8.51
CA PRO D 99 -11.85 -39.45 -9.75
C PRO D 99 -12.05 -40.68 -10.63
N GLY D 100 -11.74 -40.53 -11.91
CA GLY D 100 -11.90 -41.66 -12.82
C GLY D 100 -11.51 -41.30 -14.23
N ARG D 101 -11.41 -42.34 -15.06
CA ARG D 101 -10.93 -42.17 -16.42
C ARG D 101 -12.07 -41.72 -17.33
N ARG D 102 -11.90 -40.58 -17.99
CA ARG D 102 -12.89 -40.14 -18.96
C ARG D 102 -12.83 -40.98 -20.22
N ALA D 103 -13.90 -40.90 -21.02
CA ALA D 103 -13.87 -41.54 -22.32
C ALA D 103 -12.73 -40.99 -23.18
N ASP D 104 -12.50 -39.67 -23.13
CA ASP D 104 -11.43 -39.12 -23.95
C ASP D 104 -10.02 -39.50 -23.46
N GLY D 105 -9.90 -40.44 -22.51
CA GLY D 105 -8.61 -40.89 -22.03
C GLY D 105 -8.02 -40.05 -20.91
N THR D 106 -8.57 -38.86 -20.64
CA THR D 106 -8.02 -38.05 -19.58
C THR D 106 -8.52 -38.53 -18.23
N TRP D 107 -7.92 -38.00 -17.18
CA TRP D 107 -8.27 -38.33 -15.80
C TRP D 107 -9.11 -37.21 -15.21
N ARG D 108 -10.31 -37.55 -14.77
CA ARG D 108 -11.20 -36.58 -14.14
C ARG D 108 -10.81 -36.44 -12.67
N ALA D 109 -10.50 -35.22 -12.25
CA ALA D 109 -10.16 -34.99 -10.85
C ALA D 109 -11.41 -35.18 -9.98
N GLY D 110 -11.22 -35.80 -8.81
CA GLY D 110 -12.30 -35.97 -7.86
C GLY D 110 -12.55 -34.72 -7.03
N SER D 111 -13.60 -34.78 -6.21
CA SER D 111 -13.99 -33.67 -5.36
C SER D 111 -13.10 -33.49 -4.14
N ALA D 112 -12.27 -34.47 -3.81
CA ALA D 112 -11.57 -34.49 -2.52
C ALA D 112 -10.72 -33.23 -2.33
N GLY D 113 -10.75 -32.70 -1.12
CA GLY D 113 -9.87 -31.60 -0.77
C GLY D 113 -10.43 -30.81 0.39
N TYR D 114 -9.73 -29.72 0.69
CA TYR D 114 -10.12 -28.79 1.76
C TYR D 114 -10.83 -27.60 1.12
N TRP D 115 -12.10 -27.45 1.45
CA TRP D 115 -12.93 -26.46 0.79
C TRP D 115 -13.65 -25.62 1.84
N HIS D 116 -14.57 -24.78 1.40
CA HIS D 116 -15.24 -23.89 2.32
C HIS D 116 -16.52 -23.37 1.67
N TYR D 117 -17.45 -22.91 2.51
CA TYR D 117 -18.69 -22.29 2.09
C TYR D 117 -18.78 -20.91 2.71
N HIS D 118 -19.54 -20.03 2.10
CA HIS D 118 -19.66 -18.68 2.63
C HIS D 118 -20.84 -17.97 1.96
N ASP D 119 -21.18 -16.81 2.51
CA ASP D 119 -22.28 -16.02 1.98
C ASP D 119 -21.85 -15.25 0.73
N HIS D 120 -22.83 -14.93 -0.13
CA HIS D 120 -22.56 -14.25 -1.38
C HIS D 120 -23.46 -13.03 -1.61
N VAL D 121 -24.25 -12.59 -0.60
CA VAL D 121 -25.21 -11.52 -0.87
C VAL D 121 -25.33 -10.44 0.21
N VAL D 122 -24.79 -10.66 1.40
CA VAL D 122 -24.89 -9.63 2.44
C VAL D 122 -23.92 -8.51 2.15
N GLY D 123 -24.40 -7.27 2.18
CA GLY D 123 -23.54 -6.13 1.92
C GLY D 123 -23.34 -5.82 0.44
N THR D 124 -22.83 -6.78 -0.31
CA THR D 124 -22.66 -6.65 -1.75
C THR D 124 -23.06 -7.96 -2.41
N GLU D 125 -23.19 -7.95 -3.74
CA GLU D 125 -23.52 -9.17 -4.49
C GLU D 125 -22.33 -10.16 -4.57
N HIS D 126 -21.26 -9.90 -3.83
CA HIS D 126 -20.21 -10.89 -3.60
C HIS D 126 -20.02 -11.19 -2.12
N GLY D 127 -20.99 -10.83 -1.29
CA GLY D 127 -20.99 -11.21 0.11
C GLY D 127 -19.93 -10.54 0.97
N THR D 128 -19.44 -9.38 0.56
CA THR D 128 -18.38 -8.72 1.33
C THR D 128 -18.81 -8.47 2.76
N GLY D 129 -20.06 -8.05 2.96
CA GLY D 129 -20.55 -7.81 4.31
C GLY D 129 -20.76 -9.10 5.09
N GLY D 130 -21.36 -10.11 4.44
CA GLY D 130 -21.60 -11.36 5.14
C GLY D 130 -20.32 -12.06 5.55
N ILE D 131 -19.33 -12.07 4.65
CA ILE D 131 -18.04 -12.66 4.96
C ILE D 131 -17.36 -11.90 6.10
N ARG D 132 -17.35 -10.56 6.00
CA ARG D 132 -16.79 -9.75 7.07
C ARG D 132 -17.48 -10.05 8.40
N ASN D 133 -18.79 -10.27 8.37
CA ASN D 133 -19.58 -10.48 9.58
C ASN D 133 -19.39 -11.87 10.18
N GLY D 134 -18.89 -12.84 9.42
CA GLY D 134 -18.64 -14.16 9.98
C GLY D 134 -19.27 -15.32 9.24
N LEU D 135 -19.89 -15.08 8.08
CA LEU D 135 -20.61 -16.14 7.38
C LEU D 135 -19.64 -16.92 6.50
N TYR D 136 -18.86 -17.80 7.13
CA TYR D 136 -17.97 -18.69 6.43
C TYR D 136 -17.76 -19.95 7.27
N GLY D 137 -17.41 -21.04 6.61
CA GLY D 137 -17.19 -22.31 7.29
C GLY D 137 -16.45 -23.31 6.43
N PRO D 138 -15.88 -24.34 7.06
CA PRO D 138 -15.07 -25.33 6.34
C PRO D 138 -15.87 -26.52 5.85
N VAL D 139 -15.42 -27.06 4.71
CA VAL D 139 -15.94 -28.31 4.16
C VAL D 139 -14.75 -29.18 3.79
N ILE D 140 -14.75 -30.42 4.28
CA ILE D 140 -13.73 -31.41 3.91
C ILE D 140 -14.42 -32.51 3.11
N VAL D 141 -13.88 -32.81 1.94
CA VAL D 141 -14.29 -33.98 1.17
C VAL D 141 -13.12 -34.94 1.16
N ARG D 142 -13.35 -36.16 1.62
CA ARG D 142 -12.31 -37.16 1.75
C ARG D 142 -12.37 -38.18 0.61
N ARG D 143 -11.21 -38.60 0.15
CA ARG D 143 -11.09 -39.70 -0.79
C ARG D 143 -11.02 -41.01 -0.01
N LYS D 144 -11.64 -42.05 -0.57
CA LYS D 144 -11.53 -43.39 -0.02
C LYS D 144 -10.08 -43.71 0.32
N GLY D 145 -9.84 -44.11 1.56
CA GLY D 145 -8.51 -44.45 2.01
C GLY D 145 -7.74 -43.30 2.65
N ASP D 146 -8.25 -42.07 2.57
CA ASP D 146 -7.59 -40.96 3.25
C ASP D 146 -7.51 -41.25 4.74
N VAL D 147 -6.41 -40.82 5.35
CA VAL D 147 -6.20 -41.06 6.78
C VAL D 147 -7.06 -40.09 7.59
N LEU D 148 -7.65 -40.60 8.67
CA LEU D 148 -8.53 -39.76 9.49
C LEU D 148 -7.77 -39.21 10.68
N PRO D 149 -7.98 -37.94 11.04
CA PRO D 149 -7.22 -37.33 12.13
C PRO D 149 -7.85 -37.62 13.49
N ASP D 150 -7.06 -37.35 14.54
CA ASP D 150 -7.61 -37.40 15.89
C ASP D 150 -8.46 -36.17 16.20
N ALA D 151 -8.14 -35.02 15.58
CA ALA D 151 -8.92 -33.80 15.74
C ALA D 151 -8.70 -32.92 14.52
N THR D 152 -9.67 -32.04 14.24
CA THR D 152 -9.61 -31.09 13.13
C THR D 152 -9.82 -29.69 13.68
N HIS D 153 -8.97 -28.75 13.26
CA HIS D 153 -9.08 -27.36 13.71
C HIS D 153 -9.11 -26.44 12.50
N THR D 154 -10.00 -25.46 12.54
CA THR D 154 -10.20 -24.55 11.42
C THR D 154 -9.68 -23.17 11.78
N ILE D 155 -8.81 -22.65 10.94
CA ILE D 155 -8.14 -21.36 11.13
C ILE D 155 -8.47 -20.53 9.93
N VAL D 156 -9.24 -19.45 10.12
CA VAL D 156 -9.62 -18.57 9.03
C VAL D 156 -8.99 -17.20 9.25
N PHE D 157 -8.18 -16.77 8.29
CA PHE D 157 -7.66 -15.40 8.28
C PHE D 157 -8.71 -14.58 7.55
N ASN D 158 -9.48 -13.78 8.30
CA ASN D 158 -10.53 -12.94 7.72
C ASN D 158 -10.13 -11.49 7.94
N ASP D 159 -9.79 -10.80 6.85
CA ASP D 159 -9.16 -9.48 6.92
C ASP D 159 -7.99 -9.60 7.87
N ALA D 160 -7.84 -8.71 8.85
CA ALA D 160 -6.72 -8.78 9.78
C ALA D 160 -7.10 -9.45 11.10
N THR D 161 -7.93 -10.50 11.05
CA THR D 161 -8.35 -11.25 12.22
C THR D 161 -8.23 -12.74 11.96
N ILE D 162 -8.23 -13.51 13.05
CA ILE D 162 -8.37 -14.96 12.98
C ILE D 162 -9.76 -15.31 13.50
N ASN D 163 -10.58 -15.89 12.64
CA ASN D 163 -11.94 -16.34 13.02
C ASN D 163 -12.76 -15.20 13.64
N ASN D 164 -12.56 -13.98 13.14
CA ASN D 164 -13.27 -12.79 13.61
C ASN D 164 -13.00 -12.48 15.08
N ARG D 165 -11.91 -12.97 15.62
CA ARG D 165 -11.72 -12.72 17.05
C ARG D 165 -10.92 -11.44 17.27
N PRO D 166 -11.07 -10.81 18.45
CA PRO D 166 -10.24 -9.64 18.76
C PRO D 166 -8.76 -9.98 18.71
N ALA D 167 -7.97 -8.96 18.37
CA ALA D 167 -6.52 -9.10 18.33
C ALA D 167 -5.98 -9.75 19.59
N HIS D 168 -5.00 -10.65 19.41
CA HIS D 168 -4.27 -11.30 20.50
C HIS D 168 -5.16 -12.21 21.35
N THR D 169 -6.17 -12.83 20.75
CA THR D 169 -7.03 -13.72 21.53
C THR D 169 -7.11 -15.11 20.91
N GLY D 170 -6.03 -15.56 20.26
CA GLY D 170 -5.98 -16.89 19.69
C GLY D 170 -6.74 -17.01 18.39
N PRO D 171 -7.42 -18.16 18.18
CA PRO D 171 -7.65 -19.25 19.12
C PRO D 171 -6.45 -20.18 19.32
N ASN D 172 -6.43 -20.83 20.47
CA ASN D 172 -5.47 -21.89 20.77
C ASN D 172 -6.13 -23.25 20.58
N PHE D 173 -5.31 -24.24 20.27
CA PHE D 173 -5.75 -25.61 20.09
C PHE D 173 -4.84 -26.51 20.89
N GLU D 174 -5.38 -27.60 21.43
CA GLU D 174 -4.61 -28.49 22.28
C GLU D 174 -4.47 -29.87 21.64
N ALA D 175 -3.30 -30.47 21.82
CA ALA D 175 -3.08 -31.85 21.43
C ALA D 175 -2.06 -32.48 22.37
N THR D 176 -1.90 -33.79 22.23
CA THR D 176 -0.85 -34.54 22.89
C THR D 176 0.17 -34.98 21.85
N VAL D 177 1.44 -35.02 22.25
CA VAL D 177 2.49 -35.49 21.35
C VAL D 177 2.05 -36.80 20.69
N GLY D 178 2.16 -36.85 19.36
CA GLY D 178 1.77 -38.05 18.62
C GLY D 178 0.39 -38.00 18.01
N ASP D 179 -0.47 -37.10 18.48
CA ASP D 179 -1.79 -36.94 17.89
C ASP D 179 -1.69 -36.59 16.41
N ARG D 180 -2.59 -37.15 15.61
CA ARG D 180 -2.74 -36.77 14.22
C ARG D 180 -3.74 -35.62 14.16
N VAL D 181 -3.25 -34.43 13.85
CA VAL D 181 -4.03 -33.21 13.95
C VAL D 181 -4.21 -32.65 12.55
N GLU D 182 -5.46 -32.41 12.19
CA GLU D 182 -5.79 -31.83 10.90
C GLU D 182 -6.03 -30.34 11.05
N ILE D 183 -5.46 -29.55 10.14
CA ILE D 183 -5.65 -28.11 10.11
C ILE D 183 -6.33 -27.77 8.80
N VAL D 184 -7.44 -27.05 8.87
CA VAL D 184 -8.09 -26.46 7.71
C VAL D 184 -7.82 -24.96 7.76
N MET D 185 -7.24 -24.43 6.67
CA MET D 185 -6.77 -23.04 6.63
C MET D 185 -7.47 -22.34 5.48
N ILE D 186 -8.29 -21.34 5.82
CA ILE D 186 -9.11 -20.59 4.88
C ILE D 186 -8.78 -19.12 5.03
N THR D 187 -8.82 -18.39 3.91
CA THR D 187 -8.53 -16.97 3.90
C THR D 187 -9.71 -16.22 3.28
N HIS D 188 -10.05 -15.07 3.85
CA HIS D 188 -11.17 -14.29 3.36
C HIS D 188 -10.87 -12.81 3.46
N GLY D 189 -11.55 -12.04 2.61
CA GLY D 189 -11.57 -10.60 2.77
C GLY D 189 -10.75 -9.85 1.74
N GLU D 190 -9.84 -9.01 2.23
CA GLU D 190 -9.17 -8.04 1.37
C GLU D 190 -7.67 -8.29 1.23
N TYR D 191 -7.05 -8.97 2.17
CA TYR D 191 -5.59 -9.00 2.31
C TYR D 191 -5.03 -10.37 1.94
N TYR D 192 -3.82 -10.36 1.41
CA TYR D 192 -3.00 -11.56 1.38
C TYR D 192 -2.38 -11.80 2.77
N HIS D 193 -2.09 -13.06 3.07
CA HIS D 193 -1.47 -13.44 4.33
C HIS D 193 -0.42 -14.50 4.06
N THR D 194 0.41 -14.79 5.08
CA THR D 194 1.27 -15.97 5.05
C THR D 194 1.09 -16.71 6.37
N PHE D 195 0.58 -17.94 6.29
CA PHE D 195 0.36 -18.77 7.46
C PHE D 195 1.64 -19.53 7.82
N HIS D 196 2.09 -19.40 9.07
CA HIS D 196 3.30 -20.07 9.54
C HIS D 196 3.00 -20.83 10.83
N MET D 197 3.55 -22.04 10.91
N MET D 197 3.60 -22.01 10.97
CA MET D 197 3.51 -22.85 12.13
CA MET D 197 3.44 -22.81 12.19
C MET D 197 4.93 -23.06 12.62
C MET D 197 4.82 -23.25 12.69
N HIS D 198 5.15 -22.88 13.93
CA HIS D 198 6.43 -23.26 14.51
C HIS D 198 6.44 -24.76 14.79
N GLY D 199 7.61 -25.37 14.61
CA GLY D 199 7.86 -26.74 15.03
C GLY D 199 7.27 -27.82 14.13
N HIS D 200 6.58 -27.45 13.07
CA HIS D 200 5.90 -28.42 12.23
C HIS D 200 5.98 -27.97 10.78
N ARG D 201 5.71 -28.91 9.87
CA ARG D 201 5.77 -28.64 8.45
C ARG D 201 4.83 -29.61 7.75
N TRP D 202 4.51 -29.28 6.51
CA TRP D 202 3.60 -30.12 5.74
C TRP D 202 3.98 -30.02 4.28
N ALA D 203 3.38 -30.90 3.48
CA ALA D 203 3.60 -30.92 2.05
C ALA D 203 2.57 -30.05 1.34
N ASP D 204 3.03 -29.29 0.34
CA ASP D 204 2.14 -28.41 -0.41
C ASP D 204 1.42 -29.22 -1.49
N ASN D 205 0.47 -30.05 -1.04
CA ASN D 205 -0.30 -30.88 -1.99
C ASN D 205 -1.71 -31.07 -1.44
N ARG D 206 -2.46 -32.02 -2.02
CA ARG D 206 -3.88 -32.12 -1.69
C ARG D 206 -4.10 -32.41 -0.20
N THR D 207 -3.38 -33.38 0.35
CA THR D 207 -3.62 -33.82 1.72
C THR D 207 -2.68 -33.19 2.74
N GLY D 208 -1.62 -32.52 2.30
CA GLY D 208 -0.63 -32.02 3.22
C GLY D 208 0.40 -33.05 3.63
N MET D 209 0.30 -34.27 3.11
CA MET D 209 1.26 -35.33 3.36
C MET D 209 1.76 -35.85 2.02
N LEU D 210 3.07 -36.02 1.91
CA LEU D 210 3.62 -36.62 0.70
C LEU D 210 3.00 -38.00 0.47
N THR D 211 2.73 -38.32 -0.79
CA THR D 211 2.17 -39.64 -1.07
C THR D 211 3.20 -40.74 -0.88
N GLY D 212 4.48 -40.39 -0.78
CA GLY D 212 5.56 -41.35 -0.74
C GLY D 212 6.84 -40.76 -1.31
N PRO D 213 7.83 -41.61 -1.59
CA PRO D 213 9.12 -41.10 -2.08
C PRO D 213 9.07 -40.48 -3.47
N ASP D 214 8.00 -40.69 -4.24
CA ASP D 214 7.94 -40.15 -5.59
C ASP D 214 7.21 -38.82 -5.67
N ASP D 215 6.78 -38.28 -4.53
CA ASP D 215 6.02 -37.04 -4.49
C ASP D 215 7.00 -35.88 -4.45
N PRO D 216 7.07 -35.03 -5.49
CA PRO D 216 8.06 -33.94 -5.51
C PRO D 216 7.59 -32.64 -4.85
N SER D 217 6.42 -32.64 -4.21
CA SER D 217 5.88 -31.41 -3.62
C SER D 217 6.87 -30.78 -2.64
N GLN D 218 6.91 -29.44 -2.65
CA GLN D 218 7.72 -28.73 -1.66
C GLN D 218 7.15 -28.96 -0.27
N VAL D 219 8.03 -29.19 0.68
CA VAL D 219 7.66 -29.25 2.10
C VAL D 219 7.92 -27.87 2.68
N ILE D 220 6.92 -27.34 3.39
CA ILE D 220 6.87 -25.94 3.76
C ILE D 220 6.39 -25.81 5.20
N ASP D 221 6.65 -24.64 5.80
CA ASP D 221 6.01 -24.31 7.07
C ASP D 221 5.40 -22.91 7.03
N ASN D 222 5.27 -22.35 5.83
CA ASN D 222 4.90 -20.97 5.59
C ASN D 222 4.22 -20.96 4.23
N LYS D 223 3.02 -20.38 4.12
CA LYS D 223 2.31 -20.45 2.86
C LYS D 223 1.53 -19.17 2.62
N ILE D 224 1.76 -18.53 1.45
CA ILE D 224 1.01 -17.34 1.09
C ILE D 224 -0.37 -17.77 0.64
N CYS D 225 -1.39 -17.03 1.08
CA CYS D 225 -2.79 -17.31 0.76
C CYS D 225 -3.51 -15.99 0.56
N GLY D 226 -4.54 -16.02 -0.28
CA GLY D 226 -5.34 -14.85 -0.54
C GLY D 226 -6.82 -15.13 -0.33
N PRO D 227 -7.66 -14.12 -0.50
CA PRO D 227 -9.10 -14.27 -0.22
C PRO D 227 -9.74 -15.41 -1.00
N ALA D 228 -10.46 -16.27 -0.27
CA ALA D 228 -11.16 -17.49 -0.66
C ALA D 228 -10.25 -18.67 -0.97
N ASP D 229 -8.94 -18.57 -0.72
CA ASP D 229 -8.07 -19.73 -0.76
C ASP D 229 -8.39 -20.68 0.38
N SER D 230 -8.28 -21.98 0.11
CA SER D 230 -8.32 -22.95 1.20
C SER D 230 -7.28 -24.02 0.95
N PHE D 231 -6.65 -24.49 2.03
CA PHE D 231 -5.83 -25.68 1.97
C PHE D 231 -5.90 -26.35 3.32
N GLY D 232 -5.39 -27.58 3.38
CA GLY D 232 -5.36 -28.24 4.67
C GLY D 232 -4.20 -29.19 4.72
N PHE D 233 -3.98 -29.73 5.92
CA PHE D 233 -2.91 -30.70 6.10
C PHE D 233 -3.13 -31.44 7.39
N GLN D 234 -2.39 -32.53 7.55
CA GLN D 234 -2.32 -33.24 8.80
C GLN D 234 -0.87 -33.29 9.24
N ILE D 235 -0.67 -33.11 10.54
CA ILE D 235 0.64 -33.19 11.14
C ILE D 235 0.55 -34.14 12.33
N ILE D 236 1.69 -34.71 12.70
CA ILE D 236 1.83 -35.46 13.93
C ILE D 236 2.33 -34.47 14.98
N ALA D 237 1.48 -34.20 15.98
CA ALA D 237 1.81 -33.18 16.97
C ALA D 237 3.14 -33.47 17.64
N GLY D 238 4.03 -32.48 17.64
CA GLY D 238 5.32 -32.62 18.27
C GLY D 238 6.27 -33.60 17.62
N GLU D 239 6.02 -34.00 16.38
CA GLU D 239 6.87 -35.03 15.75
C GLU D 239 8.29 -34.50 15.57
N GLY D 240 9.26 -35.21 16.15
CA GLY D 240 10.65 -34.81 16.08
C GLY D 240 11.01 -33.56 16.85
N VAL D 241 10.05 -32.92 17.52
CA VAL D 241 10.31 -31.65 18.19
C VAL D 241 9.83 -31.63 19.63
N GLY D 242 8.86 -32.46 20.01
CA GLY D 242 8.44 -32.57 21.40
C GLY D 242 7.31 -31.62 21.76
N ALA D 243 7.00 -31.62 23.06
CA ALA D 243 5.91 -30.83 23.59
C ALA D 243 6.31 -29.36 23.65
N GLY D 244 5.31 -28.49 23.76
CA GLY D 244 5.53 -27.06 23.89
C GLY D 244 4.35 -26.28 23.38
N ALA D 245 4.38 -24.97 23.66
CA ALA D 245 3.38 -24.03 23.12
C ALA D 245 3.91 -23.55 21.78
N TRP D 246 3.47 -24.22 20.72
CA TRP D 246 3.96 -23.98 19.37
C TRP D 246 3.12 -22.89 18.71
N MET D 247 3.75 -21.75 18.44
CA MET D 247 3.04 -20.64 17.85
C MET D 247 2.61 -20.97 16.43
N TYR D 248 1.45 -20.45 16.05
CA TYR D 248 1.12 -20.26 14.64
C TYR D 248 0.69 -18.81 14.47
N HIS D 249 0.93 -18.26 13.29
CA HIS D 249 0.55 -16.88 13.09
C HIS D 249 0.67 -16.54 11.61
N CYS D 250 0.04 -15.43 11.24
CA CYS D 250 0.41 -14.83 9.97
C CYS D 250 1.80 -14.23 10.09
N HIS D 251 2.61 -14.36 9.03
CA HIS D 251 3.97 -13.86 9.11
C HIS D 251 4.15 -12.48 8.48
N VAL D 252 3.10 -11.89 7.91
CA VAL D 252 3.14 -10.47 7.59
C VAL D 252 3.35 -9.71 8.89
N GLN D 253 4.43 -8.93 8.97
CA GLN D 253 4.90 -8.50 10.29
C GLN D 253 3.87 -7.62 11.01
N SER D 254 3.21 -6.69 10.31
CA SER D 254 2.23 -5.86 11.01
C SER D 254 1.03 -6.71 11.46
N HIS D 255 0.72 -7.78 10.73
CA HIS D 255 -0.40 -8.64 11.09
C HIS D 255 -0.11 -9.43 12.35
N SER D 256 1.09 -10.01 12.44
CA SER D 256 1.45 -10.73 13.66
C SER D 256 1.59 -9.76 14.83
N ASP D 257 2.18 -8.59 14.59
CA ASP D 257 2.31 -7.59 15.65
C ASP D 257 0.95 -7.14 16.18
N MET D 258 -0.02 -7.00 15.27
N MET D 258 -0.02 -7.00 15.27
CA MET D 258 -1.33 -6.52 15.70
CA MET D 258 -1.36 -6.54 15.66
C MET D 258 -2.17 -7.61 16.35
C MET D 258 -2.31 -7.69 15.99
N GLY D 259 -1.77 -8.88 16.27
CA GLY D 259 -2.48 -9.91 17.00
C GLY D 259 -2.96 -11.14 16.23
N MET D 260 -2.54 -11.34 14.98
CA MET D 260 -2.95 -12.54 14.24
C MET D 260 -2.04 -13.71 14.63
N VAL D 261 -2.21 -14.18 15.86
N VAL D 261 -2.18 -14.15 15.88
CA VAL D 261 -1.33 -15.16 16.47
CA VAL D 261 -1.34 -15.20 16.43
C VAL D 261 -2.15 -16.13 17.32
C VAL D 261 -2.22 -16.16 17.24
N GLY D 262 -1.74 -17.40 17.35
CA GLY D 262 -2.38 -18.38 18.22
C GLY D 262 -1.36 -19.43 18.64
N LEU D 263 -1.83 -20.36 19.47
CA LEU D 263 -0.96 -21.40 20.01
C LEU D 263 -1.50 -22.78 19.71
N PHE D 264 -0.59 -23.65 19.31
CA PHE D 264 -0.80 -25.08 19.21
C PHE D 264 -0.15 -25.69 20.46
N LEU D 265 -0.95 -25.93 21.50
CA LEU D 265 -0.44 -26.36 22.80
C LEU D 265 -0.28 -27.87 22.79
N VAL D 266 0.95 -28.35 22.65
CA VAL D 266 1.23 -29.77 22.53
C VAL D 266 1.74 -30.26 23.87
N LYS D 267 1.03 -31.20 24.48
CA LYS D 267 1.34 -31.72 25.81
C LYS D 267 2.07 -33.06 25.71
N LYS D 268 2.96 -33.30 26.67
CA LYS D 268 3.50 -34.64 26.84
C LYS D 268 2.38 -35.57 27.30
N PRO D 269 2.58 -36.89 27.19
CA PRO D 269 1.62 -37.82 27.80
C PRO D 269 1.31 -37.49 29.24
N ASP D 270 2.27 -37.00 30.02
CA ASP D 270 2.00 -36.67 31.41
C ASP D 270 1.30 -35.33 31.58
N GLY D 271 0.92 -34.67 30.48
CA GLY D 271 0.15 -33.45 30.52
C GLY D 271 0.96 -32.16 30.54
N THR D 272 2.28 -32.23 30.54
CA THR D 272 3.08 -31.01 30.70
C THR D 272 3.39 -30.35 29.36
N ILE D 273 3.52 -29.03 29.40
CA ILE D 273 3.89 -28.21 28.25
C ILE D 273 5.12 -27.40 28.65
N PRO D 274 6.31 -27.86 28.31
CA PRO D 274 7.53 -27.27 28.86
C PRO D 274 7.63 -25.77 28.56
N GLY D 275 7.81 -24.99 29.62
CA GLY D 275 8.05 -23.56 29.50
C GLY D 275 6.83 -22.71 29.20
N TYR D 276 5.65 -23.30 29.08
CA TYR D 276 4.46 -22.53 28.78
C TYR D 276 4.07 -21.69 30.00
N ASP D 277 4.04 -20.37 29.84
CA ASP D 277 3.81 -19.46 30.95
C ASP D 277 2.96 -18.28 30.48
N PRO D 278 1.68 -18.52 30.19
CA PRO D 278 0.85 -17.47 29.58
C PRO D 278 0.69 -16.27 30.49
N GLN D 279 0.76 -15.08 29.88
CA GLN D 279 0.70 -13.83 30.62
C GLN D 279 -0.67 -13.19 30.54
N ALA E 1 -11.24 -35.12 -28.87
CA ALA E 1 -9.93 -34.87 -28.32
C ALA E 1 -9.02 -34.07 -29.25
N GLY E 2 -7.99 -34.73 -29.72
CA GLY E 2 -6.97 -34.12 -30.52
C GLY E 2 -5.77 -34.01 -29.59
N ALA E 3 -4.59 -34.27 -30.10
CA ALA E 3 -3.40 -34.18 -29.29
C ALA E 3 -2.29 -33.42 -29.98
N ALA E 4 -1.50 -32.69 -29.22
CA ALA E 4 -0.42 -31.93 -29.84
C ALA E 4 0.58 -32.86 -30.50
N PRO E 5 1.07 -32.53 -31.70
CA PRO E 5 2.14 -33.32 -32.31
C PRO E 5 3.49 -32.88 -31.75
N ALA E 6 4.51 -33.66 -32.09
CA ALA E 6 5.87 -33.23 -31.81
C ALA E 6 6.16 -31.95 -32.59
N GLY E 7 6.88 -31.03 -31.96
CA GLY E 7 7.26 -29.79 -32.60
C GLY E 7 8.56 -29.93 -33.37
N GLY E 8 9.07 -28.78 -33.82
CA GLY E 8 10.28 -28.76 -34.61
C GLY E 8 10.16 -28.00 -35.91
N GLU E 9 9.07 -27.23 -36.06
CA GLU E 9 8.91 -26.40 -37.24
C GLU E 9 9.45 -24.99 -36.98
N VAL E 10 9.98 -24.39 -38.03
CA VAL E 10 10.35 -22.98 -38.01
C VAL E 10 9.20 -22.17 -38.59
N ARG E 11 8.61 -21.30 -37.79
CA ARG E 11 7.48 -20.47 -38.20
C ARG E 11 7.88 -19.00 -38.19
N ARG E 12 7.16 -18.20 -38.98
CA ARG E 12 7.36 -16.75 -39.03
C ARG E 12 6.00 -16.06 -39.02
N VAL E 13 5.90 -15.00 -38.22
CA VAL E 13 4.71 -14.14 -38.17
C VAL E 13 5.14 -12.68 -38.12
N THR E 14 4.25 -11.81 -38.57
CA THR E 14 4.37 -10.38 -38.38
C THR E 14 3.62 -9.97 -37.13
N MET E 15 4.21 -9.09 -36.34
CA MET E 15 3.52 -8.46 -35.22
C MET E 15 3.72 -6.96 -35.29
N TYR E 16 2.70 -6.21 -34.89
CA TYR E 16 2.72 -4.76 -34.89
C TYR E 16 2.33 -4.27 -33.50
N ALA E 17 3.01 -3.22 -33.04
CA ALA E 17 2.56 -2.48 -31.88
C ALA E 17 1.84 -1.23 -32.38
N GLU E 18 0.65 -0.98 -31.85
CA GLU E 18 -0.20 0.09 -32.34
C GLU E 18 -0.86 0.84 -31.19
N ARG E 19 -1.00 2.15 -31.34
CA ARG E 19 -1.86 2.90 -30.45
C ARG E 19 -3.31 2.51 -30.66
N LEU E 20 -4.07 2.49 -29.58
CA LEU E 20 -5.51 2.27 -29.59
C LEU E 20 -6.19 3.43 -28.88
N ALA E 21 -7.51 3.45 -28.94
CA ALA E 21 -8.26 4.58 -28.40
C ALA E 21 -7.98 4.76 -26.90
N GLY E 22 -8.09 6.01 -26.44
CA GLY E 22 -8.02 6.29 -25.02
C GLY E 22 -6.65 6.10 -24.39
N GLY E 23 -5.58 6.28 -25.16
CA GLY E 23 -4.24 6.13 -24.64
C GLY E 23 -3.75 4.69 -24.53
N GLN E 24 -4.52 3.73 -25.02
CA GLN E 24 -4.14 2.33 -24.93
C GLN E 24 -3.19 1.97 -26.07
N MET E 25 -2.54 0.82 -25.93
CA MET E 25 -1.64 0.28 -26.95
C MET E 25 -1.83 -1.22 -27.01
N GLY E 26 -1.60 -1.80 -28.19
CA GLY E 26 -1.85 -3.22 -28.35
C GLY E 26 -0.94 -3.81 -29.41
N TYR E 27 -0.79 -5.13 -29.33
CA TYR E 27 -0.12 -5.91 -30.36
C TYR E 27 -1.15 -6.53 -31.28
N GLY E 28 -0.76 -6.73 -32.54
CA GLY E 28 -1.60 -7.46 -33.47
C GLY E 28 -0.78 -8.15 -34.55
N LEU E 29 -1.40 -9.15 -35.19
CA LEU E 29 -0.73 -9.85 -36.28
C LEU E 29 -0.88 -9.16 -37.62
N GLU E 30 -1.86 -8.25 -37.74
CA GLU E 30 -2.10 -7.50 -38.96
C GLU E 30 -2.22 -6.02 -38.61
N LYS E 31 -1.72 -5.17 -39.52
CA LYS E 31 -1.81 -3.73 -39.32
C LYS E 31 -3.26 -3.31 -39.14
N GLY E 32 -3.50 -2.46 -38.15
CA GLY E 32 -4.83 -1.95 -37.87
C GLY E 32 -5.72 -2.89 -37.10
N LYS E 33 -5.22 -4.05 -36.67
CA LYS E 33 -6.03 -5.06 -36.00
C LYS E 33 -5.40 -5.46 -34.66
N ALA E 34 -4.76 -4.51 -33.99
CA ALA E 34 -4.23 -4.76 -32.66
C ALA E 34 -5.38 -5.04 -31.69
N SER E 35 -5.09 -5.83 -30.66
CA SER E 35 -6.09 -6.22 -29.68
C SER E 35 -5.47 -6.25 -28.29
N ILE E 36 -6.32 -6.20 -27.28
CA ILE E 36 -5.91 -6.37 -25.89
C ILE E 36 -6.83 -7.42 -25.28
N PRO E 37 -6.32 -8.58 -24.84
CA PRO E 37 -4.92 -9.02 -24.90
C PRO E 37 -4.46 -9.19 -26.33
N GLY E 38 -3.15 -9.23 -26.56
CA GLY E 38 -2.63 -9.46 -27.89
C GLY E 38 -2.98 -10.85 -28.40
N PRO E 39 -2.60 -11.13 -29.64
CA PRO E 39 -2.92 -12.43 -30.23
C PRO E 39 -2.30 -13.59 -29.47
N LEU E 40 -3.04 -14.70 -29.44
CA LEU E 40 -2.58 -15.94 -28.84
C LEU E 40 -1.57 -16.60 -29.76
N ILE E 41 -0.39 -16.87 -29.23
N ILE E 41 -0.37 -16.84 -29.24
CA ILE E 41 0.66 -17.58 -29.96
CA ILE E 41 0.67 -17.57 -29.93
C ILE E 41 0.75 -18.99 -29.40
C ILE E 41 0.66 -19.00 -29.38
N GLU E 42 0.62 -19.98 -30.27
CA GLU E 42 0.65 -21.38 -29.89
C GLU E 42 1.83 -22.06 -30.58
N LEU E 43 2.62 -22.80 -29.81
CA LEU E 43 3.75 -23.53 -30.35
C LEU E 43 3.80 -24.93 -29.75
N ASN E 44 4.41 -25.84 -30.48
CA ASN E 44 4.76 -27.16 -29.97
C ASN E 44 6.23 -27.16 -29.60
N GLU E 45 6.57 -27.84 -28.50
CA GLU E 45 7.96 -27.90 -28.03
C GLU E 45 8.90 -28.29 -29.17
N GLY E 46 9.95 -27.50 -29.36
CA GLY E 46 10.87 -27.66 -30.47
C GLY E 46 10.66 -26.65 -31.58
N ASP E 47 9.45 -26.09 -31.70
CA ASP E 47 9.18 -25.05 -32.68
C ASP E 47 10.03 -23.82 -32.42
N THR E 48 10.42 -23.15 -33.51
CA THR E 48 11.05 -21.84 -33.49
C THR E 48 10.08 -20.83 -34.08
N LEU E 49 9.96 -19.66 -33.46
CA LEU E 49 9.10 -18.61 -33.99
C LEU E 49 9.93 -17.34 -34.24
N HIS E 50 9.89 -16.84 -35.47
CA HIS E 50 10.51 -15.57 -35.81
C HIS E 50 9.40 -14.51 -35.88
N VAL E 51 9.42 -13.57 -34.95
CA VAL E 51 8.42 -12.51 -34.90
C VAL E 51 9.00 -11.30 -35.65
N GLU E 52 8.51 -11.07 -36.87
CA GLU E 52 8.91 -9.89 -37.64
C GLU E 52 8.09 -8.71 -37.12
N PHE E 53 8.72 -7.92 -36.26
CA PHE E 53 8.05 -6.93 -35.44
C PHE E 53 8.18 -5.54 -36.04
N GLU E 54 7.09 -4.78 -36.00
CA GLU E 54 7.11 -3.39 -36.44
C GLU E 54 6.45 -2.51 -35.38
N ASN E 55 7.13 -1.43 -35.02
CA ASN E 55 6.57 -0.44 -34.09
C ASN E 55 5.96 0.69 -34.91
N THR E 56 4.64 0.76 -34.95
CA THR E 56 3.98 1.82 -35.69
C THR E 56 3.72 3.07 -34.85
N MET E 57 4.18 3.09 -33.60
CA MET E 57 3.89 4.19 -32.70
C MET E 57 5.01 5.24 -32.73
N ASP E 58 4.74 6.36 -32.07
CA ASP E 58 5.72 7.43 -31.97
C ASP E 58 6.60 7.32 -30.73
N VAL E 59 6.52 6.23 -29.99
CA VAL E 59 7.40 6.00 -28.85
C VAL E 59 8.04 4.63 -28.99
N PRO E 60 9.19 4.42 -28.34
CA PRO E 60 9.80 3.08 -28.34
C PRO E 60 8.88 2.03 -27.72
N VAL E 61 9.08 0.78 -28.13
CA VAL E 61 8.33 -0.35 -27.60
C VAL E 61 9.23 -1.57 -27.71
N SER E 62 8.89 -2.62 -26.96
CA SER E 62 9.64 -3.86 -27.07
C SER E 62 8.71 -5.04 -26.87
N LEU E 63 9.28 -6.24 -27.04
CA LEU E 63 8.55 -7.50 -26.90
C LEU E 63 9.42 -8.41 -26.03
N HIS E 64 8.94 -8.70 -24.83
CA HIS E 64 9.65 -9.58 -23.91
C HIS E 64 8.75 -10.77 -23.61
N VAL E 65 9.30 -11.96 -23.68
CA VAL E 65 8.50 -13.17 -23.50
C VAL E 65 9.00 -13.92 -22.27
N HIS E 66 8.06 -14.51 -21.56
CA HIS E 66 8.34 -15.38 -20.42
C HIS E 66 8.47 -16.82 -20.88
N GLY E 67 9.36 -17.57 -20.21
CA GLY E 67 9.41 -19.02 -20.35
C GLY E 67 10.13 -19.58 -21.57
N LEU E 68 9.94 -18.98 -22.73
CA LEU E 68 10.52 -19.54 -23.94
C LEU E 68 12.03 -19.26 -23.98
N ASP E 69 12.72 -19.96 -24.88
CA ASP E 69 14.15 -19.74 -25.07
C ASP E 69 14.37 -18.53 -25.97
N TYR E 70 15.23 -17.61 -25.55
CA TYR E 70 15.59 -16.50 -26.42
C TYR E 70 17.01 -16.05 -26.07
N GLU E 71 17.75 -15.65 -27.09
CA GLU E 71 19.04 -15.05 -26.82
C GLU E 71 18.85 -13.61 -26.34
N ILE E 72 19.92 -13.05 -25.79
CA ILE E 72 19.85 -11.73 -25.17
C ILE E 72 19.40 -10.67 -26.18
N SER E 73 19.72 -10.87 -27.47
CA SER E 73 19.26 -9.97 -28.52
C SER E 73 17.74 -9.95 -28.68
N SER E 74 17.02 -10.92 -28.12
CA SER E 74 15.56 -10.91 -28.13
C SER E 74 15.00 -10.75 -26.71
N ASP E 75 15.81 -10.19 -25.80
CA ASP E 75 15.33 -9.91 -24.45
C ASP E 75 14.19 -8.91 -24.46
N GLY E 76 14.22 -7.98 -25.41
CA GLY E 76 13.22 -6.93 -25.49
C GLY E 76 13.38 -5.87 -24.42
N THR E 77 14.60 -5.50 -24.08
CA THR E 77 14.84 -4.45 -23.09
C THR E 77 15.77 -3.40 -23.66
N LYS E 78 15.61 -2.17 -23.16
CA LYS E 78 16.54 -1.10 -23.51
C LYS E 78 17.94 -1.40 -22.99
N GLN E 79 18.03 -2.15 -21.89
CA GLN E 79 19.31 -2.42 -21.25
C GLN E 79 20.25 -3.22 -22.15
N ASN E 80 19.70 -4.07 -23.02
N ASN E 80 19.71 -4.08 -23.01
CA ASN E 80 20.47 -4.82 -23.99
CA ASN E 80 20.54 -4.79 -23.99
C ASN E 80 20.22 -4.36 -25.42
C ASN E 80 20.19 -4.37 -25.42
N LYS E 81 19.70 -3.14 -25.59
CA LYS E 81 19.45 -2.54 -26.91
C LYS E 81 18.56 -3.42 -27.79
N SER E 82 17.60 -4.13 -27.20
CA SER E 82 16.73 -5.01 -27.97
C SER E 82 15.31 -4.48 -28.06
N HIS E 83 15.12 -3.18 -27.85
CA HIS E 83 13.84 -2.52 -28.06
C HIS E 83 13.71 -2.13 -29.52
N VAL E 84 12.58 -1.53 -29.88
CA VAL E 84 12.32 -1.08 -31.24
C VAL E 84 11.96 0.40 -31.20
N GLU E 85 12.69 1.21 -31.96
CA GLU E 85 12.46 2.64 -32.03
C GLU E 85 11.14 2.93 -32.75
N PRO E 86 10.60 4.15 -32.63
CA PRO E 86 9.39 4.50 -33.37
C PRO E 86 9.57 4.30 -34.88
N GLY E 87 8.56 3.68 -35.50
CA GLY E 87 8.64 3.33 -36.90
C GLY E 87 9.58 2.21 -37.23
N GLY E 88 10.35 1.70 -36.26
CA GLY E 88 11.37 0.71 -36.57
C GLY E 88 10.82 -0.70 -36.71
N THR E 89 11.70 -1.59 -37.17
CA THR E 89 11.41 -3.01 -37.29
C THR E 89 12.52 -3.81 -36.63
N ARG E 90 12.18 -5.03 -36.24
CA ARG E 90 13.13 -5.94 -35.62
C ARG E 90 12.54 -7.34 -35.69
N THR E 91 13.40 -8.32 -35.85
CA THR E 91 12.97 -9.72 -35.78
C THR E 91 13.31 -10.25 -34.40
N TYR E 92 12.28 -10.57 -33.62
CA TYR E 92 12.42 -11.26 -32.35
C TYR E 92 12.33 -12.76 -32.59
N THR E 93 13.27 -13.52 -32.04
CA THR E 93 13.29 -14.96 -32.24
C THR E 93 13.06 -15.67 -30.92
N TRP E 94 12.04 -16.53 -30.89
CA TRP E 94 11.76 -17.38 -29.75
C TRP E 94 11.99 -18.82 -30.14
N ARG E 95 12.67 -19.57 -29.27
CA ARG E 95 12.86 -20.99 -29.46
C ARG E 95 12.23 -21.75 -28.29
N THR E 96 11.98 -23.04 -28.52
CA THR E 96 11.44 -23.94 -27.51
C THR E 96 12.14 -25.28 -27.62
N HIS E 97 12.10 -26.06 -26.54
CA HIS E 97 12.80 -27.33 -26.53
C HIS E 97 11.98 -28.37 -25.78
N GLU E 98 12.15 -29.63 -26.17
CA GLU E 98 11.59 -30.76 -25.45
C GLU E 98 12.37 -31.01 -24.17
N PRO E 99 11.74 -31.64 -23.18
CA PRO E 99 12.49 -32.11 -22.01
C PRO E 99 13.38 -33.29 -22.41
N GLY E 100 14.37 -33.58 -21.57
CA GLY E 100 15.23 -34.71 -21.88
C GLY E 100 16.32 -34.87 -20.84
N ARG E 101 17.03 -36.00 -20.96
CA ARG E 101 18.07 -36.37 -20.03
C ARG E 101 19.37 -35.68 -20.44
N ARG E 102 19.96 -34.93 -19.51
CA ARG E 102 21.25 -34.29 -19.78
C ARG E 102 22.38 -35.33 -19.71
N ALA E 103 23.60 -34.85 -19.97
CA ALA E 103 24.76 -35.71 -19.81
C ALA E 103 25.01 -36.02 -18.34
N ASP E 104 24.85 -35.03 -17.46
CA ASP E 104 25.14 -35.23 -16.04
C ASP E 104 24.02 -35.99 -15.34
N GLY E 105 23.18 -36.68 -16.11
CA GLY E 105 22.12 -37.50 -15.58
C GLY E 105 20.87 -36.76 -15.13
N THR E 106 20.90 -35.44 -15.11
CA THR E 106 19.75 -34.68 -14.64
C THR E 106 18.71 -34.54 -15.76
N TRP E 107 17.48 -34.21 -15.36
CA TRP E 107 16.38 -34.03 -16.29
C TRP E 107 16.23 -32.55 -16.62
N ARG E 108 16.32 -32.20 -17.90
CA ARG E 108 16.13 -30.83 -18.35
C ARG E 108 14.66 -30.59 -18.62
N ALA E 109 14.08 -29.59 -17.95
CA ALA E 109 12.69 -29.24 -18.15
C ALA E 109 12.49 -28.66 -19.55
N GLY E 110 11.38 -29.03 -20.18
CA GLY E 110 11.03 -28.50 -21.48
C GLY E 110 10.36 -27.13 -21.38
N SER E 111 10.03 -26.60 -22.56
CA SER E 111 9.45 -25.27 -22.67
C SER E 111 7.94 -25.26 -22.41
N ALA E 112 7.30 -26.42 -22.35
CA ALA E 112 5.84 -26.48 -22.34
C ALA E 112 5.27 -25.72 -21.14
N GLY E 113 4.23 -24.94 -21.40
CA GLY E 113 3.53 -24.25 -20.34
C GLY E 113 2.67 -23.14 -20.86
N TYR E 114 2.03 -22.46 -19.91
CA TYR E 114 1.23 -21.28 -20.19
C TYR E 114 2.09 -20.07 -19.89
N TRP E 115 2.38 -19.29 -20.93
CA TRP E 115 3.34 -18.20 -20.83
C TRP E 115 2.70 -16.92 -21.35
N HIS E 116 3.49 -15.86 -21.50
CA HIS E 116 2.95 -14.61 -22.00
C HIS E 116 4.10 -13.74 -22.47
N TYR E 117 3.76 -12.72 -23.25
CA TYR E 117 4.69 -11.70 -23.73
C TYR E 117 4.14 -10.33 -23.37
N HIS E 118 5.03 -9.35 -23.26
CA HIS E 118 4.60 -8.00 -22.89
C HIS E 118 5.71 -7.01 -23.20
N ASP E 119 5.36 -5.72 -23.12
CA ASP E 119 6.30 -4.64 -23.35
C ASP E 119 7.22 -4.46 -22.16
N HIS E 120 8.42 -3.95 -22.41
CA HIS E 120 9.42 -3.78 -21.35
C HIS E 120 10.06 -2.39 -21.39
N VAL E 121 9.57 -1.47 -22.22
CA VAL E 121 10.25 -0.18 -22.34
C VAL E 121 9.33 1.04 -22.32
N VAL E 122 8.02 0.85 -22.46
CA VAL E 122 7.11 2.00 -22.50
C VAL E 122 6.87 2.52 -21.08
N GLY E 123 7.12 3.81 -20.89
CA GLY E 123 6.90 4.45 -19.60
C GLY E 123 8.07 4.32 -18.66
N THR E 124 8.49 3.09 -18.39
CA THR E 124 9.70 2.84 -17.60
C THR E 124 10.49 1.74 -18.29
N GLU E 125 11.71 1.54 -17.83
CA GLU E 125 12.52 0.48 -18.43
C GLU E 125 12.11 -0.90 -17.94
N HIS E 126 10.97 -1.01 -17.24
CA HIS E 126 10.30 -2.28 -17.00
C HIS E 126 8.92 -2.33 -17.64
N GLY E 127 8.65 -1.42 -18.58
CA GLY E 127 7.39 -1.49 -19.32
C GLY E 127 6.14 -1.17 -18.53
N THR E 128 6.26 -0.46 -17.40
CA THR E 128 5.10 -0.21 -16.56
C THR E 128 3.97 0.46 -17.34
N GLY E 129 4.33 1.50 -18.11
CA GLY E 129 3.32 2.19 -18.91
C GLY E 129 2.78 1.33 -20.04
N GLY E 130 3.65 0.57 -20.70
CA GLY E 130 3.21 -0.26 -21.82
C GLY E 130 2.27 -1.36 -21.38
N ILE E 131 2.59 -2.01 -20.26
CA ILE E 131 1.72 -3.04 -19.71
C ILE E 131 0.38 -2.45 -19.29
N ARG E 132 0.41 -1.32 -18.59
N ARG E 132 0.41 -1.29 -18.67
CA ARG E 132 -0.84 -0.65 -18.24
CA ARG E 132 -0.80 -0.64 -18.26
C ARG E 132 -1.66 -0.34 -19.49
C ARG E 132 -1.65 -0.26 -19.48
N ASN E 133 -0.99 0.05 -20.58
CA ASN E 133 -1.70 0.48 -21.78
C ASN E 133 -2.32 -0.67 -22.56
N GLY E 134 -1.87 -1.91 -22.32
CA GLY E 134 -2.46 -3.07 -22.96
C GLY E 134 -1.50 -3.93 -23.75
N LEU E 135 -0.20 -3.65 -23.65
CA LEU E 135 0.80 -4.38 -24.42
C LEU E 135 1.17 -5.68 -23.69
N TYR E 136 0.30 -6.68 -23.84
CA TYR E 136 0.52 -7.99 -23.26
C TYR E 136 -0.32 -9.00 -24.03
N GLY E 137 0.13 -10.26 -24.03
CA GLY E 137 -0.60 -11.32 -24.69
C GLY E 137 -0.11 -12.69 -24.29
N PRO E 138 -0.88 -13.74 -24.62
CA PRO E 138 -0.57 -15.08 -24.13
C PRO E 138 0.21 -15.92 -25.13
N VAL E 139 1.05 -16.81 -24.58
CA VAL E 139 1.78 -17.80 -25.36
C VAL E 139 1.54 -19.16 -24.72
N ILE E 140 1.09 -20.13 -25.52
CA ILE E 140 0.97 -21.52 -25.08
C ILE E 140 2.01 -22.34 -25.82
N VAL E 141 2.84 -23.06 -25.08
CA VAL E 141 3.74 -24.06 -25.66
C VAL E 141 3.23 -25.43 -25.21
N ARG E 142 2.96 -26.32 -26.17
CA ARG E 142 2.41 -27.64 -25.87
C ARG E 142 3.47 -28.72 -25.98
N ARG E 143 3.36 -29.73 -25.11
CA ARG E 143 4.16 -30.93 -25.18
C ARG E 143 3.48 -31.95 -26.08
N LYS E 144 4.29 -32.74 -26.79
CA LYS E 144 3.75 -33.83 -27.59
C LYS E 144 2.78 -34.66 -26.75
N GLY E 145 1.57 -34.86 -27.27
CA GLY E 145 0.58 -35.65 -26.58
C GLY E 145 -0.37 -34.86 -25.69
N ASP E 146 -0.07 -33.59 -25.41
CA ASP E 146 -0.99 -32.76 -24.65
C ASP E 146 -2.35 -32.72 -25.32
N VAL E 147 -3.41 -32.73 -24.53
CA VAL E 147 -4.76 -32.69 -25.07
C VAL E 147 -5.06 -31.29 -25.59
N LEU E 148 -5.65 -31.21 -26.78
CA LEU E 148 -6.06 -29.97 -27.43
C LEU E 148 -7.50 -29.61 -27.03
N PRO E 149 -7.76 -28.34 -26.77
CA PRO E 149 -9.09 -27.91 -26.33
C PRO E 149 -9.99 -27.59 -27.53
N ASP E 150 -11.29 -27.45 -27.22
CA ASP E 150 -12.23 -26.97 -28.22
C ASP E 150 -12.16 -25.45 -28.40
N ALA E 151 -11.70 -24.74 -27.38
CA ALA E 151 -11.63 -23.28 -27.41
C ALA E 151 -10.68 -22.85 -26.30
N THR E 152 -10.05 -21.70 -26.50
CA THR E 152 -9.11 -21.13 -25.54
C THR E 152 -9.52 -19.70 -25.24
N HIS E 153 -9.56 -19.33 -23.96
CA HIS E 153 -9.92 -17.98 -23.55
C HIS E 153 -8.83 -17.43 -22.63
N THR E 154 -8.44 -16.18 -22.86
CA THR E 154 -7.39 -15.54 -22.09
C THR E 154 -7.99 -14.46 -21.18
N ILE E 155 -7.66 -14.55 -19.89
CA ILE E 155 -8.16 -13.65 -18.86
C ILE E 155 -6.94 -13.03 -18.20
N VAL E 156 -6.77 -11.72 -18.34
CA VAL E 156 -5.63 -11.01 -17.77
C VAL E 156 -6.17 -10.07 -16.70
N PHE E 157 -5.72 -10.27 -15.46
CA PHE E 157 -5.98 -9.31 -14.39
C PHE E 157 -4.88 -8.25 -14.48
N ASN E 158 -5.21 -7.08 -15.03
CA ASN E 158 -4.22 -6.01 -15.19
C ASN E 158 -4.61 -4.87 -14.26
N ASP E 159 -3.85 -4.69 -13.18
CA ASP E 159 -4.23 -3.76 -12.11
C ASP E 159 -5.66 -4.14 -11.72
N ALA E 160 -6.60 -3.18 -11.68
CA ALA E 160 -7.97 -3.47 -11.25
C ALA E 160 -8.92 -3.66 -12.43
N THR E 161 -8.44 -4.20 -13.55
CA THR E 161 -9.27 -4.44 -14.73
C THR E 161 -9.08 -5.88 -15.19
N ILE E 162 -9.99 -6.34 -16.05
CA ILE E 162 -9.81 -7.58 -16.79
C ILE E 162 -9.66 -7.20 -18.26
N ASN E 163 -8.51 -7.54 -18.84
CA ASN E 163 -8.21 -7.27 -20.25
C ASN E 163 -8.37 -5.79 -20.61
N ASN E 164 -8.05 -4.89 -19.68
CA ASN E 164 -8.12 -3.44 -19.89
C ASN E 164 -9.53 -2.95 -20.19
N ARG E 165 -10.56 -3.74 -19.84
CA ARG E 165 -11.93 -3.31 -20.10
C ARG E 165 -12.45 -2.42 -18.98
N PRO E 166 -13.43 -1.58 -19.28
CA PRO E 166 -14.10 -0.82 -18.21
C PRO E 166 -14.73 -1.76 -17.19
N ALA E 167 -14.78 -1.29 -15.95
CA ALA E 167 -15.29 -2.12 -14.86
C ALA E 167 -16.72 -2.57 -15.14
N HIS E 168 -17.04 -3.78 -14.68
CA HIS E 168 -18.36 -4.40 -14.85
C HIS E 168 -18.68 -4.72 -16.31
N THR E 169 -17.68 -5.01 -17.16
CA THR E 169 -17.95 -5.29 -18.57
C THR E 169 -17.37 -6.64 -19.00
N GLY E 170 -17.22 -7.57 -18.08
CA GLY E 170 -16.77 -8.91 -18.43
C GLY E 170 -15.26 -9.02 -18.51
N PRO E 171 -14.77 -9.74 -19.52
CA PRO E 171 -15.53 -10.32 -20.64
C PRO E 171 -16.28 -11.60 -20.30
N ASN E 172 -17.29 -11.92 -21.11
CA ASN E 172 -17.96 -13.21 -21.03
C ASN E 172 -17.44 -14.13 -22.11
N PHE E 173 -17.53 -15.43 -21.85
CA PHE E 173 -17.12 -16.48 -22.78
C PHE E 173 -18.22 -17.53 -22.84
N GLU E 174 -18.48 -18.07 -24.03
CA GLU E 174 -19.55 -19.03 -24.23
C GLU E 174 -19.00 -20.42 -24.54
N ALA E 175 -19.69 -21.44 -24.04
CA ALA E 175 -19.37 -22.83 -24.34
C ALA E 175 -20.66 -23.64 -24.31
N THR E 176 -20.55 -24.88 -24.79
CA THR E 176 -21.61 -25.86 -24.66
C THR E 176 -21.19 -26.88 -23.61
N VAL E 177 -22.17 -27.38 -22.83
CA VAL E 177 -21.91 -28.45 -21.87
C VAL E 177 -21.09 -29.55 -22.53
N GLY E 178 -20.00 -29.95 -21.89
CA GLY E 178 -19.12 -30.99 -22.40
C GLY E 178 -17.96 -30.49 -23.22
N ASP E 179 -17.93 -29.21 -23.58
CA ASP E 179 -16.79 -28.67 -24.30
C ASP E 179 -15.52 -28.76 -23.46
N ARG E 180 -14.40 -28.99 -24.13
CA ARG E 180 -13.08 -28.90 -23.50
C ARG E 180 -12.61 -27.46 -23.66
N VAL E 181 -12.62 -26.70 -22.56
CA VAL E 181 -12.35 -25.27 -22.61
C VAL E 181 -11.03 -25.00 -21.90
N GLU E 182 -10.16 -24.26 -22.57
CA GLU E 182 -8.85 -23.89 -22.02
C GLU E 182 -8.88 -22.44 -21.58
N ILE E 183 -8.38 -22.19 -20.37
CA ILE E 183 -8.28 -20.85 -19.79
C ILE E 183 -6.79 -20.56 -19.60
N VAL E 184 -6.34 -19.43 -20.13
CA VAL E 184 -5.03 -18.87 -19.85
C VAL E 184 -5.22 -17.65 -18.97
N MET E 185 -4.54 -17.64 -17.82
CA MET E 185 -4.75 -16.64 -16.78
C MET E 185 -3.42 -15.93 -16.52
N ILE E 186 -3.38 -14.63 -16.82
CA ILE E 186 -2.18 -13.82 -16.68
C ILE E 186 -2.50 -12.67 -15.75
N THR E 187 -1.53 -12.27 -14.92
CA THR E 187 -1.71 -11.13 -14.04
C THR E 187 -0.61 -10.11 -14.32
N HIS E 188 -0.97 -8.83 -14.24
CA HIS E 188 -0.02 -7.75 -14.49
C HIS E 188 -0.27 -6.61 -13.53
N GLY E 189 0.76 -5.80 -13.32
CA GLY E 189 0.59 -4.52 -12.67
C GLY E 189 1.16 -4.45 -11.27
N GLU E 190 0.32 -3.97 -10.34
CA GLU E 190 0.75 -3.62 -9.01
C GLU E 190 0.18 -4.51 -7.90
N TYR E 191 -0.89 -5.24 -8.17
CA TYR E 191 -1.69 -5.88 -7.13
C TYR E 191 -1.66 -7.40 -7.25
N TYR E 192 -1.80 -8.06 -6.11
CA TYR E 192 -2.10 -9.49 -6.11
C TYR E 192 -3.60 -9.68 -6.32
N HIS E 193 -3.98 -10.86 -6.82
CA HIS E 193 -5.37 -11.20 -7.05
C HIS E 193 -5.61 -12.65 -6.67
N THR E 194 -6.88 -13.05 -6.59
CA THR E 194 -7.24 -14.47 -6.51
C THR E 194 -8.30 -14.76 -7.57
N PHE E 195 -7.97 -15.63 -8.50
CA PHE E 195 -8.88 -16.03 -9.57
C PHE E 195 -9.78 -17.17 -9.09
N HIS E 196 -11.10 -17.01 -9.25
CA HIS E 196 -12.07 -17.99 -8.81
C HIS E 196 -13.08 -18.27 -9.92
N MET E 197 -13.39 -19.55 -10.12
N MET E 197 -13.44 -19.55 -10.09
CA MET E 197 -14.45 -19.97 -11.03
CA MET E 197 -14.45 -19.95 -11.06
C MET E 197 -15.55 -20.65 -10.22
C MET E 197 -15.55 -20.74 -10.37
N HIS E 198 -16.79 -20.28 -10.48
CA HIS E 198 -17.91 -21.03 -9.95
C HIS E 198 -18.12 -22.30 -10.77
N GLY E 199 -18.50 -23.38 -10.09
CA GLY E 199 -18.95 -24.60 -10.74
C GLY E 199 -17.88 -25.47 -11.34
N HIS E 200 -16.61 -25.08 -11.28
CA HIS E 200 -15.55 -25.83 -11.94
C HIS E 200 -14.29 -25.80 -11.09
N ARG E 201 -13.36 -26.70 -11.40
CA ARG E 201 -12.13 -26.80 -10.62
C ARG E 201 -11.05 -27.39 -11.50
N TRP E 202 -9.80 -27.22 -11.10
CA TRP E 202 -8.70 -27.72 -11.91
C TRP E 202 -7.55 -28.11 -11.00
N ALA E 203 -6.57 -28.77 -11.58
CA ALA E 203 -5.39 -29.22 -10.86
C ALA E 203 -4.30 -28.16 -10.92
N ASP E 204 -3.63 -27.94 -9.79
CA ASP E 204 -2.60 -26.91 -9.71
C ASP E 204 -1.27 -27.51 -10.18
N ASN E 205 -1.15 -27.68 -11.49
CA ASN E 205 0.05 -28.27 -12.09
C ASN E 205 0.23 -27.69 -13.50
N ARG E 206 1.13 -28.29 -14.28
CA ARG E 206 1.47 -27.67 -15.56
C ARG E 206 0.25 -27.52 -16.46
N THR E 207 -0.51 -28.60 -16.64
CA THR E 207 -1.60 -28.58 -17.62
C THR E 207 -2.95 -28.19 -17.04
N GLY E 208 -3.07 -28.09 -15.72
CA GLY E 208 -4.38 -27.94 -15.11
C GLY E 208 -5.17 -29.22 -15.01
N MET E 209 -4.60 -30.36 -15.43
CA MET E 209 -5.28 -31.65 -15.38
C MET E 209 -4.38 -32.63 -14.66
N LEU E 210 -4.96 -33.42 -13.75
CA LEU E 210 -4.19 -34.48 -13.13
C LEU E 210 -3.69 -35.47 -14.18
N THR E 211 -2.45 -35.90 -14.02
CA THR E 211 -1.87 -36.86 -14.96
C THR E 211 -2.45 -38.25 -14.79
N GLY E 212 -3.10 -38.53 -13.67
CA GLY E 212 -3.59 -39.85 -13.38
C GLY E 212 -3.80 -39.99 -11.88
N PRO E 213 -4.07 -41.21 -11.40
CA PRO E 213 -4.36 -41.39 -9.98
C PRO E 213 -3.18 -41.10 -9.06
N ASP E 214 -1.94 -41.06 -9.58
CA ASP E 214 -0.77 -40.84 -8.75
C ASP E 214 -0.39 -39.36 -8.60
N ASP E 215 -1.04 -38.46 -9.32
CA ASP E 215 -0.72 -37.04 -9.26
C ASP E 215 -1.25 -36.43 -7.97
N PRO E 216 -0.37 -35.97 -7.07
CA PRO E 216 -0.84 -35.42 -5.79
C PRO E 216 -1.22 -33.95 -5.82
N SER E 217 -1.22 -33.31 -6.98
CA SER E 217 -1.46 -31.87 -7.07
C SER E 217 -2.80 -31.51 -6.42
N GLN E 218 -2.81 -30.38 -5.70
CA GLN E 218 -4.06 -29.93 -5.13
C GLN E 218 -5.05 -29.58 -6.24
N VAL E 219 -6.30 -29.95 -6.03
CA VAL E 219 -7.38 -29.55 -6.92
C VAL E 219 -8.04 -28.33 -6.31
N ILE E 220 -8.15 -27.26 -7.10
CA ILE E 220 -8.50 -25.93 -6.59
C ILE E 220 -9.57 -25.31 -7.47
N ASP E 221 -10.24 -24.29 -6.94
CA ASP E 221 -11.09 -23.45 -7.77
C ASP E 221 -10.79 -21.97 -7.54
N ASN E 222 -9.67 -21.68 -6.88
CA ASN E 222 -9.31 -20.35 -6.38
C ASN E 222 -7.79 -20.31 -6.33
N LYS E 223 -7.17 -19.27 -6.88
CA LYS E 223 -5.71 -19.27 -6.96
C LYS E 223 -5.15 -17.87 -6.86
N ILE E 224 -4.22 -17.66 -5.92
CA ILE E 224 -3.56 -16.37 -5.77
C ILE E 224 -2.51 -16.19 -6.87
N CYS E 225 -2.46 -14.99 -7.41
CA CYS E 225 -1.52 -14.69 -8.48
C CYS E 225 -1.03 -13.26 -8.32
N GLY E 226 0.18 -13.02 -8.79
CA GLY E 226 0.76 -11.70 -8.73
C GLY E 226 1.28 -11.26 -10.07
N PRO E 227 1.76 -10.02 -10.15
CA PRO E 227 2.20 -9.46 -11.44
C PRO E 227 3.17 -10.36 -12.18
N ALA E 228 2.82 -10.66 -13.44
CA ALA E 228 3.54 -11.44 -14.44
C ALA E 228 3.44 -12.94 -14.18
N ASP E 229 2.65 -13.38 -13.20
CA ASP E 229 2.30 -14.80 -13.11
C ASP E 229 1.44 -15.22 -14.28
N SER E 230 1.64 -16.46 -14.74
CA SER E 230 0.74 -17.06 -15.71
C SER E 230 0.52 -18.53 -15.35
N PHE E 231 -0.69 -19.00 -15.59
CA PHE E 231 -0.97 -20.41 -15.48
C PHE E 231 -2.13 -20.69 -16.41
N GLY E 232 -2.48 -21.95 -16.56
CA GLY E 232 -3.58 -22.28 -17.44
C GLY E 232 -4.13 -23.64 -17.07
N PHE E 233 -5.30 -23.93 -17.61
CA PHE E 233 -5.95 -25.20 -17.33
C PHE E 233 -7.00 -25.46 -18.39
N GLN E 234 -7.47 -26.69 -18.41
CA GLN E 234 -8.61 -27.10 -19.23
C GLN E 234 -9.65 -27.67 -18.31
N ILE E 235 -10.92 -27.36 -18.59
CA ILE E 235 -12.04 -27.91 -17.85
C ILE E 235 -13.03 -28.44 -18.88
N ILE E 236 -13.88 -29.36 -18.43
CA ILE E 236 -15.03 -29.78 -19.21
C ILE E 236 -16.20 -28.94 -18.76
N ALA E 237 -16.74 -28.13 -19.67
CA ALA E 237 -17.75 -27.15 -19.32
C ALA E 237 -18.99 -27.85 -18.77
N GLY E 238 -19.43 -27.39 -17.60
CA GLY E 238 -20.62 -27.94 -16.97
C GLY E 238 -20.48 -29.37 -16.49
N GLU E 239 -19.28 -29.92 -16.43
CA GLU E 239 -19.10 -31.30 -16.01
C GLU E 239 -19.60 -31.49 -14.59
N GLY E 240 -20.56 -32.40 -14.41
CA GLY E 240 -21.10 -32.65 -13.10
C GLY E 240 -21.96 -31.54 -12.52
N VAL E 241 -22.13 -30.43 -13.23
CA VAL E 241 -22.86 -29.28 -12.69
C VAL E 241 -23.90 -28.73 -13.64
N GLY E 242 -23.80 -28.98 -14.96
CA GLY E 242 -24.82 -28.59 -15.89
C GLY E 242 -24.62 -27.20 -16.45
N ALA E 243 -25.60 -26.79 -17.25
CA ALA E 243 -25.56 -25.50 -17.91
C ALA E 243 -25.84 -24.37 -16.91
N GLY E 244 -25.44 -23.16 -17.31
CA GLY E 244 -25.70 -21.99 -16.48
C GLY E 244 -24.75 -20.86 -16.80
N ALA E 245 -25.06 -19.70 -16.23
CA ALA E 245 -24.17 -18.55 -16.30
C ALA E 245 -23.21 -18.62 -15.11
N TRP E 246 -22.06 -19.26 -15.32
CA TRP E 246 -21.11 -19.56 -14.24
C TRP E 246 -20.15 -18.39 -14.08
N MET E 247 -20.21 -17.72 -12.93
CA MET E 247 -19.36 -16.56 -12.69
C MET E 247 -17.90 -16.97 -12.58
N TYR E 248 -17.02 -16.09 -13.06
CA TYR E 248 -15.64 -16.10 -12.64
C TYR E 248 -15.31 -14.68 -12.18
N HIS E 249 -14.39 -14.55 -11.22
CA HIS E 249 -14.07 -13.21 -10.73
C HIS E 249 -12.81 -13.28 -9.88
N CYS E 250 -12.18 -12.12 -9.72
CA CYS E 250 -11.21 -12.01 -8.63
C CYS E 250 -11.97 -12.14 -7.32
N HIS E 251 -11.42 -12.90 -6.38
CA HIS E 251 -12.13 -13.07 -5.12
C HIS E 251 -11.67 -12.11 -4.03
N VAL E 252 -10.70 -11.24 -4.31
CA VAL E 252 -10.43 -10.11 -3.42
C VAL E 252 -11.68 -9.25 -3.36
N GLN E 253 -12.22 -9.05 -2.16
CA GLN E 253 -13.60 -8.59 -2.04
C GLN E 253 -13.79 -7.23 -2.70
N SER E 254 -12.87 -6.29 -2.49
CA SER E 254 -13.03 -4.98 -3.10
C SER E 254 -12.88 -5.06 -4.62
N HIS E 255 -12.11 -6.02 -5.12
CA HIS E 255 -11.95 -6.16 -6.57
C HIS E 255 -13.21 -6.71 -7.21
N SER E 256 -13.82 -7.73 -6.60
CA SER E 256 -15.08 -8.20 -7.16
C SER E 256 -16.17 -7.13 -7.05
N ASP E 257 -16.16 -6.38 -5.94
CA ASP E 257 -17.15 -5.31 -5.77
C ASP E 257 -17.00 -4.21 -6.81
N MET E 258 -15.78 -3.90 -7.22
CA MET E 258 -15.58 -2.84 -8.22
C MET E 258 -15.76 -3.33 -9.65
N GLY E 259 -16.01 -4.63 -9.85
CA GLY E 259 -16.41 -5.12 -11.16
C GLY E 259 -15.43 -6.05 -11.88
N MET E 260 -14.43 -6.60 -11.19
CA MET E 260 -13.55 -7.59 -11.81
C MET E 260 -14.27 -8.95 -11.84
N VAL E 261 -15.32 -9.00 -12.66
N VAL E 261 -15.35 -8.98 -12.64
CA VAL E 261 -16.24 -10.13 -12.72
CA VAL E 261 -16.20 -10.16 -12.74
C VAL E 261 -16.61 -10.40 -14.17
C VAL E 261 -16.50 -10.41 -14.20
N GLY E 262 -16.80 -11.67 -14.52
CA GLY E 262 -17.24 -12.06 -15.85
C GLY E 262 -18.05 -13.35 -15.79
N LEU E 263 -18.57 -13.78 -16.94
CA LEU E 263 -19.45 -14.93 -17.01
C LEU E 263 -18.93 -15.98 -17.98
N PHE E 264 -18.89 -17.22 -17.51
CA PHE E 264 -18.65 -18.39 -18.34
C PHE E 264 -20.03 -18.95 -18.67
N LEU E 265 -20.52 -18.64 -19.88
CA LEU E 265 -21.90 -18.94 -20.28
C LEU E 265 -21.94 -20.33 -20.90
N VAL E 266 -22.38 -21.32 -20.12
CA VAL E 266 -22.38 -22.71 -20.55
C VAL E 266 -23.80 -23.09 -20.98
N LYS E 267 -23.96 -23.34 -22.28
CA LYS E 267 -25.26 -23.65 -22.85
C LYS E 267 -25.49 -25.16 -22.93
N LYS E 268 -26.75 -25.55 -22.82
CA LYS E 268 -27.15 -26.89 -23.20
C LYS E 268 -26.93 -27.10 -24.69
N PRO E 269 -26.83 -28.36 -25.14
CA PRO E 269 -26.72 -28.60 -26.58
C PRO E 269 -27.81 -27.92 -27.40
N ASP E 270 -28.99 -27.74 -26.83
CA ASP E 270 -30.05 -27.03 -27.55
C ASP E 270 -29.88 -25.52 -27.53
N GLY E 271 -28.80 -25.01 -26.92
CA GLY E 271 -28.48 -23.60 -26.97
C GLY E 271 -29.06 -22.74 -25.86
N THR E 272 -29.81 -23.32 -24.94
CA THR E 272 -30.40 -22.55 -23.85
C THR E 272 -29.46 -22.55 -22.64
N ILE E 273 -29.55 -21.49 -21.85
CA ILE E 273 -28.82 -21.34 -20.58
C ILE E 273 -29.86 -21.20 -19.47
N PRO E 274 -30.02 -22.18 -18.60
CA PRO E 274 -31.09 -22.10 -17.60
C PRO E 274 -30.88 -20.92 -16.66
N GLY E 275 -31.95 -20.15 -16.46
CA GLY E 275 -31.94 -19.10 -15.45
C GLY E 275 -31.11 -17.90 -15.79
N TYR E 276 -30.61 -17.79 -17.02
CA TYR E 276 -29.81 -16.64 -17.44
C TYR E 276 -30.74 -15.67 -18.15
N ASP E 277 -30.95 -14.51 -17.53
CA ASP E 277 -31.88 -13.48 -18.02
C ASP E 277 -31.11 -12.19 -18.22
N PRO E 278 -30.37 -12.07 -19.34
CA PRO E 278 -29.52 -10.91 -19.61
C PRO E 278 -30.31 -9.61 -19.80
N GLY F 2 29.57 -33.25 -6.81
CA GLY F 2 28.52 -33.84 -7.62
C GLY F 2 27.19 -34.00 -6.91
N ALA F 3 27.14 -34.83 -5.86
CA ALA F 3 25.87 -35.18 -5.23
C ALA F 3 26.00 -35.20 -3.71
N ALA F 4 24.93 -34.79 -3.03
CA ALA F 4 24.94 -34.73 -1.57
C ALA F 4 25.08 -36.13 -0.97
N PRO F 5 25.86 -36.29 0.10
CA PRO F 5 25.92 -37.59 0.77
C PRO F 5 24.77 -37.71 1.77
N ALA F 6 24.59 -38.92 2.29
CA ALA F 6 23.73 -39.10 3.44
C ALA F 6 24.31 -38.32 4.62
N GLY F 7 23.44 -37.69 5.40
CA GLY F 7 23.85 -36.92 6.56
C GLY F 7 23.91 -37.78 7.80
N GLY F 8 24.06 -37.11 8.94
CA GLY F 8 24.18 -37.79 10.21
C GLY F 8 25.38 -37.34 11.01
N GLU F 9 26.05 -36.28 10.54
CA GLU F 9 27.15 -35.70 11.28
C GLU F 9 26.60 -34.73 12.31
N VAL F 10 27.24 -34.69 13.48
CA VAL F 10 26.97 -33.65 14.47
C VAL F 10 27.92 -32.51 14.18
N ARG F 11 27.36 -31.36 13.79
CA ARG F 11 28.14 -30.20 13.39
C ARG F 11 28.00 -29.09 14.42
N ARG F 12 29.02 -28.25 14.48
CA ARG F 12 29.02 -27.12 15.39
C ARG F 12 29.42 -25.87 14.61
N VAL F 13 28.79 -24.75 14.96
CA VAL F 13 29.18 -23.47 14.41
C VAL F 13 29.00 -22.42 15.48
N THR F 14 29.79 -21.36 15.40
CA THR F 14 29.60 -20.18 16.23
C THR F 14 28.93 -19.09 15.39
N MET F 15 27.92 -18.45 15.98
CA MET F 15 27.21 -17.36 15.31
C MET F 15 27.13 -16.17 16.26
N TYR F 16 27.37 -14.99 15.71
CA TYR F 16 27.28 -13.73 16.43
C TYR F 16 26.16 -12.88 15.87
N ALA F 17 25.46 -12.15 16.75
CA ALA F 17 24.58 -11.07 16.34
C ALA F 17 25.28 -9.75 16.67
N GLU F 18 25.42 -8.88 15.66
CA GLU F 18 26.21 -7.66 15.82
C GLU F 18 25.49 -6.48 15.15
N ARG F 19 25.64 -5.32 15.77
CA ARG F 19 25.16 -4.10 15.13
C ARG F 19 26.08 -3.72 13.97
N LEU F 20 25.47 -3.12 12.95
CA LEU F 20 26.16 -2.63 11.76
C LEU F 20 25.77 -1.18 11.52
N ALA F 21 26.49 -0.53 10.60
CA ALA F 21 26.27 0.88 10.34
C ALA F 21 24.85 1.12 9.84
N GLY F 22 24.35 2.33 10.06
CA GLY F 22 23.03 2.69 9.59
C GLY F 22 21.91 2.04 10.34
N GLY F 23 22.13 1.68 11.60
CA GLY F 23 21.10 1.04 12.40
C GLY F 23 20.81 -0.39 12.02
N GLN F 24 21.68 -1.02 11.25
CA GLN F 24 21.42 -2.39 10.81
C GLN F 24 21.98 -3.37 11.82
N MET F 25 21.59 -4.64 11.65
CA MET F 25 22.01 -5.74 12.51
C MET F 25 22.21 -6.96 11.64
N GLY F 26 23.24 -7.75 11.95
CA GLY F 26 23.55 -8.91 11.13
C GLY F 26 24.05 -10.07 11.96
N TYR F 27 23.89 -11.25 11.38
CA TYR F 27 24.52 -12.46 11.88
C TYR F 27 25.86 -12.70 11.19
N GLY F 28 26.79 -13.29 11.93
CA GLY F 28 28.10 -13.61 11.38
C GLY F 28 28.68 -14.84 12.03
N LEU F 29 29.55 -15.52 11.29
CA LEU F 29 30.29 -16.67 11.79
C LEU F 29 31.51 -16.28 12.61
N GLU F 30 32.04 -15.08 12.42
N GLU F 30 32.00 -15.06 12.45
CA GLU F 30 33.19 -14.59 13.17
CA GLU F 30 33.18 -14.58 13.15
C GLU F 30 32.87 -13.20 13.68
C GLU F 30 32.90 -13.18 13.65
N LYS F 31 33.42 -12.87 14.84
CA LYS F 31 33.22 -11.56 15.42
C LYS F 31 33.76 -10.49 14.47
N GLY F 32 32.95 -9.47 14.21
CA GLY F 32 33.33 -8.40 13.31
C GLY F 32 33.10 -8.67 11.84
N LYS F 33 32.51 -9.80 11.48
CA LYS F 33 32.24 -10.12 10.09
C LYS F 33 30.77 -10.49 9.89
N ALA F 34 29.86 -9.81 10.58
CA ALA F 34 28.45 -10.05 10.32
C ALA F 34 28.09 -9.55 8.93
N SER F 35 27.08 -10.18 8.35
CA SER F 35 26.67 -9.87 6.99
C SER F 35 25.16 -9.90 6.88
N ILE F 36 24.65 -9.22 5.86
CA ILE F 36 23.23 -9.24 5.52
C ILE F 36 23.13 -9.61 4.05
N PRO F 37 22.56 -10.77 3.69
CA PRO F 37 22.00 -11.79 4.59
C PRO F 37 23.09 -12.44 5.43
N GLY F 38 22.70 -13.13 6.49
CA GLY F 38 23.65 -13.86 7.31
C GLY F 38 24.25 -15.03 6.56
N PRO F 39 25.15 -15.75 7.22
CA PRO F 39 25.88 -16.82 6.54
C PRO F 39 24.97 -17.96 6.10
N LEU F 40 25.33 -18.56 4.95
CA LEU F 40 24.64 -19.73 4.44
C LEU F 40 24.98 -20.94 5.29
N ILE F 41 23.95 -21.58 5.84
CA ILE F 41 24.10 -22.83 6.57
C ILE F 41 23.64 -23.95 5.65
N GLU F 42 24.50 -24.95 5.44
CA GLU F 42 24.20 -26.09 4.58
C GLU F 42 24.34 -27.37 5.39
N LEU F 43 23.30 -28.22 5.35
CA LEU F 43 23.27 -29.48 6.08
C LEU F 43 22.74 -30.59 5.19
N ASN F 44 23.14 -31.83 5.50
CA ASN F 44 22.57 -33.01 4.86
C ASN F 44 21.56 -33.65 5.80
N GLU F 45 20.45 -34.13 5.25
CA GLU F 45 19.39 -34.74 6.06
C GLU F 45 19.97 -35.76 7.02
N GLY F 46 19.67 -35.58 8.31
CA GLY F 46 20.23 -36.37 9.38
C GLY F 46 21.25 -35.61 10.22
N ASP F 47 21.88 -34.59 9.64
CA ASP F 47 22.83 -33.78 10.40
C ASP F 47 22.14 -33.08 11.56
N THR F 48 22.91 -32.89 12.63
CA THR F 48 22.56 -32.05 13.76
C THR F 48 23.51 -30.86 13.77
N LEU F 49 22.99 -29.67 14.08
CA LEU F 49 23.80 -28.47 14.14
C LEU F 49 23.61 -27.81 15.50
N HIS F 50 24.70 -27.64 16.24
CA HIS F 50 24.69 -26.84 17.46
C HIS F 50 25.26 -25.47 17.11
N VAL F 51 24.41 -24.45 17.23
CA VAL F 51 24.80 -23.07 16.97
C VAL F 51 25.14 -22.43 18.31
N GLU F 52 26.43 -22.21 18.57
CA GLU F 52 26.88 -21.53 19.78
C GLU F 52 26.77 -20.03 19.52
N PHE F 53 25.72 -19.41 20.04
CA PHE F 53 25.28 -18.08 19.66
C PHE F 53 25.75 -17.07 20.70
N GLU F 54 26.34 -15.97 20.24
N GLU F 54 26.23 -15.92 20.22
CA GLU F 54 26.68 -14.88 21.14
CA GLU F 54 26.75 -14.86 21.07
C GLU F 54 25.98 -13.61 20.68
C GLU F 54 26.06 -13.56 20.68
N ASN F 55 25.30 -12.97 21.61
CA ASN F 55 24.61 -11.72 21.34
C ASN F 55 25.51 -10.58 21.78
N THR F 56 26.16 -9.91 20.83
CA THR F 56 27.06 -8.81 21.17
C THR F 56 26.33 -7.48 21.29
N MET F 57 25.01 -7.45 21.15
CA MET F 57 24.23 -6.21 21.10
C MET F 57 23.68 -5.84 22.48
N ASP F 58 23.08 -4.64 22.53
CA ASP F 58 22.49 -4.14 23.76
C ASP F 58 21.02 -4.52 23.92
N VAL F 59 20.47 -5.32 23.02
CA VAL F 59 19.06 -5.69 23.07
C VAL F 59 18.94 -7.21 23.01
N PRO F 60 17.92 -7.81 23.61
CA PRO F 60 17.71 -9.24 23.42
C PRO F 60 17.50 -9.54 21.93
N VAL F 61 18.00 -10.71 21.52
CA VAL F 61 17.95 -11.15 20.14
C VAL F 61 17.70 -12.65 20.17
N SER F 62 17.26 -13.20 19.03
CA SER F 62 17.02 -14.63 18.98
C SER F 62 17.36 -15.18 17.61
N LEU F 63 17.31 -16.51 17.52
CA LEU F 63 17.50 -17.24 16.28
C LEU F 63 16.32 -18.19 16.14
N HIS F 64 15.46 -17.93 15.17
CA HIS F 64 14.34 -18.81 14.86
C HIS F 64 14.54 -19.37 13.47
N VAL F 65 14.41 -20.69 13.31
CA VAL F 65 14.65 -21.34 12.03
C VAL F 65 13.35 -21.93 11.51
N HIS F 66 13.18 -21.89 10.18
CA HIS F 66 12.06 -22.55 9.54
C HIS F 66 12.44 -23.95 9.12
N GLY F 67 11.45 -24.85 9.16
CA GLY F 67 11.57 -26.15 8.52
C GLY F 67 12.33 -27.23 9.25
N LEU F 68 13.43 -26.87 9.90
CA LEU F 68 14.24 -27.86 10.58
C LEU F 68 13.58 -28.29 11.89
N ASP F 69 14.04 -29.41 12.43
CA ASP F 69 13.56 -29.88 13.73
C ASP F 69 14.27 -29.11 14.84
N TYR F 70 13.53 -28.70 15.85
CA TYR F 70 14.14 -28.07 17.02
C TYR F 70 13.17 -28.25 18.18
N GLU F 71 13.71 -28.43 19.38
CA GLU F 71 12.82 -28.46 20.54
C GLU F 71 12.38 -27.06 20.90
N ILE F 72 11.38 -26.97 21.77
CA ILE F 72 10.80 -25.67 22.08
C ILE F 72 11.85 -24.75 22.69
N SER F 73 12.88 -25.30 23.35
CA SER F 73 13.95 -24.50 23.91
C SER F 73 14.86 -23.87 22.86
N SER F 74 14.75 -24.26 21.59
CA SER F 74 15.45 -23.56 20.51
C SER F 74 14.47 -22.89 19.55
N ASP F 75 13.24 -22.62 20.02
CA ASP F 75 12.24 -21.92 19.22
C ASP F 75 12.67 -20.49 18.93
N GLY F 76 13.36 -19.86 19.88
CA GLY F 76 13.85 -18.50 19.69
C GLY F 76 12.83 -17.41 19.89
N THR F 77 11.96 -17.51 20.90
CA THR F 77 11.04 -16.41 21.19
C THR F 77 11.11 -16.06 22.67
N LYS F 78 10.58 -14.88 23.01
CA LYS F 78 10.53 -14.46 24.40
C LYS F 78 9.59 -15.33 25.22
N GLN F 79 8.61 -15.95 24.55
CA GLN F 79 7.48 -16.54 25.27
C GLN F 79 7.91 -17.70 26.16
N ASN F 80 8.88 -18.49 25.74
CA ASN F 80 9.47 -19.49 26.60
C ASN F 80 10.92 -19.16 26.93
N LYS F 81 11.30 -17.88 26.83
CA LYS F 81 12.62 -17.39 27.20
C LYS F 81 13.74 -18.12 26.43
N SER F 82 13.52 -18.35 25.13
CA SER F 82 14.55 -18.93 24.29
C SER F 82 15.27 -17.89 23.44
N HIS F 83 15.24 -16.62 23.85
CA HIS F 83 16.06 -15.55 23.31
C HIS F 83 17.41 -15.53 24.01
N VAL F 84 18.31 -14.67 23.53
CA VAL F 84 19.62 -14.47 24.15
C VAL F 84 19.68 -13.06 24.72
N GLU F 85 20.03 -12.95 26.01
CA GLU F 85 20.13 -11.67 26.67
C GLU F 85 21.27 -10.84 26.06
N PRO F 86 21.22 -9.52 26.22
CA PRO F 86 22.33 -8.68 25.75
C PRO F 86 23.65 -9.14 26.34
N GLY F 87 24.64 -9.31 25.48
CA GLY F 87 25.95 -9.76 25.92
C GLY F 87 26.02 -11.21 26.29
N GLY F 88 24.92 -11.96 26.14
CA GLY F 88 24.86 -13.32 26.60
C GLY F 88 25.16 -14.32 25.49
N THR F 89 25.15 -15.59 25.87
CA THR F 89 25.34 -16.69 24.94
C THR F 89 24.28 -17.74 25.17
N ARG F 90 24.03 -18.54 24.14
CA ARG F 90 23.10 -19.67 24.19
C ARG F 90 23.44 -20.60 23.03
N THR F 91 23.22 -21.90 23.24
CA THR F 91 23.39 -22.88 22.17
C THR F 91 22.03 -23.27 21.64
N TYR F 92 21.75 -22.91 20.39
CA TYR F 92 20.58 -23.39 19.69
C TYR F 92 20.95 -24.69 18.98
N THR F 93 20.04 -25.66 19.01
CA THR F 93 20.27 -26.95 18.37
C THR F 93 19.20 -27.18 17.31
N TRP F 94 19.65 -27.44 16.09
CA TRP F 94 18.79 -27.79 14.97
C TRP F 94 19.07 -29.23 14.58
N ARG F 95 18.00 -30.00 14.37
N ARG F 95 18.01 -29.99 14.36
CA ARG F 95 18.10 -31.38 13.91
CA ARG F 95 18.13 -31.37 13.89
C ARG F 95 17.43 -31.50 12.55
C ARG F 95 17.42 -31.51 12.56
N THR F 96 17.81 -32.53 11.81
CA THR F 96 17.19 -32.84 10.53
C THR F 96 17.01 -34.35 10.41
N HIS F 97 16.06 -34.76 9.59
CA HIS F 97 15.75 -36.18 9.45
C HIS F 97 15.49 -36.51 7.99
N GLU F 98 15.74 -37.78 7.66
CA GLU F 98 15.45 -38.36 6.36
C GLU F 98 13.97 -38.71 6.25
N PRO F 99 13.44 -38.80 5.03
CA PRO F 99 12.08 -39.30 4.86
C PRO F 99 11.99 -40.76 5.28
N GLY F 100 10.78 -41.16 5.64
CA GLY F 100 10.54 -42.57 5.96
C GLY F 100 9.06 -42.79 6.16
N ARG F 101 8.68 -44.07 6.23
CA ARG F 101 7.29 -44.42 6.42
C ARG F 101 7.02 -44.62 7.91
N ARG F 102 5.90 -44.07 8.38
CA ARG F 102 5.51 -44.20 9.76
C ARG F 102 4.83 -45.55 9.99
N ALA F 103 4.70 -45.92 11.27
CA ALA F 103 4.01 -47.16 11.60
C ALA F 103 2.55 -47.11 11.15
N ASP F 104 1.93 -45.91 11.16
CA ASP F 104 0.54 -45.82 10.69
C ASP F 104 0.41 -45.88 9.17
N GLY F 105 1.48 -46.14 8.41
CA GLY F 105 1.40 -46.29 6.98
C GLY F 105 1.70 -45.04 6.17
N THR F 106 1.64 -43.86 6.79
CA THR F 106 1.83 -42.64 6.04
C THR F 106 3.30 -42.30 5.90
N TRP F 107 3.60 -41.43 4.94
CA TRP F 107 4.97 -41.04 4.64
C TRP F 107 5.34 -39.80 5.44
N ARG F 108 6.45 -39.88 6.17
CA ARG F 108 6.98 -38.74 6.91
C ARG F 108 7.96 -37.98 6.02
N ALA F 109 7.61 -36.75 5.69
CA ALA F 109 8.48 -35.92 4.84
C ALA F 109 9.81 -35.67 5.54
N GLY F 110 10.90 -35.68 4.76
CA GLY F 110 12.18 -35.29 5.30
C GLY F 110 12.33 -33.79 5.49
N SER F 111 13.44 -33.40 6.12
CA SER F 111 13.77 -32.00 6.36
C SER F 111 14.25 -31.26 5.11
N ALA F 112 14.60 -31.96 4.04
CA ALA F 112 15.30 -31.31 2.93
C ALA F 112 14.48 -30.18 2.34
N GLY F 113 15.15 -29.09 2.02
CA GLY F 113 14.48 -27.97 1.39
C GLY F 113 15.28 -26.69 1.54
N TYR F 114 14.69 -25.62 1.02
CA TYR F 114 15.25 -24.29 1.08
C TYR F 114 14.57 -23.57 2.24
N TRP F 115 15.35 -23.26 3.27
CA TRP F 115 14.80 -22.70 4.49
C TRP F 115 15.55 -21.43 4.87
N HIS F 116 15.30 -20.92 6.07
CA HIS F 116 15.93 -19.67 6.49
C HIS F 116 15.79 -19.54 8.00
N TYR F 117 16.65 -18.69 8.59
CA TYR F 117 16.61 -18.34 9.99
C TYR F 117 16.53 -16.81 10.11
N HIS F 118 15.98 -16.34 11.24
CA HIS F 118 15.82 -14.90 11.43
C HIS F 118 15.52 -14.62 12.90
N ASP F 119 15.62 -13.35 13.24
CA ASP F 119 15.32 -12.92 14.60
C ASP F 119 13.81 -12.96 14.85
N HIS F 120 13.45 -13.16 16.12
CA HIS F 120 12.06 -13.21 16.49
C HIS F 120 11.74 -12.28 17.66
N VAL F 121 12.70 -11.51 18.17
CA VAL F 121 12.39 -10.75 19.40
C VAL F 121 12.83 -9.28 19.36
N VAL F 122 13.54 -8.84 18.32
CA VAL F 122 13.98 -7.45 18.31
C VAL F 122 12.83 -6.56 17.85
N GLY F 123 12.47 -5.60 18.70
CA GLY F 123 11.43 -4.64 18.34
C GLY F 123 10.04 -5.04 18.79
N THR F 124 9.58 -6.20 18.33
CA THR F 124 8.29 -6.75 18.70
C THR F 124 8.48 -8.22 19.02
N GLU F 125 7.42 -8.84 19.56
CA GLU F 125 7.42 -10.26 19.87
C GLU F 125 7.55 -11.13 18.62
N HIS F 126 7.58 -10.52 17.43
CA HIS F 126 7.75 -11.25 16.19
C HIS F 126 8.97 -10.80 15.42
N GLY F 127 9.87 -10.05 16.05
CA GLY F 127 11.13 -9.70 15.44
C GLY F 127 11.05 -8.66 14.35
N THR F 128 10.01 -7.83 14.35
CA THR F 128 9.81 -6.90 13.23
C THR F 128 11.01 -5.97 13.06
N GLY F 129 11.55 -5.45 14.17
CA GLY F 129 12.72 -4.60 14.05
C GLY F 129 13.96 -5.35 13.64
N GLY F 130 14.17 -6.54 14.22
CA GLY F 130 15.36 -7.32 13.90
C GLY F 130 15.40 -7.72 12.45
N ILE F 131 14.27 -8.20 11.92
CA ILE F 131 14.19 -8.58 10.52
C ILE F 131 14.42 -7.36 9.62
N ARG F 132 13.76 -6.25 9.95
CA ARG F 132 13.96 -5.05 9.14
C ARG F 132 15.42 -4.60 9.16
N ASN F 133 16.10 -4.80 10.29
CA ASN F 133 17.48 -4.36 10.45
C ASN F 133 18.48 -5.26 9.74
N GLY F 134 18.10 -6.49 9.38
CA GLY F 134 19.00 -7.36 8.64
C GLY F 134 19.20 -8.75 9.22
N LEU F 135 18.53 -9.11 10.32
CA LEU F 135 18.79 -10.38 10.99
C LEU F 135 18.02 -11.51 10.32
N TYR F 136 18.55 -11.98 9.20
CA TYR F 136 17.97 -13.10 8.45
C TYR F 136 19.08 -13.75 7.64
N GLY F 137 18.95 -15.06 7.40
CA GLY F 137 19.89 -15.78 6.58
C GLY F 137 19.34 -17.09 6.05
N PRO F 138 20.01 -17.68 5.06
CA PRO F 138 19.50 -18.89 4.41
C PRO F 138 20.04 -20.18 5.03
N VAL F 139 19.22 -21.22 4.95
CA VAL F 139 19.57 -22.57 5.38
C VAL F 139 19.12 -23.52 4.29
N ILE F 140 20.03 -24.33 3.77
CA ILE F 140 19.73 -25.37 2.80
C ILE F 140 19.95 -26.72 3.47
N VAL F 141 18.96 -27.59 3.39
CA VAL F 141 19.08 -28.99 3.82
C VAL F 141 18.97 -29.84 2.57
N ARG F 142 20.01 -30.64 2.30
CA ARG F 142 20.06 -31.47 1.11
C ARG F 142 19.68 -32.91 1.42
N ARG F 143 19.01 -33.53 0.47
CA ARG F 143 18.71 -34.96 0.52
C ARG F 143 19.83 -35.73 -0.17
N LYS F 144 20.13 -36.92 0.34
CA LYS F 144 21.10 -37.81 -0.31
C LYS F 144 20.79 -37.93 -1.78
N GLY F 145 21.78 -37.64 -2.62
CA GLY F 145 21.63 -37.69 -4.05
C GLY F 145 21.25 -36.39 -4.72
N ASP F 146 20.87 -35.35 -3.96
CA ASP F 146 20.59 -34.05 -4.57
C ASP F 146 21.82 -33.56 -5.32
N VAL F 147 21.59 -32.96 -6.49
CA VAL F 147 22.69 -32.42 -7.29
C VAL F 147 23.26 -31.18 -6.59
N LEU F 148 24.60 -31.08 -6.54
CA LEU F 148 25.30 -29.98 -5.89
C LEU F 148 25.65 -28.89 -6.91
N PRO F 149 25.50 -27.63 -6.55
CA PRO F 149 25.73 -26.54 -7.50
C PRO F 149 27.18 -26.08 -7.54
N ASP F 150 27.52 -25.39 -8.62
CA ASP F 150 28.82 -24.73 -8.70
C ASP F 150 28.88 -23.50 -7.82
N ALA F 151 27.73 -22.84 -7.58
CA ALA F 151 27.66 -21.66 -6.74
C ALA F 151 26.24 -21.49 -6.22
N THR F 152 26.13 -20.84 -5.05
CA THR F 152 24.84 -20.56 -4.43
C THR F 152 24.73 -19.07 -4.14
N HIS F 153 23.61 -18.46 -4.56
CA HIS F 153 23.36 -17.05 -4.36
C HIS F 153 22.03 -16.87 -3.65
N THR F 154 22.02 -15.98 -2.66
CA THR F 154 20.84 -15.73 -1.83
C THR F 154 20.28 -14.35 -2.13
N ILE F 155 18.98 -14.31 -2.42
CA ILE F 155 18.26 -13.08 -2.73
C ILE F 155 17.11 -12.96 -1.74
N VAL F 156 17.12 -11.91 -0.92
CA VAL F 156 16.10 -11.70 0.08
C VAL F 156 15.36 -10.43 -0.26
N PHE F 157 14.06 -10.55 -0.55
CA PHE F 157 13.18 -9.40 -0.66
C PHE F 157 12.74 -9.03 0.75
N ASN F 158 13.33 -7.98 1.31
CA ASN F 158 13.00 -7.56 2.67
C ASN F 158 12.32 -6.20 2.56
N ASP F 159 11.02 -6.16 2.88
CA ASP F 159 10.20 -4.97 2.62
C ASP F 159 10.48 -4.59 1.17
N ALA F 160 10.83 -3.34 0.88
CA ALA F 160 11.06 -2.87 -0.48
C ALA F 160 12.54 -2.87 -0.85
N THR F 161 13.35 -3.72 -0.23
CA THR F 161 14.78 -3.82 -0.49
C THR F 161 15.13 -5.23 -0.94
N ILE F 162 16.30 -5.36 -1.57
CA ILE F 162 16.94 -6.65 -1.74
C ILE F 162 18.14 -6.67 -0.80
N ASN F 163 18.14 -7.61 0.14
CA ASN F 163 19.26 -7.79 1.07
C ASN F 163 19.62 -6.52 1.81
N ASN F 164 18.62 -5.66 2.09
CA ASN F 164 18.85 -4.40 2.78
C ASN F 164 19.81 -3.48 2.03
N ARG F 165 19.99 -3.67 0.73
CA ARG F 165 20.88 -2.78 0.01
C ARG F 165 20.13 -1.52 -0.43
N PRO F 166 20.83 -0.39 -0.54
CA PRO F 166 20.25 0.79 -1.19
C PRO F 166 19.63 0.44 -2.53
N ALA F 167 18.52 1.09 -2.85
CA ALA F 167 17.78 0.76 -4.06
C ALA F 167 18.68 0.82 -5.28
N HIS F 168 18.37 -0.01 -6.27
CA HIS F 168 19.09 -0.05 -7.54
C HIS F 168 20.56 -0.45 -7.38
N THR F 169 20.94 -1.12 -6.29
CA THR F 169 22.33 -1.53 -6.15
C THR F 169 22.46 -3.05 -6.15
N GLY F 170 21.76 -3.71 -7.07
CA GLY F 170 21.88 -5.15 -7.23
C GLY F 170 21.20 -5.92 -6.13
N PRO F 171 21.84 -7.00 -5.65
CA PRO F 171 23.21 -7.40 -6.04
C PRO F 171 23.27 -8.09 -7.41
N ASN F 172 24.44 -8.01 -8.05
CA ASN F 172 24.69 -8.79 -9.25
C ASN F 172 25.46 -10.05 -8.89
N PHE F 173 25.23 -11.11 -9.66
CA PHE F 173 25.91 -12.38 -9.49
C PHE F 173 26.51 -12.82 -10.82
N GLU F 174 27.71 -13.37 -10.77
CA GLU F 174 28.44 -13.74 -11.98
C GLU F 174 28.50 -15.25 -12.12
N ALA F 175 28.38 -15.71 -13.37
CA ALA F 175 28.57 -17.11 -13.71
C ALA F 175 29.14 -17.21 -15.12
N THR F 176 29.58 -18.41 -15.47
CA THR F 176 29.96 -18.74 -16.84
C THR F 176 28.89 -19.63 -17.45
N VAL F 177 28.65 -19.44 -18.75
CA VAL F 177 27.72 -20.31 -19.47
C VAL F 177 28.01 -21.76 -19.12
N GLY F 178 26.97 -22.48 -18.70
CA GLY F 178 27.09 -23.87 -18.35
C GLY F 178 27.23 -24.13 -16.86
N ASP F 179 27.56 -23.11 -16.07
CA ASP F 179 27.60 -23.28 -14.62
C ASP F 179 26.25 -23.73 -14.09
N ARG F 180 26.28 -24.59 -13.07
CA ARG F 180 25.08 -24.96 -12.31
C ARG F 180 24.94 -24.00 -11.15
N VAL F 181 23.98 -23.09 -11.24
CA VAL F 181 23.83 -21.99 -10.30
C VAL F 181 22.61 -22.24 -9.44
N GLU F 182 22.76 -22.09 -8.14
CA GLU F 182 21.68 -22.27 -7.18
C GLU F 182 21.24 -20.93 -6.63
N ILE F 183 19.93 -20.72 -6.58
CA ILE F 183 19.33 -19.49 -6.06
C ILE F 183 18.49 -19.86 -4.85
N VAL F 184 18.71 -19.16 -3.75
CA VAL F 184 17.85 -19.24 -2.57
C VAL F 184 17.10 -17.92 -2.47
N MET F 185 15.78 -18.00 -2.40
CA MET F 185 14.90 -16.85 -2.49
C MET F 185 14.07 -16.79 -1.22
N ILE F 186 14.26 -15.73 -0.44
CA ILE F 186 13.58 -15.55 0.83
C ILE F 186 12.87 -14.22 0.80
N THR F 187 11.72 -14.14 1.45
CA THR F 187 10.98 -12.88 1.52
C THR F 187 10.70 -12.56 2.97
N HIS F 188 10.74 -11.27 3.32
CA HIS F 188 10.52 -10.85 4.69
C HIS F 188 9.80 -9.52 4.69
N GLY F 189 9.11 -9.27 5.78
CA GLY F 189 8.62 -7.94 6.10
C GLY F 189 7.13 -7.81 5.94
N GLU F 190 6.70 -6.84 5.14
CA GLU F 190 5.32 -6.44 5.06
C GLU F 190 4.63 -6.75 3.73
N TYR F 191 5.38 -6.88 2.64
CA TYR F 191 4.78 -6.88 1.31
C TYR F 191 4.88 -8.22 0.60
N TYR F 192 3.94 -8.47 -0.30
CA TYR F 192 4.12 -9.57 -1.24
C TYR F 192 5.00 -9.10 -2.39
N HIS F 193 5.63 -10.05 -3.06
CA HIS F 193 6.48 -9.78 -4.22
C HIS F 193 6.27 -10.88 -5.25
N THR F 194 6.78 -10.67 -6.46
CA THR F 194 6.90 -11.74 -7.44
C THR F 194 8.31 -11.76 -7.99
N PHE F 195 8.98 -12.91 -7.89
CA PHE F 195 10.36 -13.03 -8.33
C PHE F 195 10.41 -13.52 -9.78
N HIS F 196 11.16 -12.81 -10.63
CA HIS F 196 11.24 -13.13 -12.05
C HIS F 196 12.69 -13.13 -12.50
N MET F 197 13.05 -14.12 -13.33
CA MET F 197 14.39 -14.24 -13.91
C MET F 197 14.28 -14.27 -15.43
N HIS F 198 14.98 -13.36 -16.11
CA HIS F 198 15.07 -13.42 -17.56
C HIS F 198 15.93 -14.59 -18.01
N GLY F 199 15.51 -15.22 -19.11
CA GLY F 199 16.32 -16.20 -19.82
C GLY F 199 16.37 -17.57 -19.20
N HIS F 200 15.69 -17.80 -18.09
CA HIS F 200 15.84 -19.02 -17.31
C HIS F 200 14.51 -19.39 -16.69
N ARG F 201 14.38 -20.65 -16.28
CA ARG F 201 13.14 -21.14 -15.70
C ARG F 201 13.46 -22.30 -14.77
N TRP F 202 12.49 -22.62 -13.90
CA TRP F 202 12.68 -23.69 -12.96
C TRP F 202 11.34 -24.36 -12.65
N ALA F 203 11.41 -25.51 -12.00
CA ALA F 203 10.22 -26.26 -11.61
C ALA F 203 9.75 -25.82 -10.24
N ASP F 204 8.45 -25.62 -10.10
CA ASP F 204 7.86 -25.18 -8.83
C ASP F 204 7.68 -26.40 -7.92
N ASN F 205 8.81 -26.92 -7.42
CA ASN F 205 8.79 -28.09 -6.53
C ASN F 205 9.93 -27.95 -5.52
N ARG F 206 10.21 -29.02 -4.78
CA ARG F 206 11.21 -28.92 -3.69
C ARG F 206 12.57 -28.43 -4.20
N THR F 207 13.07 -29.03 -5.28
CA THR F 207 14.43 -28.75 -5.73
C THR F 207 14.52 -27.70 -6.82
N GLY F 208 13.39 -27.28 -7.40
CA GLY F 208 13.43 -26.47 -8.60
C GLY F 208 13.78 -27.21 -9.86
N MET F 209 13.94 -28.53 -9.79
CA MET F 209 14.23 -29.36 -10.96
C MET F 209 13.24 -30.51 -10.99
N LEU F 210 12.76 -30.84 -12.18
CA LEU F 210 11.84 -31.96 -12.32
C LEU F 210 12.55 -33.27 -12.01
N THR F 211 11.86 -34.16 -11.30
CA THR F 211 12.44 -35.47 -10.97
C THR F 211 12.68 -36.31 -12.21
N GLY F 212 11.99 -36.02 -13.31
CA GLY F 212 12.01 -36.82 -14.50
C GLY F 212 10.75 -36.55 -15.30
N PRO F 213 10.44 -37.40 -16.28
CA PRO F 213 9.28 -37.12 -17.15
C PRO F 213 7.93 -37.20 -16.45
N ASP F 214 7.85 -37.79 -15.25
CA ASP F 214 6.55 -38.01 -14.63
C ASP F 214 6.16 -36.90 -13.66
N ASP F 215 7.03 -35.91 -13.45
CA ASP F 215 6.80 -34.85 -12.49
C ASP F 215 5.93 -33.76 -13.12
N PRO F 216 4.69 -33.59 -12.67
CA PRO F 216 3.77 -32.64 -13.32
C PRO F 216 3.91 -31.21 -12.84
N SER F 217 4.92 -30.91 -12.02
CA SER F 217 5.07 -29.56 -11.46
C SER F 217 5.12 -28.52 -12.58
N GLN F 218 4.47 -27.40 -12.35
CA GLN F 218 4.53 -26.31 -13.32
C GLN F 218 5.97 -25.81 -13.43
N VAL F 219 6.40 -25.55 -14.65
CA VAL F 219 7.66 -24.87 -14.93
C VAL F 219 7.37 -23.38 -15.06
N ILE F 220 8.15 -22.55 -14.36
CA ILE F 220 7.84 -21.13 -14.19
C ILE F 220 9.10 -20.29 -14.33
N ASP F 221 8.90 -18.98 -14.55
CA ASP F 221 10.01 -18.05 -14.39
C ASP F 221 9.60 -16.86 -13.53
N ASN F 222 8.52 -17.01 -12.77
CA ASN F 222 7.89 -15.91 -12.06
C ASN F 222 7.11 -16.53 -10.91
N LYS F 223 7.28 -16.03 -9.68
CA LYS F 223 6.66 -16.71 -8.56
C LYS F 223 6.30 -15.71 -7.47
N ILE F 224 5.05 -15.74 -7.02
CA ILE F 224 4.63 -14.84 -5.97
C ILE F 224 5.11 -15.36 -4.62
N CYS F 225 5.54 -14.45 -3.73
CA CYS F 225 6.03 -14.86 -2.42
C CYS F 225 5.65 -13.80 -1.40
N GLY F 226 5.49 -14.23 -0.15
CA GLY F 226 5.18 -13.31 0.91
C GLY F 226 6.13 -13.47 2.09
N PRO F 227 5.92 -12.70 3.15
CA PRO F 227 6.86 -12.70 4.28
C PRO F 227 7.07 -14.09 4.87
N ALA F 228 8.34 -14.46 5.02
CA ALA F 228 8.89 -15.72 5.54
C ALA F 228 8.75 -16.88 4.56
N ASP F 229 8.32 -16.62 3.32
CA ASP F 229 8.38 -17.66 2.29
C ASP F 229 9.82 -17.91 1.89
N SER F 230 10.14 -19.18 1.60
CA SER F 230 11.44 -19.48 1.04
C SER F 230 11.29 -20.56 -0.02
N PHE F 231 12.04 -20.40 -1.10
CA PHE F 231 12.13 -21.45 -2.08
C PHE F 231 13.49 -21.36 -2.73
N GLY F 232 13.83 -22.36 -3.53
CA GLY F 232 15.09 -22.31 -4.24
C GLY F 232 15.04 -23.19 -5.46
N PHE F 233 16.07 -23.07 -6.27
CA PHE F 233 16.14 -23.82 -7.51
C PHE F 233 17.58 -23.80 -8.02
N GLN F 234 17.83 -24.67 -8.99
CA GLN F 234 19.09 -24.67 -9.72
C GLN F 234 18.79 -24.48 -11.19
N ILE F 235 19.64 -23.71 -11.87
CA ILE F 235 19.57 -23.52 -13.32
C ILE F 235 20.96 -23.77 -13.88
N ILE F 236 21.01 -24.09 -15.17
CA ILE F 236 22.25 -24.13 -15.93
C ILE F 236 22.38 -22.77 -16.61
N ALA F 237 23.38 -21.98 -16.20
CA ALA F 237 23.51 -20.61 -16.66
C ALA F 237 23.62 -20.54 -18.18
N GLY F 238 22.73 -19.77 -18.80
CA GLY F 238 22.77 -19.61 -20.24
C GLY F 238 22.27 -20.79 -21.04
N GLU F 239 21.67 -21.79 -20.39
CA GLU F 239 21.27 -22.99 -21.12
C GLU F 239 20.20 -22.67 -22.16
N GLY F 240 20.51 -22.95 -23.42
CA GLY F 240 19.61 -22.67 -24.51
C GLY F 240 19.43 -21.22 -24.85
N VAL F 241 20.13 -20.31 -24.15
CA VAL F 241 19.93 -18.88 -24.36
C VAL F 241 21.23 -18.12 -24.51
N GLY F 242 22.37 -18.65 -24.06
CA GLY F 242 23.65 -18.00 -24.26
C GLY F 242 24.00 -17.03 -23.15
N ALA F 243 25.18 -16.42 -23.32
CA ALA F 243 25.70 -15.47 -22.35
C ALA F 243 24.96 -14.14 -22.42
N GLY F 244 25.08 -13.36 -21.37
CA GLY F 244 24.48 -12.04 -21.33
C GLY F 244 24.24 -11.57 -19.91
N ALA F 245 23.82 -10.32 -19.80
CA ALA F 245 23.40 -9.74 -18.52
C ALA F 245 21.91 -10.02 -18.36
N TRP F 246 21.58 -11.08 -17.62
CA TRP F 246 20.21 -11.56 -17.49
C TRP F 246 19.58 -10.96 -16.23
N MET F 247 18.59 -10.10 -16.42
CA MET F 247 17.97 -9.42 -15.28
C MET F 247 17.18 -10.40 -14.43
N TYR F 248 17.23 -10.20 -13.11
CA TYR F 248 16.19 -10.66 -12.20
C TYR F 248 15.60 -9.44 -11.51
N HIS F 249 14.32 -9.53 -11.17
CA HIS F 249 13.69 -8.42 -10.47
C HIS F 249 12.39 -8.91 -9.85
N CYS F 250 11.93 -8.18 -8.84
CA CYS F 250 10.52 -8.24 -8.51
C CYS F 250 9.71 -7.75 -9.70
N HIS F 251 8.63 -8.44 -10.02
CA HIS F 251 7.84 -8.01 -11.16
C HIS F 251 6.65 -7.13 -10.77
N VAL F 252 6.42 -6.89 -9.47
CA VAL F 252 5.51 -5.82 -9.09
C VAL F 252 6.05 -4.53 -9.69
N GLN F 253 5.26 -3.87 -10.53
CA GLN F 253 5.84 -2.88 -11.44
C GLN F 253 6.50 -1.73 -10.67
N SER F 254 5.85 -1.20 -9.64
CA SER F 254 6.48 -0.10 -8.91
C SER F 254 7.74 -0.57 -8.21
N HIS F 255 7.78 -1.82 -7.75
CA HIS F 255 8.98 -2.33 -7.08
C HIS F 255 10.15 -2.41 -8.06
N SER F 256 9.92 -2.90 -9.27
CA SER F 256 10.99 -2.95 -10.25
C SER F 256 11.41 -1.54 -10.66
N ASP F 257 10.46 -0.62 -10.75
CA ASP F 257 10.81 0.77 -11.08
C ASP F 257 11.60 1.43 -9.96
N MET F 258 11.41 1.00 -8.72
CA MET F 258 12.07 1.63 -7.58
C MET F 258 13.43 1.03 -7.27
N GLY F 259 13.79 -0.09 -7.89
CA GLY F 259 15.13 -0.60 -7.73
C GLY F 259 15.29 -2.01 -7.21
N MET F 260 14.20 -2.79 -7.14
CA MET F 260 14.30 -4.19 -6.76
C MET F 260 14.65 -5.01 -8.00
N VAL F 261 15.89 -4.79 -8.46
N VAL F 261 15.89 -4.77 -8.48
CA VAL F 261 16.41 -5.38 -9.68
CA VAL F 261 16.39 -5.40 -9.70
C VAL F 261 17.86 -5.78 -9.46
C VAL F 261 17.86 -5.76 -9.49
N GLY F 262 18.31 -6.77 -10.22
CA GLY F 262 19.70 -7.15 -10.21
C GLY F 262 20.06 -7.84 -11.51
N LEU F 263 21.34 -8.20 -11.64
CA LEU F 263 21.84 -8.82 -12.86
C LEU F 263 22.47 -10.17 -12.56
N PHE F 264 22.05 -11.17 -13.33
CA PHE F 264 22.72 -12.46 -13.40
C PHE F 264 23.69 -12.37 -14.59
N LEU F 265 24.96 -12.07 -14.30
CA LEU F 265 25.97 -11.78 -15.33
C LEU F 265 26.59 -13.09 -15.80
N VAL F 266 26.14 -13.59 -16.94
CA VAL F 266 26.58 -14.87 -17.46
C VAL F 266 27.60 -14.62 -18.58
N LYS F 267 28.83 -15.07 -18.36
CA LYS F 267 29.95 -14.79 -19.25
C LYS F 267 30.21 -15.96 -20.20
N LYS F 268 30.71 -15.63 -21.39
CA LYS F 268 31.25 -16.67 -22.27
C LYS F 268 32.53 -17.23 -21.65
N PRO F 269 32.97 -18.41 -22.10
CA PRO F 269 34.25 -18.95 -21.58
C PRO F 269 35.40 -17.96 -21.63
N ASP F 270 35.40 -17.02 -22.58
CA ASP F 270 36.47 -16.03 -22.66
C ASP F 270 36.28 -14.88 -21.67
N GLY F 271 35.17 -14.84 -20.95
CA GLY F 271 34.94 -13.83 -19.92
C GLY F 271 34.07 -12.67 -20.35
N THR F 272 33.72 -12.56 -21.62
CA THR F 272 32.95 -11.41 -22.07
C THR F 272 31.45 -11.65 -21.90
N ILE F 273 30.71 -10.54 -21.82
CA ILE F 273 29.26 -10.57 -21.68
C ILE F 273 28.67 -9.74 -22.82
N PRO F 274 28.08 -10.38 -23.84
CA PRO F 274 27.63 -9.63 -25.02
C PRO F 274 26.48 -8.70 -24.69
N GLY F 275 26.52 -7.52 -25.30
CA GLY F 275 25.50 -6.52 -25.07
C GLY F 275 25.52 -5.87 -23.71
N TYR F 276 26.49 -6.18 -22.87
CA TYR F 276 26.58 -5.61 -21.52
C TYR F 276 27.66 -4.54 -21.51
N ASP F 277 27.21 -3.28 -21.58
CA ASP F 277 28.09 -2.11 -21.50
C ASP F 277 27.84 -1.41 -20.17
N PRO F 278 28.58 -1.75 -19.12
CA PRO F 278 28.33 -1.16 -17.80
C PRO F 278 28.45 0.36 -17.80
N GLN F 279 27.40 1.01 -17.30
CA GLN F 279 27.39 2.46 -17.15
C GLN F 279 28.14 2.85 -15.89
N GLU F 280 28.62 4.09 -15.87
CA GLU F 280 29.47 4.55 -14.78
C GLU F 280 29.55 6.06 -14.69
CU CU G . -6.48 5.94 7.77
CU CU H . -18.58 9.39 7.88
CU CU I . -18.69 13.68 7.02
CU CU J . 9.06 12.04 16.19
NA NA K . -2.55 28.82 7.29
CU CU L . 9.30 9.30 3.48
CU CU M . 13.70 11.43 14.96
CU CU N . 11.86 14.65 16.70
CU CU O . 6.04 19.91 -11.38
CU CU P . -17.27 12.16 4.08
CU CU Q . -2.99 11.29 -7.68
CU CU R . 2.94 19.33 -15.22
CU CU S . 4.07 22.60 -12.96
CU CU T . -1.78 -11.56 7.50
CU CU U . 6.89 -16.99 14.63
CU CU V . -16.01 -17.81 -2.68
NA NA W . 2.88 -29.09 -6.83
CU CU X . -8.06 -8.79 -7.75
CU CU Y . -18.35 -15.80 -6.48
CU CU Z . -17.44 -19.51 -5.97
CU CU AA . 7.82 -9.92 -17.46
CU CU BA . 11.20 -11.69 -18.20
CU CU CA . 9.69 -16.84 10.50
CU CU DA . 8.73 -20.19 12.76
CU CU EA . 8.28 -6.59 -4.86
CU CU FA . 12.05 -7.95 -16.81
#